data_1V8S
# 
_entry.id   1V8S 
# 
_audit_conform.dict_name       mmcif_pdbx.dic 
_audit_conform.dict_version    5.383 
_audit_conform.dict_location   http://mmcif.pdb.org/dictionaries/ascii/mmcif_pdbx.dic 
# 
loop_
_database_2.database_id 
_database_2.database_code 
_database_2.pdbx_database_accession 
_database_2.pdbx_DOI 
PDB   1V8S         pdb_00001v8s 10.2210/pdb1v8s/pdb 
RCSB  RCSB006349   ?            ?                   
WWPDB D_1000006349 ?            ?                   
# 
loop_
_pdbx_audit_revision_history.ordinal 
_pdbx_audit_revision_history.data_content_type 
_pdbx_audit_revision_history.major_revision 
_pdbx_audit_revision_history.minor_revision 
_pdbx_audit_revision_history.revision_date 
1 'Structure model' 1 0 2004-10-19 
2 'Structure model' 1 1 2008-04-27 
3 'Structure model' 1 2 2011-07-13 
4 'Structure model' 1 3 2023-12-27 
# 
_pdbx_audit_revision_details.ordinal             1 
_pdbx_audit_revision_details.revision_ordinal    1 
_pdbx_audit_revision_details.data_content_type   'Structure model' 
_pdbx_audit_revision_details.provider            repository 
_pdbx_audit_revision_details.type                'Initial release' 
_pdbx_audit_revision_details.description         ? 
_pdbx_audit_revision_details.details             ? 
# 
loop_
_pdbx_audit_revision_group.ordinal 
_pdbx_audit_revision_group.revision_ordinal 
_pdbx_audit_revision_group.data_content_type 
_pdbx_audit_revision_group.group 
1 2 'Structure model' 'Version format compliance' 
2 3 'Structure model' 'Derived calculations'      
3 3 'Structure model' 'Version format compliance' 
4 4 'Structure model' 'Data collection'           
5 4 'Structure model' 'Database references'       
6 4 'Structure model' 'Derived calculations'      
# 
loop_
_pdbx_audit_revision_category.ordinal 
_pdbx_audit_revision_category.revision_ordinal 
_pdbx_audit_revision_category.data_content_type 
_pdbx_audit_revision_category.category 
1 4 'Structure model' chem_comp_atom         
2 4 'Structure model' chem_comp_bond         
3 4 'Structure model' database_2             
4 4 'Structure model' pdbx_struct_conn_angle 
5 4 'Structure model' struct_conn            
6 4 'Structure model' struct_site            
# 
loop_
_pdbx_audit_revision_item.ordinal 
_pdbx_audit_revision_item.revision_ordinal 
_pdbx_audit_revision_item.data_content_type 
_pdbx_audit_revision_item.item 
1  4 'Structure model' '_database_2.pdbx_DOI'                        
2  4 'Structure model' '_database_2.pdbx_database_accession'         
3  4 'Structure model' '_pdbx_struct_conn_angle.ptnr1_auth_comp_id'  
4  4 'Structure model' '_pdbx_struct_conn_angle.ptnr1_auth_seq_id'   
5  4 'Structure model' '_pdbx_struct_conn_angle.ptnr1_label_asym_id' 
6  4 'Structure model' '_pdbx_struct_conn_angle.ptnr1_label_atom_id' 
7  4 'Structure model' '_pdbx_struct_conn_angle.ptnr1_label_comp_id' 
8  4 'Structure model' '_pdbx_struct_conn_angle.ptnr1_label_seq_id'  
9  4 'Structure model' '_pdbx_struct_conn_angle.ptnr3_auth_comp_id'  
10 4 'Structure model' '_pdbx_struct_conn_angle.ptnr3_auth_seq_id'   
11 4 'Structure model' '_pdbx_struct_conn_angle.ptnr3_label_asym_id' 
12 4 'Structure model' '_pdbx_struct_conn_angle.ptnr3_label_atom_id' 
13 4 'Structure model' '_pdbx_struct_conn_angle.ptnr3_label_comp_id' 
14 4 'Structure model' '_pdbx_struct_conn_angle.ptnr3_label_seq_id'  
15 4 'Structure model' '_pdbx_struct_conn_angle.value'               
16 4 'Structure model' '_struct_conn.pdbx_dist_value'                
17 4 'Structure model' '_struct_conn.ptnr1_auth_comp_id'             
18 4 'Structure model' '_struct_conn.ptnr1_auth_seq_id'              
19 4 'Structure model' '_struct_conn.ptnr1_label_asym_id'            
20 4 'Structure model' '_struct_conn.ptnr1_label_atom_id'            
21 4 'Structure model' '_struct_conn.ptnr1_label_comp_id'            
22 4 'Structure model' '_struct_conn.ptnr1_label_seq_id'             
23 4 'Structure model' '_struct_conn.ptnr2_auth_comp_id'             
24 4 'Structure model' '_struct_conn.ptnr2_auth_seq_id'              
25 4 'Structure model' '_struct_conn.ptnr2_label_asym_id'            
26 4 'Structure model' '_struct_conn.ptnr2_label_atom_id'            
27 4 'Structure model' '_struct_conn.ptnr2_label_comp_id'            
28 4 'Structure model' '_struct_conn.ptnr2_label_seq_id'             
29 4 'Structure model' '_struct_site.pdbx_auth_asym_id'              
30 4 'Structure model' '_struct_site.pdbx_auth_comp_id'              
31 4 'Structure model' '_struct_site.pdbx_auth_seq_id'               
# 
_pdbx_database_status.status_code                     REL 
_pdbx_database_status.entry_id                        1V8S 
_pdbx_database_status.recvd_initial_deposition_date   2004-01-14 
_pdbx_database_status.deposit_site                    PDBJ 
_pdbx_database_status.process_site                    PDBJ 
_pdbx_database_status.status_code_sf                  REL 
_pdbx_database_status.SG_entry                        Y 
_pdbx_database_status.pdb_format_compatible           Y 
_pdbx_database_status.status_code_mr                  ? 
_pdbx_database_status.status_code_cs                  ? 
_pdbx_database_status.status_code_nmr_data            ? 
_pdbx_database_status.methods_development_category    ? 
# 
loop_
_pdbx_database_related.db_name 
_pdbx_database_related.db_id 
_pdbx_database_related.details 
_pdbx_database_related.content_type 
PDB      1V8I           'the same protein'                        unspecified 
PDB      1V8L           'the same protein with ADP-ribose'        unspecified 
PDB      1V8M           'the same protein with ADP-ribose and Gd' unspecified 
PDB      1V8N           'the same protein with ZN'                unspecified 
PDB      1V8R           'the same protein with ADP-ribose and ZN' unspecified 
PDB      1V8T           'the same protein with R5P and ZN'        unspecified 
PDB      1V8U           'E82Q mutant, with SO4 and Mg'            unspecified 
PDB      1V8V           'E86Q mutant, with ADP-ribose and Mg'     unspecified 
PDB      1V8W           'E82Q mutant, with SO4 and Zn'            unspecified 
PDB      1V8Y           'E86Q mutant, with ADP-ribose and Zn'     unspecified 
TargetDB ttk003001345.5 .                                         unspecified 
# 
loop_
_audit_author.name 
_audit_author.pdbx_ordinal 
'Yoshiba, S.'                                            1 
'Ooga, T.'                                               2 
'Nakagawa, N.'                                           3 
'Shibata, T.'                                            4 
'Inoue, Y.'                                              5 
'Yokoyama, S.'                                           6 
'Kuramitsu, S.'                                          7 
'Masui, R.'                                              8 
'RIKEN Structural Genomics/Proteomics Initiative (RSGI)' 9 
# 
_citation.id                        primary 
_citation.title                     
;Structural insights into the Thermus thermophilus ADP-ribose pyrophosphatase mechanism via crystal structures with the bound substrate and metal
;
_citation.journal_abbrev            J.Biol.Chem. 
_citation.journal_volume            279 
_citation.page_first                37163 
_citation.page_last                 37174 
_citation.year                      2004 
_citation.journal_id_ASTM           JBCHA3 
_citation.country                   US 
_citation.journal_id_ISSN           0021-9258 
_citation.journal_id_CSD            0071 
_citation.book_publisher            ? 
_citation.pdbx_database_id_PubMed   15210687 
_citation.pdbx_database_id_DOI      10.1074/jbc.M403817200 
# 
loop_
_citation_author.citation_id 
_citation_author.name 
_citation_author.ordinal 
_citation_author.identifier_ORCID 
primary 'Yoshiba, S.'   1 ? 
primary 'Ooga, T.'      2 ? 
primary 'Nakagawa, N.'  3 ? 
primary 'Shibata, T.'   4 ? 
primary 'Inoue, Y.'     5 ? 
primary 'Yokoyama, S.'  6 ? 
primary 'Kuramitsu, S.' 7 ? 
primary 'Masui, R.'     8 ? 
# 
loop_
_entity.id 
_entity.type 
_entity.src_method 
_entity.pdbx_description 
_entity.formula_weight 
_entity.pdbx_number_of_molecules 
_entity.pdbx_ec 
_entity.pdbx_mutation 
_entity.pdbx_fragment 
_entity.details 
1 polymer     man 'ADP-ribose pyrophosphatase' 19287.912 1  3.6.1.13 ? ? ? 
2 non-polymer syn 'MAGNESIUM ION'              24.305    1  ?        ? ? ? 
3 non-polymer syn 'ADENOSINE MONOPHOSPHATE'    347.221   1  ?        ? ? ? 
4 water       nat water                        18.015    55 ?        ? ? ? 
# 
_entity_poly.entity_id                      1 
_entity_poly.type                           'polypeptide(L)' 
_entity_poly.nstd_linkage                   no 
_entity_poly.nstd_monomer                   no 
_entity_poly.pdbx_seq_one_letter_code       
;MGRVYYGGVERTYLYRGRILNLALEGRYEIVEHKPAVAVIALREGRMLFVRQMRPAVGLAPLEIPAGLIEPGEDPLEAAR
RELAEETGLSGDLTYLFSYFVSPGFTDEKTHVFLAENLKEVEAHPDEDEAIEVVWMRPEEALERHQRGEVEFSATGLVGV
LYYHAFLRGR
;
_entity_poly.pdbx_seq_one_letter_code_can   
;MGRVYYGGVERTYLYRGRILNLALEGRYEIVEHKPAVAVIALREGRMLFVRQMRPAVGLAPLEIPAGLIEPGEDPLEAAR
RELAEETGLSGDLTYLFSYFVSPGFTDEKTHVFLAENLKEVEAHPDEDEAIEVVWMRPEEALERHQRGEVEFSATGLVGV
LYYHAFLRGR
;
_entity_poly.pdbx_strand_id                 A 
_entity_poly.pdbx_target_identifier         ttk003001345.5 
# 
loop_
_pdbx_entity_nonpoly.entity_id 
_pdbx_entity_nonpoly.name 
_pdbx_entity_nonpoly.comp_id 
2 'MAGNESIUM ION'           MG  
3 'ADENOSINE MONOPHOSPHATE' AMP 
4 water                     HOH 
# 
loop_
_entity_poly_seq.entity_id 
_entity_poly_seq.num 
_entity_poly_seq.mon_id 
_entity_poly_seq.hetero 
1 1   MET n 
1 2   GLY n 
1 3   ARG n 
1 4   VAL n 
1 5   TYR n 
1 6   TYR n 
1 7   GLY n 
1 8   GLY n 
1 9   VAL n 
1 10  GLU n 
1 11  ARG n 
1 12  THR n 
1 13  TYR n 
1 14  LEU n 
1 15  TYR n 
1 16  ARG n 
1 17  GLY n 
1 18  ARG n 
1 19  ILE n 
1 20  LEU n 
1 21  ASN n 
1 22  LEU n 
1 23  ALA n 
1 24  LEU n 
1 25  GLU n 
1 26  GLY n 
1 27  ARG n 
1 28  TYR n 
1 29  GLU n 
1 30  ILE n 
1 31  VAL n 
1 32  GLU n 
1 33  HIS n 
1 34  LYS n 
1 35  PRO n 
1 36  ALA n 
1 37  VAL n 
1 38  ALA n 
1 39  VAL n 
1 40  ILE n 
1 41  ALA n 
1 42  LEU n 
1 43  ARG n 
1 44  GLU n 
1 45  GLY n 
1 46  ARG n 
1 47  MET n 
1 48  LEU n 
1 49  PHE n 
1 50  VAL n 
1 51  ARG n 
1 52  GLN n 
1 53  MET n 
1 54  ARG n 
1 55  PRO n 
1 56  ALA n 
1 57  VAL n 
1 58  GLY n 
1 59  LEU n 
1 60  ALA n 
1 61  PRO n 
1 62  LEU n 
1 63  GLU n 
1 64  ILE n 
1 65  PRO n 
1 66  ALA n 
1 67  GLY n 
1 68  LEU n 
1 69  ILE n 
1 70  GLU n 
1 71  PRO n 
1 72  GLY n 
1 73  GLU n 
1 74  ASP n 
1 75  PRO n 
1 76  LEU n 
1 77  GLU n 
1 78  ALA n 
1 79  ALA n 
1 80  ARG n 
1 81  ARG n 
1 82  GLU n 
1 83  LEU n 
1 84  ALA n 
1 85  GLU n 
1 86  GLU n 
1 87  THR n 
1 88  GLY n 
1 89  LEU n 
1 90  SER n 
1 91  GLY n 
1 92  ASP n 
1 93  LEU n 
1 94  THR n 
1 95  TYR n 
1 96  LEU n 
1 97  PHE n 
1 98  SER n 
1 99  TYR n 
1 100 PHE n 
1 101 VAL n 
1 102 SER n 
1 103 PRO n 
1 104 GLY n 
1 105 PHE n 
1 106 THR n 
1 107 ASP n 
1 108 GLU n 
1 109 LYS n 
1 110 THR n 
1 111 HIS n 
1 112 VAL n 
1 113 PHE n 
1 114 LEU n 
1 115 ALA n 
1 116 GLU n 
1 117 ASN n 
1 118 LEU n 
1 119 LYS n 
1 120 GLU n 
1 121 VAL n 
1 122 GLU n 
1 123 ALA n 
1 124 HIS n 
1 125 PRO n 
1 126 ASP n 
1 127 GLU n 
1 128 ASP n 
1 129 GLU n 
1 130 ALA n 
1 131 ILE n 
1 132 GLU n 
1 133 VAL n 
1 134 VAL n 
1 135 TRP n 
1 136 MET n 
1 137 ARG n 
1 138 PRO n 
1 139 GLU n 
1 140 GLU n 
1 141 ALA n 
1 142 LEU n 
1 143 GLU n 
1 144 ARG n 
1 145 HIS n 
1 146 GLN n 
1 147 ARG n 
1 148 GLY n 
1 149 GLU n 
1 150 VAL n 
1 151 GLU n 
1 152 PHE n 
1 153 SER n 
1 154 ALA n 
1 155 THR n 
1 156 GLY n 
1 157 LEU n 
1 158 VAL n 
1 159 GLY n 
1 160 VAL n 
1 161 LEU n 
1 162 TYR n 
1 163 TYR n 
1 164 HIS n 
1 165 ALA n 
1 166 PHE n 
1 167 LEU n 
1 168 ARG n 
1 169 GLY n 
1 170 ARG n 
# 
_entity_src_gen.entity_id                          1 
_entity_src_gen.pdbx_src_id                        1 
_entity_src_gen.pdbx_alt_source_flag               sample 
_entity_src_gen.pdbx_seq_type                      ? 
_entity_src_gen.pdbx_beg_seq_num                   ? 
_entity_src_gen.pdbx_end_seq_num                   ? 
_entity_src_gen.gene_src_common_name               ? 
_entity_src_gen.gene_src_genus                     Thermus 
_entity_src_gen.pdbx_gene_src_gene                 ? 
_entity_src_gen.gene_src_species                   ? 
_entity_src_gen.gene_src_strain                    ? 
_entity_src_gen.gene_src_tissue                    ? 
_entity_src_gen.gene_src_tissue_fraction           ? 
_entity_src_gen.gene_src_details                   ? 
_entity_src_gen.pdbx_gene_src_fragment             ? 
_entity_src_gen.pdbx_gene_src_scientific_name      'Thermus thermophilus' 
_entity_src_gen.pdbx_gene_src_ncbi_taxonomy_id     274 
_entity_src_gen.pdbx_gene_src_variant              ? 
_entity_src_gen.pdbx_gene_src_cell_line            ? 
_entity_src_gen.pdbx_gene_src_atcc                 ? 
_entity_src_gen.pdbx_gene_src_organ                ? 
_entity_src_gen.pdbx_gene_src_organelle            ? 
_entity_src_gen.pdbx_gene_src_cell                 ? 
_entity_src_gen.pdbx_gene_src_cellular_location    ? 
_entity_src_gen.host_org_common_name               ? 
_entity_src_gen.pdbx_host_org_scientific_name      'Escherichia coli BL21(DE3)' 
_entity_src_gen.pdbx_host_org_ncbi_taxonomy_id     469008 
_entity_src_gen.host_org_genus                     Escherichia 
_entity_src_gen.pdbx_host_org_gene                 ? 
_entity_src_gen.pdbx_host_org_organ                ? 
_entity_src_gen.host_org_species                   'Escherichia coli' 
_entity_src_gen.pdbx_host_org_tissue               ? 
_entity_src_gen.pdbx_host_org_tissue_fraction      ? 
_entity_src_gen.pdbx_host_org_strain               'BL21(DE3)' 
_entity_src_gen.pdbx_host_org_variant              ? 
_entity_src_gen.pdbx_host_org_cell_line            ? 
_entity_src_gen.pdbx_host_org_atcc                 ? 
_entity_src_gen.pdbx_host_org_culture_collection   ? 
_entity_src_gen.pdbx_host_org_cell                 ? 
_entity_src_gen.pdbx_host_org_organelle            ? 
_entity_src_gen.pdbx_host_org_cellular_location    ? 
_entity_src_gen.pdbx_host_org_vector_type          plasmid 
_entity_src_gen.pdbx_host_org_vector               ? 
_entity_src_gen.host_org_details                   ? 
_entity_src_gen.expression_system_id               ? 
_entity_src_gen.plasmid_name                       pET11a 
_entity_src_gen.plasmid_details                    ? 
_entity_src_gen.pdbx_description                   ? 
# 
loop_
_chem_comp.id 
_chem_comp.type 
_chem_comp.mon_nstd_flag 
_chem_comp.name 
_chem_comp.pdbx_synonyms 
_chem_comp.formula 
_chem_comp.formula_weight 
ALA 'L-peptide linking' y ALANINE                   ? 'C3 H7 N O2'      89.093  
AMP non-polymer         . 'ADENOSINE MONOPHOSPHATE' ? 'C10 H14 N5 O7 P' 347.221 
ARG 'L-peptide linking' y ARGININE                  ? 'C6 H15 N4 O2 1'  175.209 
ASN 'L-peptide linking' y ASPARAGINE                ? 'C4 H8 N2 O3'     132.118 
ASP 'L-peptide linking' y 'ASPARTIC ACID'           ? 'C4 H7 N O4'      133.103 
GLN 'L-peptide linking' y GLUTAMINE                 ? 'C5 H10 N2 O3'    146.144 
GLU 'L-peptide linking' y 'GLUTAMIC ACID'           ? 'C5 H9 N O4'      147.129 
GLY 'peptide linking'   y GLYCINE                   ? 'C2 H5 N O2'      75.067  
HIS 'L-peptide linking' y HISTIDINE                 ? 'C6 H10 N3 O2 1'  156.162 
HOH non-polymer         . WATER                     ? 'H2 O'            18.015  
ILE 'L-peptide linking' y ISOLEUCINE                ? 'C6 H13 N O2'     131.173 
LEU 'L-peptide linking' y LEUCINE                   ? 'C6 H13 N O2'     131.173 
LYS 'L-peptide linking' y LYSINE                    ? 'C6 H15 N2 O2 1'  147.195 
MET 'L-peptide linking' y METHIONINE                ? 'C5 H11 N O2 S'   149.211 
MG  non-polymer         . 'MAGNESIUM ION'           ? 'Mg 2'            24.305  
PHE 'L-peptide linking' y PHENYLALANINE             ? 'C9 H11 N O2'     165.189 
PRO 'L-peptide linking' y PROLINE                   ? 'C5 H9 N O2'      115.130 
SER 'L-peptide linking' y SERINE                    ? 'C3 H7 N O3'      105.093 
THR 'L-peptide linking' y THREONINE                 ? 'C4 H9 N O3'      119.119 
TRP 'L-peptide linking' y TRYPTOPHAN                ? 'C11 H12 N2 O2'   204.225 
TYR 'L-peptide linking' y TYROSINE                  ? 'C9 H11 N O3'     181.189 
VAL 'L-peptide linking' y VALINE                    ? 'C5 H11 N O2'     117.146 
# 
loop_
_pdbx_poly_seq_scheme.asym_id 
_pdbx_poly_seq_scheme.entity_id 
_pdbx_poly_seq_scheme.seq_id 
_pdbx_poly_seq_scheme.mon_id 
_pdbx_poly_seq_scheme.ndb_seq_num 
_pdbx_poly_seq_scheme.pdb_seq_num 
_pdbx_poly_seq_scheme.auth_seq_num 
_pdbx_poly_seq_scheme.pdb_mon_id 
_pdbx_poly_seq_scheme.auth_mon_id 
_pdbx_poly_seq_scheme.pdb_strand_id 
_pdbx_poly_seq_scheme.pdb_ins_code 
_pdbx_poly_seq_scheme.hetero 
A 1 1   MET 1   1   ?   ?   ?   A . n 
A 1 2   GLY 2   2   ?   ?   ?   A . n 
A 1 3   ARG 3   3   ?   ?   ?   A . n 
A 1 4   VAL 4   4   ?   ?   ?   A . n 
A 1 5   TYR 5   5   ?   ?   ?   A . n 
A 1 6   TYR 6   6   ?   ?   ?   A . n 
A 1 7   GLY 7   7   ?   ?   ?   A . n 
A 1 8   GLY 8   8   ?   ?   ?   A . n 
A 1 9   VAL 9   9   ?   ?   ?   A . n 
A 1 10  GLU 10  10  ?   ?   ?   A . n 
A 1 11  ARG 11  11  11  ARG ARG A . n 
A 1 12  THR 12  12  12  THR THR A . n 
A 1 13  TYR 13  13  13  TYR TYR A . n 
A 1 14  LEU 14  14  14  LEU LEU A . n 
A 1 15  TYR 15  15  15  TYR TYR A . n 
A 1 16  ARG 16  16  16  ARG ARG A . n 
A 1 17  GLY 17  17  17  GLY GLY A . n 
A 1 18  ARG 18  18  18  ARG ARG A . n 
A 1 19  ILE 19  19  19  ILE ILE A . n 
A 1 20  LEU 20  20  20  LEU LEU A . n 
A 1 21  ASN 21  21  21  ASN ASN A . n 
A 1 22  LEU 22  22  22  LEU LEU A . n 
A 1 23  ALA 23  23  23  ALA ALA A . n 
A 1 24  LEU 24  24  24  LEU LEU A . n 
A 1 25  GLU 25  25  25  GLU GLU A . n 
A 1 26  GLY 26  26  26  GLY GLY A . n 
A 1 27  ARG 27  27  27  ARG ARG A . n 
A 1 28  TYR 28  28  28  TYR TYR A . n 
A 1 29  GLU 29  29  29  GLU GLU A . n 
A 1 30  ILE 30  30  30  ILE ILE A . n 
A 1 31  VAL 31  31  31  VAL VAL A . n 
A 1 32  GLU 32  32  32  GLU GLU A . n 
A 1 33  HIS 33  33  33  HIS HIS A . n 
A 1 34  LYS 34  34  34  LYS LYS A . n 
A 1 35  PRO 35  35  35  PRO PRO A . n 
A 1 36  ALA 36  36  36  ALA ALA A . n 
A 1 37  VAL 37  37  37  VAL VAL A . n 
A 1 38  ALA 38  38  38  ALA ALA A . n 
A 1 39  VAL 39  39  39  VAL VAL A . n 
A 1 40  ILE 40  40  40  ILE ILE A . n 
A 1 41  ALA 41  41  41  ALA ALA A . n 
A 1 42  LEU 42  42  42  LEU LEU A . n 
A 1 43  ARG 43  43  43  ARG ARG A . n 
A 1 44  GLU 44  44  44  GLU GLU A . n 
A 1 45  GLY 45  45  45  GLY GLY A . n 
A 1 46  ARG 46  46  46  ARG ARG A . n 
A 1 47  MET 47  47  47  MET MET A . n 
A 1 48  LEU 48  48  48  LEU LEU A . n 
A 1 49  PHE 49  49  49  PHE PHE A . n 
A 1 50  VAL 50  50  50  VAL VAL A . n 
A 1 51  ARG 51  51  51  ARG ARG A . n 
A 1 52  GLN 52  52  52  GLN GLN A . n 
A 1 53  MET 53  53  53  MET MET A . n 
A 1 54  ARG 54  54  54  ARG ARG A . n 
A 1 55  PRO 55  55  55  PRO PRO A . n 
A 1 56  ALA 56  56  56  ALA ALA A . n 
A 1 57  VAL 57  57  57  VAL VAL A . n 
A 1 58  GLY 58  58  58  GLY GLY A . n 
A 1 59  LEU 59  59  59  LEU LEU A . n 
A 1 60  ALA 60  60  60  ALA ALA A . n 
A 1 61  PRO 61  61  61  PRO PRO A . n 
A 1 62  LEU 62  62  62  LEU LEU A . n 
A 1 63  GLU 63  63  63  GLU GLU A . n 
A 1 64  ILE 64  64  64  ILE ILE A . n 
A 1 65  PRO 65  65  65  PRO PRO A . n 
A 1 66  ALA 66  66  66  ALA ALA A . n 
A 1 67  GLY 67  67  67  GLY GLY A . n 
A 1 68  LEU 68  68  68  LEU LEU A . n 
A 1 69  ILE 69  69  69  ILE ILE A . n 
A 1 70  GLU 70  70  70  GLU GLU A . n 
A 1 71  PRO 71  71  71  PRO PRO A . n 
A 1 72  GLY 72  72  72  GLY GLY A . n 
A 1 73  GLU 73  73  73  GLU GLU A . n 
A 1 74  ASP 74  74  74  ASP ASP A . n 
A 1 75  PRO 75  75  75  PRO PRO A . n 
A 1 76  LEU 76  76  76  LEU LEU A . n 
A 1 77  GLU 77  77  77  GLU GLU A . n 
A 1 78  ALA 78  78  78  ALA ALA A . n 
A 1 79  ALA 79  79  79  ALA ALA A . n 
A 1 80  ARG 80  80  80  ARG ARG A . n 
A 1 81  ARG 81  81  81  ARG ARG A . n 
A 1 82  GLU 82  82  82  GLU GLU A . n 
A 1 83  LEU 83  83  83  LEU LEU A . n 
A 1 84  ALA 84  84  84  ALA ALA A . n 
A 1 85  GLU 85  85  85  GLU GLU A . n 
A 1 86  GLU 86  86  86  GLU GLU A . n 
A 1 87  THR 87  87  87  THR THR A . n 
A 1 88  GLY 88  88  88  GLY GLY A . n 
A 1 89  LEU 89  89  89  LEU LEU A . n 
A 1 90  SER 90  90  90  SER SER A . n 
A 1 91  GLY 91  91  91  GLY GLY A . n 
A 1 92  ASP 92  92  92  ASP ASP A . n 
A 1 93  LEU 93  93  93  LEU LEU A . n 
A 1 94  THR 94  94  94  THR THR A . n 
A 1 95  TYR 95  95  95  TYR TYR A . n 
A 1 96  LEU 96  96  96  LEU LEU A . n 
A 1 97  PHE 97  97  97  PHE PHE A . n 
A 1 98  SER 98  98  98  SER SER A . n 
A 1 99  TYR 99  99  99  TYR TYR A . n 
A 1 100 PHE 100 100 100 PHE PHE A . n 
A 1 101 VAL 101 101 101 VAL VAL A . n 
A 1 102 SER 102 102 102 SER SER A . n 
A 1 103 PRO 103 103 103 PRO PRO A . n 
A 1 104 GLY 104 104 104 GLY GLY A . n 
A 1 105 PHE 105 105 105 PHE PHE A . n 
A 1 106 THR 106 106 106 THR THR A . n 
A 1 107 ASP 107 107 107 ASP ASP A . n 
A 1 108 GLU 108 108 108 GLU GLU A . n 
A 1 109 LYS 109 109 109 LYS LYS A . n 
A 1 110 THR 110 110 110 THR THR A . n 
A 1 111 HIS 111 111 111 HIS HIS A . n 
A 1 112 VAL 112 112 112 VAL VAL A . n 
A 1 113 PHE 113 113 113 PHE PHE A . n 
A 1 114 LEU 114 114 114 LEU LEU A . n 
A 1 115 ALA 115 115 115 ALA ALA A . n 
A 1 116 GLU 116 116 116 GLU GLU A . n 
A 1 117 ASN 117 117 117 ASN ASN A . n 
A 1 118 LEU 118 118 118 LEU LEU A . n 
A 1 119 LYS 119 119 119 LYS LYS A . n 
A 1 120 GLU 120 120 120 GLU GLU A . n 
A 1 121 VAL 121 121 121 VAL VAL A . n 
A 1 122 GLU 122 122 122 GLU GLU A . n 
A 1 123 ALA 123 123 ?   ?   ?   A . n 
A 1 124 HIS 124 124 ?   ?   ?   A . n 
A 1 125 PRO 125 125 ?   ?   ?   A . n 
A 1 126 ASP 126 126 ?   ?   ?   A . n 
A 1 127 GLU 127 127 ?   ?   ?   A . n 
A 1 128 ASP 128 128 ?   ?   ?   A . n 
A 1 129 GLU 129 129 ?   ?   ?   A . n 
A 1 130 ALA 130 130 130 ALA ALA A . n 
A 1 131 ILE 131 131 131 ILE ILE A . n 
A 1 132 GLU 132 132 132 GLU GLU A . n 
A 1 133 VAL 133 133 133 VAL VAL A . n 
A 1 134 VAL 134 134 134 VAL VAL A . n 
A 1 135 TRP 135 135 135 TRP TRP A . n 
A 1 136 MET 136 136 136 MET MET A . n 
A 1 137 ARG 137 137 137 ARG ARG A . n 
A 1 138 PRO 138 138 138 PRO PRO A . n 
A 1 139 GLU 139 139 139 GLU GLU A . n 
A 1 140 GLU 140 140 140 GLU GLU A . n 
A 1 141 ALA 141 141 141 ALA ALA A . n 
A 1 142 LEU 142 142 142 LEU LEU A . n 
A 1 143 GLU 143 143 143 GLU GLU A . n 
A 1 144 ARG 144 144 144 ARG ARG A . n 
A 1 145 HIS 145 145 145 HIS HIS A . n 
A 1 146 GLN 146 146 146 GLN GLN A . n 
A 1 147 ARG 147 147 147 ARG ARG A . n 
A 1 148 GLY 148 148 148 GLY GLY A . n 
A 1 149 GLU 149 149 149 GLU GLU A . n 
A 1 150 VAL 150 150 150 VAL VAL A . n 
A 1 151 GLU 151 151 151 GLU GLU A . n 
A 1 152 PHE 152 152 152 PHE PHE A . n 
A 1 153 SER 153 153 153 SER SER A . n 
A 1 154 ALA 154 154 154 ALA ALA A . n 
A 1 155 THR 155 155 155 THR THR A . n 
A 1 156 GLY 156 156 156 GLY GLY A . n 
A 1 157 LEU 157 157 157 LEU LEU A . n 
A 1 158 VAL 158 158 158 VAL VAL A . n 
A 1 159 GLY 159 159 159 GLY GLY A . n 
A 1 160 VAL 160 160 160 VAL VAL A . n 
A 1 161 LEU 161 161 161 LEU LEU A . n 
A 1 162 TYR 162 162 162 TYR TYR A . n 
A 1 163 TYR 163 163 163 TYR TYR A . n 
A 1 164 HIS 164 164 164 HIS HIS A . n 
A 1 165 ALA 165 165 165 ALA ALA A . n 
A 1 166 PHE 166 166 166 PHE PHE A . n 
A 1 167 LEU 167 167 167 LEU LEU A . n 
A 1 168 ARG 168 168 168 ARG ARG A . n 
A 1 169 GLY 169 169 169 GLY GLY A . n 
A 1 170 ARG 170 170 ?   ?   ?   A . n 
# 
loop_
_pdbx_nonpoly_scheme.asym_id 
_pdbx_nonpoly_scheme.entity_id 
_pdbx_nonpoly_scheme.mon_id 
_pdbx_nonpoly_scheme.ndb_seq_num 
_pdbx_nonpoly_scheme.pdb_seq_num 
_pdbx_nonpoly_scheme.auth_seq_num 
_pdbx_nonpoly_scheme.pdb_mon_id 
_pdbx_nonpoly_scheme.auth_mon_id 
_pdbx_nonpoly_scheme.pdb_strand_id 
_pdbx_nonpoly_scheme.pdb_ins_code 
B 2 MG  1  301 301 MG  MG2 A . 
C 3 AMP 1  619 619 AMP AMP A . 
D 4 HOH 1  620 1   HOH TIP A . 
D 4 HOH 2  621 2   HOH TIP A . 
D 4 HOH 3  622 3   HOH TIP A . 
D 4 HOH 4  623 4   HOH TIP A . 
D 4 HOH 5  624 5   HOH TIP A . 
D 4 HOH 6  625 6   HOH TIP A . 
D 4 HOH 7  626 8   HOH TIP A . 
D 4 HOH 8  627 9   HOH TIP A . 
D 4 HOH 9  628 10  HOH TIP A . 
D 4 HOH 10 629 11  HOH TIP A . 
D 4 HOH 11 630 12  HOH TIP A . 
D 4 HOH 12 631 13  HOH TIP A . 
D 4 HOH 13 632 14  HOH TIP A . 
D 4 HOH 14 633 15  HOH TIP A . 
D 4 HOH 15 634 16  HOH TIP A . 
D 4 HOH 16 635 17  HOH TIP A . 
D 4 HOH 17 636 18  HOH TIP A . 
D 4 HOH 18 637 19  HOH TIP A . 
D 4 HOH 19 638 20  HOH TIP A . 
D 4 HOH 20 639 21  HOH TIP A . 
D 4 HOH 21 640 22  HOH TIP A . 
D 4 HOH 22 641 23  HOH TIP A . 
D 4 HOH 23 642 24  HOH TIP A . 
D 4 HOH 24 643 25  HOH TIP A . 
D 4 HOH 25 644 26  HOH TIP A . 
D 4 HOH 26 645 27  HOH TIP A . 
D 4 HOH 27 646 28  HOH TIP A . 
D 4 HOH 28 647 29  HOH TIP A . 
D 4 HOH 29 648 30  HOH TIP A . 
D 4 HOH 30 649 31  HOH TIP A . 
D 4 HOH 31 650 32  HOH TIP A . 
D 4 HOH 32 651 33  HOH TIP A . 
D 4 HOH 33 652 34  HOH TIP A . 
D 4 HOH 34 653 35  HOH TIP A . 
D 4 HOH 35 654 36  HOH TIP A . 
D 4 HOH 36 655 37  HOH TIP A . 
D 4 HOH 37 656 38  HOH TIP A . 
D 4 HOH 38 657 40  HOH TIP A . 
D 4 HOH 39 658 41  HOH TIP A . 
D 4 HOH 40 659 42  HOH TIP A . 
D 4 HOH 41 660 43  HOH TIP A . 
D 4 HOH 42 661 44  HOH TIP A . 
D 4 HOH 43 662 45  HOH TIP A . 
D 4 HOH 44 663 47  HOH TIP A . 
D 4 HOH 45 664 50  HOH TIP A . 
D 4 HOH 46 665 51  HOH TIP A . 
D 4 HOH 47 666 52  HOH TIP A . 
D 4 HOH 48 667 53  HOH TIP A . 
D 4 HOH 49 668 54  HOH TIP A . 
D 4 HOH 50 669 55  HOH TIP A . 
D 4 HOH 51 670 56  HOH TIP A . 
D 4 HOH 52 671 57  HOH TIP A . 
D 4 HOH 53 672 61  HOH TIP A . 
D 4 HOH 54 673 62  HOH TIP A . 
D 4 HOH 55 674 64  HOH TIP A . 
# 
_software.name             CNS 
_software.classification   refinement 
_software.version          1.1 
_software.citation_id      ? 
_software.pdbx_ordinal     1 
# 
_cell.entry_id           1V8S 
_cell.length_a           49.740 
_cell.length_b           49.740 
_cell.length_c           118.120 
_cell.angle_alpha        90.00 
_cell.angle_beta         90.00 
_cell.angle_gamma        120.00 
_cell.Z_PDB              6 
_cell.pdbx_unique_axis   ? 
# 
_symmetry.entry_id                         1V8S 
_symmetry.space_group_name_H-M             'P 32 2 1' 
_symmetry.pdbx_full_space_group_name_H-M   ? 
_symmetry.cell_setting                     ? 
_symmetry.Int_Tables_number                154 
_symmetry.space_group_name_Hall            ? 
# 
_exptl.entry_id          1V8S 
_exptl.method            'X-RAY DIFFRACTION' 
_exptl.crystals_number   1 
# 
_exptl_crystal.id                    1 
_exptl_crystal.density_meas          ? 
_exptl_crystal.density_Matthews      2.33 
_exptl_crystal.density_percent_sol   46.76 
_exptl_crystal.description           ? 
_exptl_crystal.F_000                 ? 
_exptl_crystal.preparation           ? 
# 
_exptl_crystal_grow.crystal_id      1 
_exptl_crystal_grow.method          'VAPOR DIFFUSION, HANGING DROP' 
_exptl_crystal_grow.temp            293 
_exptl_crystal_grow.temp_details    ? 
_exptl_crystal_grow.pH              ? 
_exptl_crystal_grow.pdbx_details    'VAPOR DIFFUSION, HANGING DROP, temperature 293K' 
_exptl_crystal_grow.pdbx_pH_range   . 
# 
_diffrn.id                     1 
_diffrn.ambient_temp           ? 
_diffrn.ambient_temp_details   ? 
_diffrn.crystal_id             1 
# 
_diffrn_detector.diffrn_id              1 
_diffrn_detector.detector               'IMAGE PLATE' 
_diffrn_detector.type                   'RIGAKU RAXIS' 
_diffrn_detector.pdbx_collection_date   ? 
_diffrn_detector.details                ? 
# 
_diffrn_radiation.diffrn_id                        1 
_diffrn_radiation.wavelength_id                    1 
_diffrn_radiation.pdbx_monochromatic_or_laue_m_l   M 
_diffrn_radiation.monochromator                    ? 
_diffrn_radiation.pdbx_diffrn_protocol             'SINGLE WAVELENGTH' 
_diffrn_radiation.pdbx_scattering_type             x-ray 
# 
_diffrn_radiation_wavelength.id           1 
_diffrn_radiation_wavelength.wavelength   1.54 
_diffrn_radiation_wavelength.wt           1.0 
# 
_diffrn_source.diffrn_id                   1 
_diffrn_source.source                      'ROTATING ANODE' 
_diffrn_source.type                        RIGAKU 
_diffrn_source.pdbx_synchrotron_site       ? 
_diffrn_source.pdbx_synchrotron_beamline   ? 
_diffrn_source.pdbx_wavelength             ? 
_diffrn_source.pdbx_wavelength_list        1.54 
# 
_reflns.entry_id                     1V8S 
_reflns.observed_criterion_sigma_I   3 
_reflns.observed_criterion_sigma_F   ? 
_reflns.d_resolution_low             39.37 
_reflns.d_resolution_high            2.2 
_reflns.number_obs                   8302 
_reflns.number_all                   ? 
_reflns.percent_possible_obs         91.1 
_reflns.pdbx_Rmerge_I_obs            ? 
_reflns.pdbx_Rsym_value              0.029 
_reflns.pdbx_netI_over_sigmaI        ? 
_reflns.B_iso_Wilson_estimate        11.0 
_reflns.pdbx_redundancy              ? 
_reflns.R_free_details               ? 
_reflns.limit_h_max                  ? 
_reflns.limit_h_min                  ? 
_reflns.limit_k_max                  ? 
_reflns.limit_k_min                  ? 
_reflns.limit_l_max                  ? 
_reflns.limit_l_min                  ? 
_reflns.observed_criterion_F_max     ? 
_reflns.observed_criterion_F_min     ? 
_reflns.pdbx_chi_squared             ? 
_reflns.pdbx_scaling_rejects         ? 
_reflns.pdbx_ordinal                 1 
_reflns.pdbx_diffrn_id               1 
# 
_reflns_shell.d_res_high             2.2 
_reflns_shell.d_res_low              2.28 
_reflns_shell.percent_possible_all   85.4 
_reflns_shell.Rmerge_I_obs           ? 
_reflns_shell.pdbx_Rsym_value        0.068 
_reflns_shell.meanI_over_sigI_obs    ? 
_reflns_shell.pdbx_redundancy        ? 
_reflns_shell.percent_possible_obs   ? 
_reflns_shell.number_unique_all      ? 
_reflns_shell.number_measured_all    ? 
_reflns_shell.number_measured_obs    ? 
_reflns_shell.number_unique_obs      ? 
_reflns_shell.pdbx_chi_squared       ? 
_reflns_shell.pdbx_ordinal           1 
_reflns_shell.pdbx_diffrn_id         1 
# 
_refine.entry_id                                 1V8S 
_refine.ls_number_reflns_obs                     8301 
_refine.ls_number_reflns_all                     ? 
_refine.pdbx_ls_sigma_I                          ? 
_refine.pdbx_ls_sigma_F                          .0 
_refine.pdbx_data_cutoff_high_absF               1454705.66 
_refine.pdbx_data_cutoff_low_absF                .000000 
_refine.pdbx_data_cutoff_high_rms_absF           ? 
_refine.ls_d_res_low                             34.80 
_refine.ls_d_res_high                            2.20 
_refine.ls_percent_reflns_obs                    90.9 
_refine.ls_R_factor_obs                          0.199 
_refine.ls_R_factor_all                          ? 
_refine.ls_R_factor_R_work                       0.199 
_refine.ls_R_factor_R_free                       0.248 
_refine.ls_R_factor_R_free_error                 .012 
_refine.ls_R_factor_R_free_error_details         ? 
_refine.ls_percent_reflns_R_free                 5.2 
_refine.ls_number_reflns_R_free                  432 
_refine.ls_number_parameters                     ? 
_refine.ls_number_restraints                     ? 
_refine.occupancy_min                            ? 
_refine.occupancy_max                            ? 
_refine.correlation_coeff_Fo_to_Fc               ? 
_refine.correlation_coeff_Fo_to_Fc_free          ? 
_refine.B_iso_mean                               19.7 
_refine.aniso_B[1][1]                            2.09 
_refine.aniso_B[2][2]                            1.65 
_refine.aniso_B[3][3]                            -3.74 
_refine.aniso_B[1][2]                            .87 
_refine.aniso_B[1][3]                            .00 
_refine.aniso_B[2][3]                            .00 
_refine.solvent_model_details                    'FLAT MODEL' 
_refine.solvent_model_param_ksol                 .395665 
_refine.solvent_model_param_bsol                 38.3531 
_refine.pdbx_solvent_vdw_probe_radii             ? 
_refine.pdbx_solvent_ion_probe_radii             ? 
_refine.pdbx_solvent_shrinkage_radii             ? 
_refine.pdbx_ls_cross_valid_method               THROUGHOUT 
_refine.details                                  ? 
_refine.pdbx_starting_model                      ? 
_refine.pdbx_method_to_determine_struct          'MOLECULAR REPLACEMENT' 
_refine.pdbx_isotropic_thermal_model             RESTRAINED 
_refine.pdbx_stereochemistry_target_values       ? 
_refine.pdbx_stereochem_target_val_spec_case     ? 
_refine.pdbx_R_Free_selection_details            RANDOM 
_refine.pdbx_overall_ESU_R                       ? 
_refine.pdbx_overall_ESU_R_Free                  ? 
_refine.overall_SU_ML                            ? 
_refine.overall_SU_B                             ? 
_refine.ls_redundancy_reflns_obs                 ? 
_refine.B_iso_min                                ? 
_refine.B_iso_max                                ? 
_refine.overall_SU_R_Cruickshank_DPI             ? 
_refine.overall_SU_R_free                        ? 
_refine.ls_wR_factor_R_free                      ? 
_refine.ls_wR_factor_R_work                      ? 
_refine.overall_FOM_free_R_set                   ? 
_refine.overall_FOM_work_R_set                   ? 
_refine.pdbx_refine_id                           'X-RAY DIFFRACTION' 
_refine.pdbx_diffrn_id                           1 
_refine.pdbx_TLS_residual_ADP_flag               ? 
_refine.pdbx_overall_phase_error                 ? 
_refine.pdbx_overall_SU_R_free_Cruickshank_DPI   ? 
_refine.pdbx_overall_SU_R_Blow_DPI               ? 
_refine.pdbx_overall_SU_R_free_Blow_DPI          ? 
# 
_refine_analyze.entry_id                        1V8S 
_refine_analyze.Luzzati_coordinate_error_obs    .23 
_refine_analyze.Luzzati_sigma_a_obs             .01 
_refine_analyze.Luzzati_d_res_low_obs           5.00 
_refine_analyze.Luzzati_coordinate_error_free   .30 
_refine_analyze.Luzzati_sigma_a_free            .16 
_refine_analyze.Luzzati_d_res_low_free          ? 
_refine_analyze.number_disordered_residues      ? 
_refine_analyze.occupancy_sum_hydrogen          ? 
_refine_analyze.occupancy_sum_non_hydrogen      ? 
_refine_analyze.pdbx_Luzzati_d_res_high_obs     ? 
_refine_analyze.pdbx_refine_id                  'X-RAY DIFFRACTION' 
# 
_refine_hist.pdbx_refine_id                   'X-RAY DIFFRACTION' 
_refine_hist.cycle_id                         LAST 
_refine_hist.pdbx_number_atoms_protein        1215 
_refine_hist.pdbx_number_atoms_nucleic_acid   0 
_refine_hist.pdbx_number_atoms_ligand         24 
_refine_hist.number_atoms_solvent             55 
_refine_hist.number_atoms_total               1294 
_refine_hist.d_res_high                       2.20 
_refine_hist.d_res_low                        34.80 
# 
loop_
_refine_ls_restr.type 
_refine_ls_restr.dev_ideal 
_refine_ls_restr.dev_ideal_target 
_refine_ls_restr.weight 
_refine_ls_restr.number 
_refine_ls_restr.pdbx_refine_id 
_refine_ls_restr.pdbx_restraint_function 
c_bond_d                .006 ?    ? ? 'X-RAY DIFFRACTION' ? 
c_bond_d_na             ?    ?    ? ? 'X-RAY DIFFRACTION' ? 
c_bond_d_prot           ?    ?    ? ? 'X-RAY DIFFRACTION' ? 
c_angle_d               ?    ?    ? ? 'X-RAY DIFFRACTION' ? 
c_angle_d_na            ?    ?    ? ? 'X-RAY DIFFRACTION' ? 
c_angle_d_prot          ?    ?    ? ? 'X-RAY DIFFRACTION' ? 
c_angle_deg             1.3  ?    ? ? 'X-RAY DIFFRACTION' ? 
c_angle_deg_na          ?    ?    ? ? 'X-RAY DIFFRACTION' ? 
c_angle_deg_prot        ?    ?    ? ? 'X-RAY DIFFRACTION' ? 
c_dihedral_angle_d      24.5 ?    ? ? 'X-RAY DIFFRACTION' ? 
c_dihedral_angle_d_na   ?    ?    ? ? 'X-RAY DIFFRACTION' ? 
c_dihedral_angle_d_prot ?    ?    ? ? 'X-RAY DIFFRACTION' ? 
c_improper_angle_d      .67  ?    ? ? 'X-RAY DIFFRACTION' ? 
c_improper_angle_d_na   ?    ?    ? ? 'X-RAY DIFFRACTION' ? 
c_improper_angle_d_prot ?    ?    ? ? 'X-RAY DIFFRACTION' ? 
c_mcbond_it             1.25 1.50 ? ? 'X-RAY DIFFRACTION' ? 
c_mcangle_it            1.91 2.00 ? ? 'X-RAY DIFFRACTION' ? 
c_scbond_it             2.09 2.00 ? ? 'X-RAY DIFFRACTION' ? 
c_scangle_it            3.01 2.50 ? ? 'X-RAY DIFFRACTION' ? 
# 
_refine_ls_shell.pdbx_total_number_of_bins_used   6 
_refine_ls_shell.d_res_high                       2.20 
_refine_ls_shell.d_res_low                        2.34 
_refine_ls_shell.number_reflns_R_work             1196 
_refine_ls_shell.R_factor_R_work                  0.186 
_refine_ls_shell.percent_reflns_obs               85.4 
_refine_ls_shell.R_factor_R_free                  0.27 
_refine_ls_shell.R_factor_R_free_error            .032 
_refine_ls_shell.percent_reflns_R_free            5.5 
_refine_ls_shell.number_reflns_R_free             70 
_refine_ls_shell.number_reflns_obs                ? 
_refine_ls_shell.redundancy_reflns_obs            ? 
_refine_ls_shell.number_reflns_all                ? 
_refine_ls_shell.pdbx_refine_id                   'X-RAY DIFFRACTION' 
_refine_ls_shell.R_factor_all                     ? 
# 
loop_
_pdbx_xplor_file.serial_no 
_pdbx_xplor_file.param_file 
_pdbx_xplor_file.topol_file 
_pdbx_xplor_file.pdbx_refine_id 
1 PROTEIN_REP.PARAM PROTEIN.TOP       'X-RAY DIFFRACTION' 
2 WATER_REP.PARAM   WATER.TOP         'X-RAY DIFFRACTION' 
3 AMP_XPLOR_PAR.TXT ION.TOP           'X-RAY DIFFRACTION' 
4 ION.PARAM         AMP_XPLOR_TOP.TXT 'X-RAY DIFFRACTION' 
# 
_struct.entry_id                  1V8S 
_struct.title                     'Crystal structure analusis of the ADP-ribose pyrophosphatase complexed with AMP and Mg' 
_struct.pdbx_model_details        ? 
_struct.pdbx_CASP_flag            ? 
_struct.pdbx_model_type_details   ? 
# 
_struct_keywords.entry_id        1V8S 
_struct_keywords.pdbx_keywords   HYDROLASE 
_struct_keywords.text            
'nudix motif, helix-loop-helix, MutT family, RIKEN Structural Genomics/Proteomics Initiative, RSGI, Structural Genomics, HYDROLASE' 
# 
loop_
_struct_asym.id 
_struct_asym.pdbx_blank_PDB_chainid_flag 
_struct_asym.pdbx_modified 
_struct_asym.entity_id 
_struct_asym.details 
A N N 1 ? 
B N N 2 ? 
C N N 3 ? 
D N N 4 ? 
# 
_struct_ref.id                         1 
_struct_ref.db_name                    UNP 
_struct_ref.db_code                    Q84CU3_THETH 
_struct_ref.pdbx_db_accession          Q84CU3 
_struct_ref.entity_id                  1 
_struct_ref.pdbx_seq_one_letter_code   
;MGRVYYGGVERTYLYRGRILNLALEGRYEIVEHKPAVAVIALREGRMLFVRQMRPAVGLAPLEIPAGLIEPGEDPLEAAR
RELAEETGLSGDLTYLFSYFVSPGFTDEKTHVFLAENLKEVEAHPDEDEAIEVVWMRPEEALERHQRGEVEFSATGLVGV
LYYHAFLRGR
;
_struct_ref.pdbx_align_begin           1 
_struct_ref.pdbx_db_isoform            ? 
# 
_struct_ref_seq.align_id                      1 
_struct_ref_seq.ref_id                        1 
_struct_ref_seq.pdbx_PDB_id_code              1V8S 
_struct_ref_seq.pdbx_strand_id                A 
_struct_ref_seq.seq_align_beg                 1 
_struct_ref_seq.pdbx_seq_align_beg_ins_code   ? 
_struct_ref_seq.seq_align_end                 170 
_struct_ref_seq.pdbx_seq_align_end_ins_code   ? 
_struct_ref_seq.pdbx_db_accession             Q84CU3 
_struct_ref_seq.db_align_beg                  1 
_struct_ref_seq.pdbx_db_align_beg_ins_code    ? 
_struct_ref_seq.db_align_end                  170 
_struct_ref_seq.pdbx_db_align_end_ins_code    ? 
_struct_ref_seq.pdbx_auth_seq_align_beg       1 
_struct_ref_seq.pdbx_auth_seq_align_end       170 
# 
_pdbx_struct_assembly.id                   1 
_pdbx_struct_assembly.details              author_and_software_defined_assembly 
_pdbx_struct_assembly.method_details       PISA,PQS 
_pdbx_struct_assembly.oligomeric_details   dimeric 
_pdbx_struct_assembly.oligomeric_count     2 
# 
loop_
_pdbx_struct_assembly_prop.biol_id 
_pdbx_struct_assembly_prop.type 
_pdbx_struct_assembly_prop.value 
_pdbx_struct_assembly_prop.details 
1 'ABSA (A^2)' 6150  ? 
1 MORE         -54   ? 
1 'SSA (A^2)'  12780 ? 
# 
_pdbx_struct_assembly_gen.assembly_id       1 
_pdbx_struct_assembly_gen.oper_expression   1,2 
_pdbx_struct_assembly_gen.asym_id_list      A,B,C,D 
# 
loop_
_pdbx_struct_oper_list.id 
_pdbx_struct_oper_list.type 
_pdbx_struct_oper_list.name 
_pdbx_struct_oper_list.symmetry_operation 
_pdbx_struct_oper_list.matrix[1][1] 
_pdbx_struct_oper_list.matrix[1][2] 
_pdbx_struct_oper_list.matrix[1][3] 
_pdbx_struct_oper_list.vector[1] 
_pdbx_struct_oper_list.matrix[2][1] 
_pdbx_struct_oper_list.matrix[2][2] 
_pdbx_struct_oper_list.matrix[2][3] 
_pdbx_struct_oper_list.vector[2] 
_pdbx_struct_oper_list.matrix[3][1] 
_pdbx_struct_oper_list.matrix[3][2] 
_pdbx_struct_oper_list.matrix[3][3] 
_pdbx_struct_oper_list.vector[3] 
1 'identity operation'         1_555 x,y,z    1.0000000000  0.0000000000 0.0000000000  0.0000000000  0.0000000000 1.0000000000 0.0000000000  0.0000000000 0.0000000000  0.0000000000  1.0000000000  0.0000000000  
2 'crystal symmetry operation' 4_556 y,x,-z+1 -0.4486581977 0.8798709889 -0.1566297051 -6.9806136134 0.8798709889 0.4041615453 -0.2499609733 7.0078239211 -0.1566297051 -0.2499609733 -0.9555033476 14.7946193958 
# 
_struct_biol.id                    1 
_struct_biol.details               
;dimer, the second part of the biological assembly is generated  
by y, x, 1-z.
;
_struct_biol.pdbx_parent_biol_id   ? 
# 
loop_
_struct_conf.conf_type_id 
_struct_conf.id 
_struct_conf.pdbx_PDB_helix_id 
_struct_conf.beg_label_comp_id 
_struct_conf.beg_label_asym_id 
_struct_conf.beg_label_seq_id 
_struct_conf.pdbx_beg_PDB_ins_code 
_struct_conf.end_label_comp_id 
_struct_conf.end_label_asym_id 
_struct_conf.end_label_seq_id 
_struct_conf.pdbx_end_PDB_ins_code 
_struct_conf.beg_auth_comp_id 
_struct_conf.beg_auth_asym_id 
_struct_conf.beg_auth_seq_id 
_struct_conf.end_auth_comp_id 
_struct_conf.end_auth_asym_id 
_struct_conf.end_auth_seq_id 
_struct_conf.pdbx_PDB_helix_class 
_struct_conf.details 
_struct_conf.pdbx_PDB_helix_length 
HELX_P HELX_P1 1 ASP A 74  ? GLY A 88  ? ASP A 74  GLY A 88  1 ? 15 
HELX_P HELX_P2 2 ARG A 137 ? ARG A 147 ? ARG A 137 ARG A 147 1 ? 11 
HELX_P HELX_P3 3 SER A 153 ? LEU A 167 ? SER A 153 LEU A 167 1 ? 15 
# 
_struct_conf_type.id          HELX_P 
_struct_conf_type.criteria    ? 
_struct_conf_type.reference   ? 
# 
loop_
_struct_conn.id 
_struct_conn.conn_type_id 
_struct_conn.pdbx_leaving_atom_flag 
_struct_conn.pdbx_PDB_id 
_struct_conn.ptnr1_label_asym_id 
_struct_conn.ptnr1_label_comp_id 
_struct_conn.ptnr1_label_seq_id 
_struct_conn.ptnr1_label_atom_id 
_struct_conn.pdbx_ptnr1_label_alt_id 
_struct_conn.pdbx_ptnr1_PDB_ins_code 
_struct_conn.pdbx_ptnr1_standard_comp_id 
_struct_conn.ptnr1_symmetry 
_struct_conn.ptnr2_label_asym_id 
_struct_conn.ptnr2_label_comp_id 
_struct_conn.ptnr2_label_seq_id 
_struct_conn.ptnr2_label_atom_id 
_struct_conn.pdbx_ptnr2_label_alt_id 
_struct_conn.pdbx_ptnr2_PDB_ins_code 
_struct_conn.ptnr1_auth_asym_id 
_struct_conn.ptnr1_auth_comp_id 
_struct_conn.ptnr1_auth_seq_id 
_struct_conn.ptnr2_auth_asym_id 
_struct_conn.ptnr2_auth_comp_id 
_struct_conn.ptnr2_auth_seq_id 
_struct_conn.ptnr2_symmetry 
_struct_conn.pdbx_ptnr3_label_atom_id 
_struct_conn.pdbx_ptnr3_label_seq_id 
_struct_conn.pdbx_ptnr3_label_comp_id 
_struct_conn.pdbx_ptnr3_label_asym_id 
_struct_conn.pdbx_ptnr3_label_alt_id 
_struct_conn.pdbx_ptnr3_PDB_ins_code 
_struct_conn.details 
_struct_conn.pdbx_dist_value 
_struct_conn.pdbx_value_order 
_struct_conn.pdbx_role 
metalc1 metalc ? ? A LEU 68 N  ? ? ? 1_555 B MG  . MG    ? ? A LEU 68  A MG  301 1_555 ? ? ? ? ? ? ? 3.024 ? ? 
metalc2 metalc ? ? B MG  .  MG ? ? ? 1_555 C AMP . "O5'" ? ? A MG  301 A AMP 619 1_555 ? ? ? ? ? ? ? 2.286 ? ? 
metalc3 metalc ? ? B MG  .  MG ? ? ? 1_555 C AMP . O1P   ? ? A MG  301 A AMP 619 1_555 ? ? ? ? ? ? ? 2.417 ? ? 
metalc4 metalc ? ? B MG  .  MG ? ? ? 1_555 C AMP . O2P   ? ? A MG  301 A AMP 619 1_555 ? ? ? ? ? ? ? 2.975 ? ? 
# 
_struct_conn_type.id          metalc 
_struct_conn_type.criteria    ? 
_struct_conn_type.reference   ? 
# 
loop_
_pdbx_struct_conn_angle.id 
_pdbx_struct_conn_angle.ptnr1_label_atom_id 
_pdbx_struct_conn_angle.ptnr1_label_alt_id 
_pdbx_struct_conn_angle.ptnr1_label_asym_id 
_pdbx_struct_conn_angle.ptnr1_label_comp_id 
_pdbx_struct_conn_angle.ptnr1_label_seq_id 
_pdbx_struct_conn_angle.ptnr1_auth_atom_id 
_pdbx_struct_conn_angle.ptnr1_auth_asym_id 
_pdbx_struct_conn_angle.ptnr1_auth_comp_id 
_pdbx_struct_conn_angle.ptnr1_auth_seq_id 
_pdbx_struct_conn_angle.ptnr1_PDB_ins_code 
_pdbx_struct_conn_angle.ptnr1_symmetry 
_pdbx_struct_conn_angle.ptnr2_label_atom_id 
_pdbx_struct_conn_angle.ptnr2_label_alt_id 
_pdbx_struct_conn_angle.ptnr2_label_asym_id 
_pdbx_struct_conn_angle.ptnr2_label_comp_id 
_pdbx_struct_conn_angle.ptnr2_label_seq_id 
_pdbx_struct_conn_angle.ptnr2_auth_atom_id 
_pdbx_struct_conn_angle.ptnr2_auth_asym_id 
_pdbx_struct_conn_angle.ptnr2_auth_comp_id 
_pdbx_struct_conn_angle.ptnr2_auth_seq_id 
_pdbx_struct_conn_angle.ptnr2_PDB_ins_code 
_pdbx_struct_conn_angle.ptnr2_symmetry 
_pdbx_struct_conn_angle.ptnr3_label_atom_id 
_pdbx_struct_conn_angle.ptnr3_label_alt_id 
_pdbx_struct_conn_angle.ptnr3_label_asym_id 
_pdbx_struct_conn_angle.ptnr3_label_comp_id 
_pdbx_struct_conn_angle.ptnr3_label_seq_id 
_pdbx_struct_conn_angle.ptnr3_auth_atom_id 
_pdbx_struct_conn_angle.ptnr3_auth_asym_id 
_pdbx_struct_conn_angle.ptnr3_auth_comp_id 
_pdbx_struct_conn_angle.ptnr3_auth_seq_id 
_pdbx_struct_conn_angle.ptnr3_PDB_ins_code 
_pdbx_struct_conn_angle.ptnr3_symmetry 
_pdbx_struct_conn_angle.value 
_pdbx_struct_conn_angle.value_esd 
1 N     ? A LEU 68 ? A LEU 68  ? 1_555 MG ? B MG . ? A MG 301 ? 1_555 "O5'" ? C AMP . ? A AMP 619 ? 1_555 158.3 ? 
2 N     ? A LEU 68 ? A LEU 68  ? 1_555 MG ? B MG . ? A MG 301 ? 1_555 O1P   ? C AMP . ? A AMP 619 ? 1_555 97.0  ? 
3 "O5'" ? C AMP .  ? A AMP 619 ? 1_555 MG ? B MG . ? A MG 301 ? 1_555 O1P   ? C AMP . ? A AMP 619 ? 1_555 66.3  ? 
4 N     ? A LEU 68 ? A LEU 68  ? 1_555 MG ? B MG . ? A MG 301 ? 1_555 O2P   ? C AMP . ? A AMP 619 ? 1_555 126.0 ? 
5 "O5'" ? C AMP .  ? A AMP 619 ? 1_555 MG ? B MG . ? A MG 301 ? 1_555 O2P   ? C AMP . ? A AMP 619 ? 1_555 55.8  ? 
6 O1P   ? C AMP .  ? A AMP 619 ? 1_555 MG ? B MG . ? A MG 301 ? 1_555 O2P   ? C AMP . ? A AMP 619 ? 1_555 53.2  ? 
# 
loop_
_struct_sheet.id 
_struct_sheet.type 
_struct_sheet.number_strands 
_struct_sheet.details 
A ? 3 ? 
B ? 4 ? 
C ? 4 ? 
# 
loop_
_struct_sheet_order.sheet_id 
_struct_sheet_order.range_id_1 
_struct_sheet_order.range_id_2 
_struct_sheet_order.offset 
_struct_sheet_order.sense 
A 1 2 ? anti-parallel 
A 2 3 ? anti-parallel 
B 1 2 ? anti-parallel 
B 2 3 ? parallel      
B 3 4 ? anti-parallel 
C 1 2 ? anti-parallel 
C 2 3 ? anti-parallel 
C 3 4 ? anti-parallel 
# 
loop_
_struct_sheet_range.sheet_id 
_struct_sheet_range.id 
_struct_sheet_range.beg_label_comp_id 
_struct_sheet_range.beg_label_asym_id 
_struct_sheet_range.beg_label_seq_id 
_struct_sheet_range.pdbx_beg_PDB_ins_code 
_struct_sheet_range.end_label_comp_id 
_struct_sheet_range.end_label_asym_id 
_struct_sheet_range.end_label_seq_id 
_struct_sheet_range.pdbx_end_PDB_ins_code 
_struct_sheet_range.beg_auth_comp_id 
_struct_sheet_range.beg_auth_asym_id 
_struct_sheet_range.beg_auth_seq_id 
_struct_sheet_range.end_auth_comp_id 
_struct_sheet_range.end_auth_asym_id 
_struct_sheet_range.end_auth_seq_id 
A 1 THR A 12  ? ARG A 16  ? THR A 12  ARG A 16  
A 2 LEU A 20  ? GLU A 25  ? LEU A 20  GLU A 25  
A 3 TYR A 28  ? HIS A 33  ? TYR A 28  HIS A 33  
B 1 ALA A 66  ? LEU A 68  ? ALA A 66  LEU A 68  
B 2 ALA A 36  ? ARG A 43  ? ALA A 36  ARG A 43  
B 3 LYS A 109 ? GLU A 120 ? LYS A 109 GLU A 120 
B 4 LEU A 89  ? PHE A 100 ? LEU A 89  PHE A 100 
C 1 ALA A 66  ? LEU A 68  ? ALA A 66  LEU A 68  
C 2 ALA A 36  ? ARG A 43  ? ALA A 36  ARG A 43  
C 3 ARG A 46  ? ARG A 51  ? ARG A 46  ARG A 51  
C 4 GLU A 132 ? MET A 136 ? GLU A 132 MET A 136 
# 
loop_
_pdbx_struct_sheet_hbond.sheet_id 
_pdbx_struct_sheet_hbond.range_id_1 
_pdbx_struct_sheet_hbond.range_id_2 
_pdbx_struct_sheet_hbond.range_1_label_atom_id 
_pdbx_struct_sheet_hbond.range_1_label_comp_id 
_pdbx_struct_sheet_hbond.range_1_label_asym_id 
_pdbx_struct_sheet_hbond.range_1_label_seq_id 
_pdbx_struct_sheet_hbond.range_1_PDB_ins_code 
_pdbx_struct_sheet_hbond.range_1_auth_atom_id 
_pdbx_struct_sheet_hbond.range_1_auth_comp_id 
_pdbx_struct_sheet_hbond.range_1_auth_asym_id 
_pdbx_struct_sheet_hbond.range_1_auth_seq_id 
_pdbx_struct_sheet_hbond.range_2_label_atom_id 
_pdbx_struct_sheet_hbond.range_2_label_comp_id 
_pdbx_struct_sheet_hbond.range_2_label_asym_id 
_pdbx_struct_sheet_hbond.range_2_label_seq_id 
_pdbx_struct_sheet_hbond.range_2_PDB_ins_code 
_pdbx_struct_sheet_hbond.range_2_auth_atom_id 
_pdbx_struct_sheet_hbond.range_2_auth_comp_id 
_pdbx_struct_sheet_hbond.range_2_auth_asym_id 
_pdbx_struct_sheet_hbond.range_2_auth_seq_id 
A 1 2 N THR A 12  ? N THR A 12  O LEU A 24  ? O LEU A 24  
A 2 3 N ALA A 23  ? N ALA A 23  O ILE A 30  ? O ILE A 30  
B 1 2 O GLY A 67  ? O GLY A 67  N VAL A 37  ? N VAL A 37  
B 2 3 N ILE A 40  ? N ILE A 40  O PHE A 113 ? O PHE A 113 
B 3 4 O VAL A 112 ? O VAL A 112 N PHE A 97  ? N PHE A 97  
C 1 2 O GLY A 67  ? O GLY A 67  N VAL A 37  ? N VAL A 37  
C 2 3 N ARG A 43  ? N ARG A 43  O ARG A 46  ? O ARG A 46  
C 3 4 N ARG A 51  ? N ARG A 51  O GLU A 132 ? O GLU A 132 
# 
loop_
_struct_site.id 
_struct_site.pdbx_evidence_code 
_struct_site.pdbx_auth_asym_id 
_struct_site.pdbx_auth_comp_id 
_struct_site.pdbx_auth_seq_id 
_struct_site.pdbx_auth_ins_code 
_struct_site.pdbx_num_residues 
_struct_site.details 
AC1 Software A MG  301 ? 3  'BINDING SITE FOR RESIDUE MG A 301'  
AC2 Software A AMP 619 ? 12 'BINDING SITE FOR RESIDUE AMP A 619' 
# 
loop_
_struct_site_gen.id 
_struct_site_gen.site_id 
_struct_site_gen.pdbx_num_res 
_struct_site_gen.label_comp_id 
_struct_site_gen.label_asym_id 
_struct_site_gen.label_seq_id 
_struct_site_gen.pdbx_auth_ins_code 
_struct_site_gen.auth_comp_id 
_struct_site_gen.auth_asym_id 
_struct_site_gen.auth_seq_id 
_struct_site_gen.label_atom_id 
_struct_site_gen.label_alt_id 
_struct_site_gen.symmetry 
_struct_site_gen.details 
1  AC1 3  GLY A 67  ? GLY A 67  . ? 1_555 ? 
2  AC1 3  LEU A 68  ? LEU A 68  . ? 1_555 ? 
3  AC1 3  AMP C .   ? AMP A 619 . ? 1_555 ? 
4  AC2 12 ARG A 18  ? ARG A 18  . ? 1_555 ? 
5  AC2 12 ILE A 19  ? ILE A 19  . ? 1_555 ? 
6  AC2 12 ARG A 27  ? ARG A 27  . ? 4_556 ? 
7  AC2 12 TYR A 28  ? TYR A 28  . ? 4_556 ? 
8  AC2 12 GLU A 29  ? GLU A 29  . ? 4_556 ? 
9  AC2 12 ARG A 54  ? ARG A 54  . ? 1_555 ? 
10 AC2 12 LEU A 68  ? LEU A 68  . ? 1_555 ? 
11 AC2 12 GLY A 104 ? GLY A 104 . ? 4_556 ? 
12 AC2 12 MG  B .   ? MG  A 301 . ? 1_555 ? 
13 AC2 12 HOH D .   ? HOH A 643 . ? 1_555 ? 
14 AC2 12 HOH D .   ? HOH A 644 . ? 1_555 ? 
15 AC2 12 HOH D .   ? HOH A 651 . ? 1_555 ? 
# 
loop_
_pdbx_validate_torsion.id 
_pdbx_validate_torsion.PDB_model_num 
_pdbx_validate_torsion.auth_comp_id 
_pdbx_validate_torsion.auth_asym_id 
_pdbx_validate_torsion.auth_seq_id 
_pdbx_validate_torsion.PDB_ins_code 
_pdbx_validate_torsion.label_alt_id 
_pdbx_validate_torsion.phi 
_pdbx_validate_torsion.psi 
1 1 LEU A 96  ? ? -106.10 -60.30 
2 1 SER A 102 ? ? -167.17 79.41  
3 1 PHE A 105 ? ? -143.58 -20.56 
# 
_pdbx_SG_project.id                    1 
_pdbx_SG_project.project_name          ? 
_pdbx_SG_project.full_name_of_center   'RIKEN Structural Genomics/Proteomics Initiative' 
_pdbx_SG_project.initial_of_center     RSGI 
# 
loop_
_pdbx_unobs_or_zero_occ_residues.id 
_pdbx_unobs_or_zero_occ_residues.PDB_model_num 
_pdbx_unobs_or_zero_occ_residues.polymer_flag 
_pdbx_unobs_or_zero_occ_residues.occupancy_flag 
_pdbx_unobs_or_zero_occ_residues.auth_asym_id 
_pdbx_unobs_or_zero_occ_residues.auth_comp_id 
_pdbx_unobs_or_zero_occ_residues.auth_seq_id 
_pdbx_unobs_or_zero_occ_residues.PDB_ins_code 
_pdbx_unobs_or_zero_occ_residues.label_asym_id 
_pdbx_unobs_or_zero_occ_residues.label_comp_id 
_pdbx_unobs_or_zero_occ_residues.label_seq_id 
1  1 Y 1 A MET 1   ? A MET 1   
2  1 Y 1 A GLY 2   ? A GLY 2   
3  1 Y 1 A ARG 3   ? A ARG 3   
4  1 Y 1 A VAL 4   ? A VAL 4   
5  1 Y 1 A TYR 5   ? A TYR 5   
6  1 Y 1 A TYR 6   ? A TYR 6   
7  1 Y 1 A GLY 7   ? A GLY 7   
8  1 Y 1 A GLY 8   ? A GLY 8   
9  1 Y 1 A VAL 9   ? A VAL 9   
10 1 Y 1 A GLU 10  ? A GLU 10  
11 1 Y 1 A ALA 123 ? A ALA 123 
12 1 Y 1 A HIS 124 ? A HIS 124 
13 1 Y 1 A PRO 125 ? A PRO 125 
14 1 Y 1 A ASP 126 ? A ASP 126 
15 1 Y 1 A GLU 127 ? A GLU 127 
16 1 Y 1 A ASP 128 ? A ASP 128 
17 1 Y 1 A GLU 129 ? A GLU 129 
18 1 Y 1 A ARG 170 ? A ARG 170 
# 
loop_
_chem_comp_atom.comp_id 
_chem_comp_atom.atom_id 
_chem_comp_atom.type_symbol 
_chem_comp_atom.pdbx_aromatic_flag 
_chem_comp_atom.pdbx_stereo_config 
_chem_comp_atom.pdbx_ordinal 
ALA N      N  N N 1   
ALA CA     C  N S 2   
ALA C      C  N N 3   
ALA O      O  N N 4   
ALA CB     C  N N 5   
ALA OXT    O  N N 6   
ALA H      H  N N 7   
ALA H2     H  N N 8   
ALA HA     H  N N 9   
ALA HB1    H  N N 10  
ALA HB2    H  N N 11  
ALA HB3    H  N N 12  
ALA HXT    H  N N 13  
AMP P      P  N N 14  
AMP O1P    O  N N 15  
AMP O2P    O  N N 16  
AMP O3P    O  N N 17  
AMP "O5'"  O  N N 18  
AMP "C5'"  C  N N 19  
AMP "C4'"  C  N R 20  
AMP "O4'"  O  N N 21  
AMP "C3'"  C  N S 22  
AMP "O3'"  O  N N 23  
AMP "C2'"  C  N R 24  
AMP "O2'"  O  N N 25  
AMP "C1'"  C  N R 26  
AMP N9     N  Y N 27  
AMP C8     C  Y N 28  
AMP N7     N  Y N 29  
AMP C5     C  Y N 30  
AMP C6     C  Y N 31  
AMP N6     N  N N 32  
AMP N1     N  Y N 33  
AMP C2     C  Y N 34  
AMP N3     N  Y N 35  
AMP C4     C  Y N 36  
AMP HOP2   H  N N 37  
AMP HOP3   H  N N 38  
AMP "H5'1" H  N N 39  
AMP "H5'2" H  N N 40  
AMP "H4'"  H  N N 41  
AMP "H3'"  H  N N 42  
AMP "HO3'" H  N N 43  
AMP "H2'"  H  N N 44  
AMP "HO2'" H  N N 45  
AMP "H1'"  H  N N 46  
AMP H8     H  N N 47  
AMP HN61   H  N N 48  
AMP HN62   H  N N 49  
AMP H2     H  N N 50  
ARG N      N  N N 51  
ARG CA     C  N S 52  
ARG C      C  N N 53  
ARG O      O  N N 54  
ARG CB     C  N N 55  
ARG CG     C  N N 56  
ARG CD     C  N N 57  
ARG NE     N  N N 58  
ARG CZ     C  N N 59  
ARG NH1    N  N N 60  
ARG NH2    N  N N 61  
ARG OXT    O  N N 62  
ARG H      H  N N 63  
ARG H2     H  N N 64  
ARG HA     H  N N 65  
ARG HB2    H  N N 66  
ARG HB3    H  N N 67  
ARG HG2    H  N N 68  
ARG HG3    H  N N 69  
ARG HD2    H  N N 70  
ARG HD3    H  N N 71  
ARG HE     H  N N 72  
ARG HH11   H  N N 73  
ARG HH12   H  N N 74  
ARG HH21   H  N N 75  
ARG HH22   H  N N 76  
ARG HXT    H  N N 77  
ASN N      N  N N 78  
ASN CA     C  N S 79  
ASN C      C  N N 80  
ASN O      O  N N 81  
ASN CB     C  N N 82  
ASN CG     C  N N 83  
ASN OD1    O  N N 84  
ASN ND2    N  N N 85  
ASN OXT    O  N N 86  
ASN H      H  N N 87  
ASN H2     H  N N 88  
ASN HA     H  N N 89  
ASN HB2    H  N N 90  
ASN HB3    H  N N 91  
ASN HD21   H  N N 92  
ASN HD22   H  N N 93  
ASN HXT    H  N N 94  
ASP N      N  N N 95  
ASP CA     C  N S 96  
ASP C      C  N N 97  
ASP O      O  N N 98  
ASP CB     C  N N 99  
ASP CG     C  N N 100 
ASP OD1    O  N N 101 
ASP OD2    O  N N 102 
ASP OXT    O  N N 103 
ASP H      H  N N 104 
ASP H2     H  N N 105 
ASP HA     H  N N 106 
ASP HB2    H  N N 107 
ASP HB3    H  N N 108 
ASP HD2    H  N N 109 
ASP HXT    H  N N 110 
GLN N      N  N N 111 
GLN CA     C  N S 112 
GLN C      C  N N 113 
GLN O      O  N N 114 
GLN CB     C  N N 115 
GLN CG     C  N N 116 
GLN CD     C  N N 117 
GLN OE1    O  N N 118 
GLN NE2    N  N N 119 
GLN OXT    O  N N 120 
GLN H      H  N N 121 
GLN H2     H  N N 122 
GLN HA     H  N N 123 
GLN HB2    H  N N 124 
GLN HB3    H  N N 125 
GLN HG2    H  N N 126 
GLN HG3    H  N N 127 
GLN HE21   H  N N 128 
GLN HE22   H  N N 129 
GLN HXT    H  N N 130 
GLU N      N  N N 131 
GLU CA     C  N S 132 
GLU C      C  N N 133 
GLU O      O  N N 134 
GLU CB     C  N N 135 
GLU CG     C  N N 136 
GLU CD     C  N N 137 
GLU OE1    O  N N 138 
GLU OE2    O  N N 139 
GLU OXT    O  N N 140 
GLU H      H  N N 141 
GLU H2     H  N N 142 
GLU HA     H  N N 143 
GLU HB2    H  N N 144 
GLU HB3    H  N N 145 
GLU HG2    H  N N 146 
GLU HG3    H  N N 147 
GLU HE2    H  N N 148 
GLU HXT    H  N N 149 
GLY N      N  N N 150 
GLY CA     C  N N 151 
GLY C      C  N N 152 
GLY O      O  N N 153 
GLY OXT    O  N N 154 
GLY H      H  N N 155 
GLY H2     H  N N 156 
GLY HA2    H  N N 157 
GLY HA3    H  N N 158 
GLY HXT    H  N N 159 
HIS N      N  N N 160 
HIS CA     C  N S 161 
HIS C      C  N N 162 
HIS O      O  N N 163 
HIS CB     C  N N 164 
HIS CG     C  Y N 165 
HIS ND1    N  Y N 166 
HIS CD2    C  Y N 167 
HIS CE1    C  Y N 168 
HIS NE2    N  Y N 169 
HIS OXT    O  N N 170 
HIS H      H  N N 171 
HIS H2     H  N N 172 
HIS HA     H  N N 173 
HIS HB2    H  N N 174 
HIS HB3    H  N N 175 
HIS HD1    H  N N 176 
HIS HD2    H  N N 177 
HIS HE1    H  N N 178 
HIS HE2    H  N N 179 
HIS HXT    H  N N 180 
HOH O      O  N N 181 
HOH H1     H  N N 182 
HOH H2     H  N N 183 
ILE N      N  N N 184 
ILE CA     C  N S 185 
ILE C      C  N N 186 
ILE O      O  N N 187 
ILE CB     C  N S 188 
ILE CG1    C  N N 189 
ILE CG2    C  N N 190 
ILE CD1    C  N N 191 
ILE OXT    O  N N 192 
ILE H      H  N N 193 
ILE H2     H  N N 194 
ILE HA     H  N N 195 
ILE HB     H  N N 196 
ILE HG12   H  N N 197 
ILE HG13   H  N N 198 
ILE HG21   H  N N 199 
ILE HG22   H  N N 200 
ILE HG23   H  N N 201 
ILE HD11   H  N N 202 
ILE HD12   H  N N 203 
ILE HD13   H  N N 204 
ILE HXT    H  N N 205 
LEU N      N  N N 206 
LEU CA     C  N S 207 
LEU C      C  N N 208 
LEU O      O  N N 209 
LEU CB     C  N N 210 
LEU CG     C  N N 211 
LEU CD1    C  N N 212 
LEU CD2    C  N N 213 
LEU OXT    O  N N 214 
LEU H      H  N N 215 
LEU H2     H  N N 216 
LEU HA     H  N N 217 
LEU HB2    H  N N 218 
LEU HB3    H  N N 219 
LEU HG     H  N N 220 
LEU HD11   H  N N 221 
LEU HD12   H  N N 222 
LEU HD13   H  N N 223 
LEU HD21   H  N N 224 
LEU HD22   H  N N 225 
LEU HD23   H  N N 226 
LEU HXT    H  N N 227 
LYS N      N  N N 228 
LYS CA     C  N S 229 
LYS C      C  N N 230 
LYS O      O  N N 231 
LYS CB     C  N N 232 
LYS CG     C  N N 233 
LYS CD     C  N N 234 
LYS CE     C  N N 235 
LYS NZ     N  N N 236 
LYS OXT    O  N N 237 
LYS H      H  N N 238 
LYS H2     H  N N 239 
LYS HA     H  N N 240 
LYS HB2    H  N N 241 
LYS HB3    H  N N 242 
LYS HG2    H  N N 243 
LYS HG3    H  N N 244 
LYS HD2    H  N N 245 
LYS HD3    H  N N 246 
LYS HE2    H  N N 247 
LYS HE3    H  N N 248 
LYS HZ1    H  N N 249 
LYS HZ2    H  N N 250 
LYS HZ3    H  N N 251 
LYS HXT    H  N N 252 
MET N      N  N N 253 
MET CA     C  N S 254 
MET C      C  N N 255 
MET O      O  N N 256 
MET CB     C  N N 257 
MET CG     C  N N 258 
MET SD     S  N N 259 
MET CE     C  N N 260 
MET OXT    O  N N 261 
MET H      H  N N 262 
MET H2     H  N N 263 
MET HA     H  N N 264 
MET HB2    H  N N 265 
MET HB3    H  N N 266 
MET HG2    H  N N 267 
MET HG3    H  N N 268 
MET HE1    H  N N 269 
MET HE2    H  N N 270 
MET HE3    H  N N 271 
MET HXT    H  N N 272 
MG  MG     MG N N 273 
PHE N      N  N N 274 
PHE CA     C  N S 275 
PHE C      C  N N 276 
PHE O      O  N N 277 
PHE CB     C  N N 278 
PHE CG     C  Y N 279 
PHE CD1    C  Y N 280 
PHE CD2    C  Y N 281 
PHE CE1    C  Y N 282 
PHE CE2    C  Y N 283 
PHE CZ     C  Y N 284 
PHE OXT    O  N N 285 
PHE H      H  N N 286 
PHE H2     H  N N 287 
PHE HA     H  N N 288 
PHE HB2    H  N N 289 
PHE HB3    H  N N 290 
PHE HD1    H  N N 291 
PHE HD2    H  N N 292 
PHE HE1    H  N N 293 
PHE HE2    H  N N 294 
PHE HZ     H  N N 295 
PHE HXT    H  N N 296 
PRO N      N  N N 297 
PRO CA     C  N S 298 
PRO C      C  N N 299 
PRO O      O  N N 300 
PRO CB     C  N N 301 
PRO CG     C  N N 302 
PRO CD     C  N N 303 
PRO OXT    O  N N 304 
PRO H      H  N N 305 
PRO HA     H  N N 306 
PRO HB2    H  N N 307 
PRO HB3    H  N N 308 
PRO HG2    H  N N 309 
PRO HG3    H  N N 310 
PRO HD2    H  N N 311 
PRO HD3    H  N N 312 
PRO HXT    H  N N 313 
SER N      N  N N 314 
SER CA     C  N S 315 
SER C      C  N N 316 
SER O      O  N N 317 
SER CB     C  N N 318 
SER OG     O  N N 319 
SER OXT    O  N N 320 
SER H      H  N N 321 
SER H2     H  N N 322 
SER HA     H  N N 323 
SER HB2    H  N N 324 
SER HB3    H  N N 325 
SER HG     H  N N 326 
SER HXT    H  N N 327 
THR N      N  N N 328 
THR CA     C  N S 329 
THR C      C  N N 330 
THR O      O  N N 331 
THR CB     C  N R 332 
THR OG1    O  N N 333 
THR CG2    C  N N 334 
THR OXT    O  N N 335 
THR H      H  N N 336 
THR H2     H  N N 337 
THR HA     H  N N 338 
THR HB     H  N N 339 
THR HG1    H  N N 340 
THR HG21   H  N N 341 
THR HG22   H  N N 342 
THR HG23   H  N N 343 
THR HXT    H  N N 344 
TRP N      N  N N 345 
TRP CA     C  N S 346 
TRP C      C  N N 347 
TRP O      O  N N 348 
TRP CB     C  N N 349 
TRP CG     C  Y N 350 
TRP CD1    C  Y N 351 
TRP CD2    C  Y N 352 
TRP NE1    N  Y N 353 
TRP CE2    C  Y N 354 
TRP CE3    C  Y N 355 
TRP CZ2    C  Y N 356 
TRP CZ3    C  Y N 357 
TRP CH2    C  Y N 358 
TRP OXT    O  N N 359 
TRP H      H  N N 360 
TRP H2     H  N N 361 
TRP HA     H  N N 362 
TRP HB2    H  N N 363 
TRP HB3    H  N N 364 
TRP HD1    H  N N 365 
TRP HE1    H  N N 366 
TRP HE3    H  N N 367 
TRP HZ2    H  N N 368 
TRP HZ3    H  N N 369 
TRP HH2    H  N N 370 
TRP HXT    H  N N 371 
TYR N      N  N N 372 
TYR CA     C  N S 373 
TYR C      C  N N 374 
TYR O      O  N N 375 
TYR CB     C  N N 376 
TYR CG     C  Y N 377 
TYR CD1    C  Y N 378 
TYR CD2    C  Y N 379 
TYR CE1    C  Y N 380 
TYR CE2    C  Y N 381 
TYR CZ     C  Y N 382 
TYR OH     O  N N 383 
TYR OXT    O  N N 384 
TYR H      H  N N 385 
TYR H2     H  N N 386 
TYR HA     H  N N 387 
TYR HB2    H  N N 388 
TYR HB3    H  N N 389 
TYR HD1    H  N N 390 
TYR HD2    H  N N 391 
TYR HE1    H  N N 392 
TYR HE2    H  N N 393 
TYR HH     H  N N 394 
TYR HXT    H  N N 395 
VAL N      N  N N 396 
VAL CA     C  N S 397 
VAL C      C  N N 398 
VAL O      O  N N 399 
VAL CB     C  N N 400 
VAL CG1    C  N N 401 
VAL CG2    C  N N 402 
VAL OXT    O  N N 403 
VAL H      H  N N 404 
VAL H2     H  N N 405 
VAL HA     H  N N 406 
VAL HB     H  N N 407 
VAL HG11   H  N N 408 
VAL HG12   H  N N 409 
VAL HG13   H  N N 410 
VAL HG21   H  N N 411 
VAL HG22   H  N N 412 
VAL HG23   H  N N 413 
VAL HXT    H  N N 414 
# 
loop_
_chem_comp_bond.comp_id 
_chem_comp_bond.atom_id_1 
_chem_comp_bond.atom_id_2 
_chem_comp_bond.value_order 
_chem_comp_bond.pdbx_aromatic_flag 
_chem_comp_bond.pdbx_stereo_config 
_chem_comp_bond.pdbx_ordinal 
ALA N     CA     sing N N 1   
ALA N     H      sing N N 2   
ALA N     H2     sing N N 3   
ALA CA    C      sing N N 4   
ALA CA    CB     sing N N 5   
ALA CA    HA     sing N N 6   
ALA C     O      doub N N 7   
ALA C     OXT    sing N N 8   
ALA CB    HB1    sing N N 9   
ALA CB    HB2    sing N N 10  
ALA CB    HB3    sing N N 11  
ALA OXT   HXT    sing N N 12  
AMP P     O1P    doub N N 13  
AMP P     O2P    sing N N 14  
AMP P     O3P    sing N N 15  
AMP P     "O5'"  sing N N 16  
AMP O2P   HOP2   sing N N 17  
AMP O3P   HOP3   sing N N 18  
AMP "O5'" "C5'"  sing N N 19  
AMP "C5'" "C4'"  sing N N 20  
AMP "C5'" "H5'1" sing N N 21  
AMP "C5'" "H5'2" sing N N 22  
AMP "C4'" "O4'"  sing N N 23  
AMP "C4'" "C3'"  sing N N 24  
AMP "C4'" "H4'"  sing N N 25  
AMP "O4'" "C1'"  sing N N 26  
AMP "C3'" "O3'"  sing N N 27  
AMP "C3'" "C2'"  sing N N 28  
AMP "C3'" "H3'"  sing N N 29  
AMP "O3'" "HO3'" sing N N 30  
AMP "C2'" "O2'"  sing N N 31  
AMP "C2'" "C1'"  sing N N 32  
AMP "C2'" "H2'"  sing N N 33  
AMP "O2'" "HO2'" sing N N 34  
AMP "C1'" N9     sing N N 35  
AMP "C1'" "H1'"  sing N N 36  
AMP N9    C8     sing Y N 37  
AMP N9    C4     sing Y N 38  
AMP C8    N7     doub Y N 39  
AMP C8    H8     sing N N 40  
AMP N7    C5     sing Y N 41  
AMP C5    C6     sing Y N 42  
AMP C5    C4     doub Y N 43  
AMP C6    N6     sing N N 44  
AMP C6    N1     doub Y N 45  
AMP N6    HN61   sing N N 46  
AMP N6    HN62   sing N N 47  
AMP N1    C2     sing Y N 48  
AMP C2    N3     doub Y N 49  
AMP C2    H2     sing N N 50  
AMP N3    C4     sing Y N 51  
ARG N     CA     sing N N 52  
ARG N     H      sing N N 53  
ARG N     H2     sing N N 54  
ARG CA    C      sing N N 55  
ARG CA    CB     sing N N 56  
ARG CA    HA     sing N N 57  
ARG C     O      doub N N 58  
ARG C     OXT    sing N N 59  
ARG CB    CG     sing N N 60  
ARG CB    HB2    sing N N 61  
ARG CB    HB3    sing N N 62  
ARG CG    CD     sing N N 63  
ARG CG    HG2    sing N N 64  
ARG CG    HG3    sing N N 65  
ARG CD    NE     sing N N 66  
ARG CD    HD2    sing N N 67  
ARG CD    HD3    sing N N 68  
ARG NE    CZ     sing N N 69  
ARG NE    HE     sing N N 70  
ARG CZ    NH1    sing N N 71  
ARG CZ    NH2    doub N N 72  
ARG NH1   HH11   sing N N 73  
ARG NH1   HH12   sing N N 74  
ARG NH2   HH21   sing N N 75  
ARG NH2   HH22   sing N N 76  
ARG OXT   HXT    sing N N 77  
ASN N     CA     sing N N 78  
ASN N     H      sing N N 79  
ASN N     H2     sing N N 80  
ASN CA    C      sing N N 81  
ASN CA    CB     sing N N 82  
ASN CA    HA     sing N N 83  
ASN C     O      doub N N 84  
ASN C     OXT    sing N N 85  
ASN CB    CG     sing N N 86  
ASN CB    HB2    sing N N 87  
ASN CB    HB3    sing N N 88  
ASN CG    OD1    doub N N 89  
ASN CG    ND2    sing N N 90  
ASN ND2   HD21   sing N N 91  
ASN ND2   HD22   sing N N 92  
ASN OXT   HXT    sing N N 93  
ASP N     CA     sing N N 94  
ASP N     H      sing N N 95  
ASP N     H2     sing N N 96  
ASP CA    C      sing N N 97  
ASP CA    CB     sing N N 98  
ASP CA    HA     sing N N 99  
ASP C     O      doub N N 100 
ASP C     OXT    sing N N 101 
ASP CB    CG     sing N N 102 
ASP CB    HB2    sing N N 103 
ASP CB    HB3    sing N N 104 
ASP CG    OD1    doub N N 105 
ASP CG    OD2    sing N N 106 
ASP OD2   HD2    sing N N 107 
ASP OXT   HXT    sing N N 108 
GLN N     CA     sing N N 109 
GLN N     H      sing N N 110 
GLN N     H2     sing N N 111 
GLN CA    C      sing N N 112 
GLN CA    CB     sing N N 113 
GLN CA    HA     sing N N 114 
GLN C     O      doub N N 115 
GLN C     OXT    sing N N 116 
GLN CB    CG     sing N N 117 
GLN CB    HB2    sing N N 118 
GLN CB    HB3    sing N N 119 
GLN CG    CD     sing N N 120 
GLN CG    HG2    sing N N 121 
GLN CG    HG3    sing N N 122 
GLN CD    OE1    doub N N 123 
GLN CD    NE2    sing N N 124 
GLN NE2   HE21   sing N N 125 
GLN NE2   HE22   sing N N 126 
GLN OXT   HXT    sing N N 127 
GLU N     CA     sing N N 128 
GLU N     H      sing N N 129 
GLU N     H2     sing N N 130 
GLU CA    C      sing N N 131 
GLU CA    CB     sing N N 132 
GLU CA    HA     sing N N 133 
GLU C     O      doub N N 134 
GLU C     OXT    sing N N 135 
GLU CB    CG     sing N N 136 
GLU CB    HB2    sing N N 137 
GLU CB    HB3    sing N N 138 
GLU CG    CD     sing N N 139 
GLU CG    HG2    sing N N 140 
GLU CG    HG3    sing N N 141 
GLU CD    OE1    doub N N 142 
GLU CD    OE2    sing N N 143 
GLU OE2   HE2    sing N N 144 
GLU OXT   HXT    sing N N 145 
GLY N     CA     sing N N 146 
GLY N     H      sing N N 147 
GLY N     H2     sing N N 148 
GLY CA    C      sing N N 149 
GLY CA    HA2    sing N N 150 
GLY CA    HA3    sing N N 151 
GLY C     O      doub N N 152 
GLY C     OXT    sing N N 153 
GLY OXT   HXT    sing N N 154 
HIS N     CA     sing N N 155 
HIS N     H      sing N N 156 
HIS N     H2     sing N N 157 
HIS CA    C      sing N N 158 
HIS CA    CB     sing N N 159 
HIS CA    HA     sing N N 160 
HIS C     O      doub N N 161 
HIS C     OXT    sing N N 162 
HIS CB    CG     sing N N 163 
HIS CB    HB2    sing N N 164 
HIS CB    HB3    sing N N 165 
HIS CG    ND1    sing Y N 166 
HIS CG    CD2    doub Y N 167 
HIS ND1   CE1    doub Y N 168 
HIS ND1   HD1    sing N N 169 
HIS CD2   NE2    sing Y N 170 
HIS CD2   HD2    sing N N 171 
HIS CE1   NE2    sing Y N 172 
HIS CE1   HE1    sing N N 173 
HIS NE2   HE2    sing N N 174 
HIS OXT   HXT    sing N N 175 
HOH O     H1     sing N N 176 
HOH O     H2     sing N N 177 
ILE N     CA     sing N N 178 
ILE N     H      sing N N 179 
ILE N     H2     sing N N 180 
ILE CA    C      sing N N 181 
ILE CA    CB     sing N N 182 
ILE CA    HA     sing N N 183 
ILE C     O      doub N N 184 
ILE C     OXT    sing N N 185 
ILE CB    CG1    sing N N 186 
ILE CB    CG2    sing N N 187 
ILE CB    HB     sing N N 188 
ILE CG1   CD1    sing N N 189 
ILE CG1   HG12   sing N N 190 
ILE CG1   HG13   sing N N 191 
ILE CG2   HG21   sing N N 192 
ILE CG2   HG22   sing N N 193 
ILE CG2   HG23   sing N N 194 
ILE CD1   HD11   sing N N 195 
ILE CD1   HD12   sing N N 196 
ILE CD1   HD13   sing N N 197 
ILE OXT   HXT    sing N N 198 
LEU N     CA     sing N N 199 
LEU N     H      sing N N 200 
LEU N     H2     sing N N 201 
LEU CA    C      sing N N 202 
LEU CA    CB     sing N N 203 
LEU CA    HA     sing N N 204 
LEU C     O      doub N N 205 
LEU C     OXT    sing N N 206 
LEU CB    CG     sing N N 207 
LEU CB    HB2    sing N N 208 
LEU CB    HB3    sing N N 209 
LEU CG    CD1    sing N N 210 
LEU CG    CD2    sing N N 211 
LEU CG    HG     sing N N 212 
LEU CD1   HD11   sing N N 213 
LEU CD1   HD12   sing N N 214 
LEU CD1   HD13   sing N N 215 
LEU CD2   HD21   sing N N 216 
LEU CD2   HD22   sing N N 217 
LEU CD2   HD23   sing N N 218 
LEU OXT   HXT    sing N N 219 
LYS N     CA     sing N N 220 
LYS N     H      sing N N 221 
LYS N     H2     sing N N 222 
LYS CA    C      sing N N 223 
LYS CA    CB     sing N N 224 
LYS CA    HA     sing N N 225 
LYS C     O      doub N N 226 
LYS C     OXT    sing N N 227 
LYS CB    CG     sing N N 228 
LYS CB    HB2    sing N N 229 
LYS CB    HB3    sing N N 230 
LYS CG    CD     sing N N 231 
LYS CG    HG2    sing N N 232 
LYS CG    HG3    sing N N 233 
LYS CD    CE     sing N N 234 
LYS CD    HD2    sing N N 235 
LYS CD    HD3    sing N N 236 
LYS CE    NZ     sing N N 237 
LYS CE    HE2    sing N N 238 
LYS CE    HE3    sing N N 239 
LYS NZ    HZ1    sing N N 240 
LYS NZ    HZ2    sing N N 241 
LYS NZ    HZ3    sing N N 242 
LYS OXT   HXT    sing N N 243 
MET N     CA     sing N N 244 
MET N     H      sing N N 245 
MET N     H2     sing N N 246 
MET CA    C      sing N N 247 
MET CA    CB     sing N N 248 
MET CA    HA     sing N N 249 
MET C     O      doub N N 250 
MET C     OXT    sing N N 251 
MET CB    CG     sing N N 252 
MET CB    HB2    sing N N 253 
MET CB    HB3    sing N N 254 
MET CG    SD     sing N N 255 
MET CG    HG2    sing N N 256 
MET CG    HG3    sing N N 257 
MET SD    CE     sing N N 258 
MET CE    HE1    sing N N 259 
MET CE    HE2    sing N N 260 
MET CE    HE3    sing N N 261 
MET OXT   HXT    sing N N 262 
PHE N     CA     sing N N 263 
PHE N     H      sing N N 264 
PHE N     H2     sing N N 265 
PHE CA    C      sing N N 266 
PHE CA    CB     sing N N 267 
PHE CA    HA     sing N N 268 
PHE C     O      doub N N 269 
PHE C     OXT    sing N N 270 
PHE CB    CG     sing N N 271 
PHE CB    HB2    sing N N 272 
PHE CB    HB3    sing N N 273 
PHE CG    CD1    doub Y N 274 
PHE CG    CD2    sing Y N 275 
PHE CD1   CE1    sing Y N 276 
PHE CD1   HD1    sing N N 277 
PHE CD2   CE2    doub Y N 278 
PHE CD2   HD2    sing N N 279 
PHE CE1   CZ     doub Y N 280 
PHE CE1   HE1    sing N N 281 
PHE CE2   CZ     sing Y N 282 
PHE CE2   HE2    sing N N 283 
PHE CZ    HZ     sing N N 284 
PHE OXT   HXT    sing N N 285 
PRO N     CA     sing N N 286 
PRO N     CD     sing N N 287 
PRO N     H      sing N N 288 
PRO CA    C      sing N N 289 
PRO CA    CB     sing N N 290 
PRO CA    HA     sing N N 291 
PRO C     O      doub N N 292 
PRO C     OXT    sing N N 293 
PRO CB    CG     sing N N 294 
PRO CB    HB2    sing N N 295 
PRO CB    HB3    sing N N 296 
PRO CG    CD     sing N N 297 
PRO CG    HG2    sing N N 298 
PRO CG    HG3    sing N N 299 
PRO CD    HD2    sing N N 300 
PRO CD    HD3    sing N N 301 
PRO OXT   HXT    sing N N 302 
SER N     CA     sing N N 303 
SER N     H      sing N N 304 
SER N     H2     sing N N 305 
SER CA    C      sing N N 306 
SER CA    CB     sing N N 307 
SER CA    HA     sing N N 308 
SER C     O      doub N N 309 
SER C     OXT    sing N N 310 
SER CB    OG     sing N N 311 
SER CB    HB2    sing N N 312 
SER CB    HB3    sing N N 313 
SER OG    HG     sing N N 314 
SER OXT   HXT    sing N N 315 
THR N     CA     sing N N 316 
THR N     H      sing N N 317 
THR N     H2     sing N N 318 
THR CA    C      sing N N 319 
THR CA    CB     sing N N 320 
THR CA    HA     sing N N 321 
THR C     O      doub N N 322 
THR C     OXT    sing N N 323 
THR CB    OG1    sing N N 324 
THR CB    CG2    sing N N 325 
THR CB    HB     sing N N 326 
THR OG1   HG1    sing N N 327 
THR CG2   HG21   sing N N 328 
THR CG2   HG22   sing N N 329 
THR CG2   HG23   sing N N 330 
THR OXT   HXT    sing N N 331 
TRP N     CA     sing N N 332 
TRP N     H      sing N N 333 
TRP N     H2     sing N N 334 
TRP CA    C      sing N N 335 
TRP CA    CB     sing N N 336 
TRP CA    HA     sing N N 337 
TRP C     O      doub N N 338 
TRP C     OXT    sing N N 339 
TRP CB    CG     sing N N 340 
TRP CB    HB2    sing N N 341 
TRP CB    HB3    sing N N 342 
TRP CG    CD1    doub Y N 343 
TRP CG    CD2    sing Y N 344 
TRP CD1   NE1    sing Y N 345 
TRP CD1   HD1    sing N N 346 
TRP CD2   CE2    doub Y N 347 
TRP CD2   CE3    sing Y N 348 
TRP NE1   CE2    sing Y N 349 
TRP NE1   HE1    sing N N 350 
TRP CE2   CZ2    sing Y N 351 
TRP CE3   CZ3    doub Y N 352 
TRP CE3   HE3    sing N N 353 
TRP CZ2   CH2    doub Y N 354 
TRP CZ2   HZ2    sing N N 355 
TRP CZ3   CH2    sing Y N 356 
TRP CZ3   HZ3    sing N N 357 
TRP CH2   HH2    sing N N 358 
TRP OXT   HXT    sing N N 359 
TYR N     CA     sing N N 360 
TYR N     H      sing N N 361 
TYR N     H2     sing N N 362 
TYR CA    C      sing N N 363 
TYR CA    CB     sing N N 364 
TYR CA    HA     sing N N 365 
TYR C     O      doub N N 366 
TYR C     OXT    sing N N 367 
TYR CB    CG     sing N N 368 
TYR CB    HB2    sing N N 369 
TYR CB    HB3    sing N N 370 
TYR CG    CD1    doub Y N 371 
TYR CG    CD2    sing Y N 372 
TYR CD1   CE1    sing Y N 373 
TYR CD1   HD1    sing N N 374 
TYR CD2   CE2    doub Y N 375 
TYR CD2   HD2    sing N N 376 
TYR CE1   CZ     doub Y N 377 
TYR CE1   HE1    sing N N 378 
TYR CE2   CZ     sing Y N 379 
TYR CE2   HE2    sing N N 380 
TYR CZ    OH     sing N N 381 
TYR OH    HH     sing N N 382 
TYR OXT   HXT    sing N N 383 
VAL N     CA     sing N N 384 
VAL N     H      sing N N 385 
VAL N     H2     sing N N 386 
VAL CA    C      sing N N 387 
VAL CA    CB     sing N N 388 
VAL CA    HA     sing N N 389 
VAL C     O      doub N N 390 
VAL C     OXT    sing N N 391 
VAL CB    CG1    sing N N 392 
VAL CB    CG2    sing N N 393 
VAL CB    HB     sing N N 394 
VAL CG1   HG11   sing N N 395 
VAL CG1   HG12   sing N N 396 
VAL CG1   HG13   sing N N 397 
VAL CG2   HG21   sing N N 398 
VAL CG2   HG22   sing N N 399 
VAL CG2   HG23   sing N N 400 
VAL OXT   HXT    sing N N 401 
# 
_atom_sites.entry_id                    1V8S 
_atom_sites.fract_transf_matrix[1][1]   -0.01855977 
_atom_sites.fract_transf_matrix[1][2]   -0.01317666 
_atom_sites.fract_transf_matrix[1][3]   -0.00456553 
_atom_sites.fract_transf_matrix[2][1]   -0.00255214 
_atom_sites.fract_transf_matrix[2][2]   -0.02051463 
_atom_sites.fract_transf_matrix[2][3]   0.01056280 
_atom_sites.fract_transf_matrix[3][1]   -0.00422346 
_atom_sites.fract_transf_matrix[3][2]   0.00376731 
_atom_sites.fract_transf_matrix[3][3]   0.00629626 
_atom_sites.fract_transf_vector[1]      0.450453 
_atom_sites.fract_transf_vector[2]      0.420134 
_atom_sites.fract_transf_vector[3]      0.425485 
# 
loop_
_atom_type.symbol 
C  
MG 
N  
O  
P  
S  
# 
loop_
_atom_site.group_PDB 
_atom_site.id 
_atom_site.type_symbol 
_atom_site.label_atom_id 
_atom_site.label_alt_id 
_atom_site.label_comp_id 
_atom_site.label_asym_id 
_atom_site.label_entity_id 
_atom_site.label_seq_id 
_atom_site.pdbx_PDB_ins_code 
_atom_site.Cartn_x 
_atom_site.Cartn_y 
_atom_site.Cartn_z 
_atom_site.occupancy 
_atom_site.B_iso_or_equiv 
_atom_site.pdbx_formal_charge 
_atom_site.auth_seq_id 
_atom_site.auth_comp_id 
_atom_site.auth_asym_id 
_atom_site.auth_atom_id 
_atom_site.pdbx_PDB_model_num 
ATOM   1    N  N     . ARG A 1 11  ? -4.898  29.119  1.195   1.00 33.51 ? 11  ARG A N     1 
ATOM   2    C  CA    . ARG A 1 11  ? -3.767  28.169  1.377   1.00 33.28 ? 11  ARG A CA    1 
ATOM   3    C  C     . ARG A 1 11  ? -2.491  28.696  0.724   1.00 34.12 ? 11  ARG A C     1 
ATOM   4    O  O     . ARG A 1 11  ? -2.492  29.057  -0.451  1.00 35.00 ? 11  ARG A O     1 
ATOM   5    C  CB    . ARG A 1 11  ? -4.133  26.804  0.779   1.00 33.14 ? 11  ARG A CB    1 
ATOM   6    C  CG    . ARG A 1 11  ? -3.052  25.749  0.935   1.00 31.31 ? 11  ARG A CG    1 
ATOM   7    C  CD    . ARG A 1 11  ? -3.497  24.382  0.426   1.00 32.45 ? 11  ARG A CD    1 
ATOM   8    N  NE    . ARG A 1 11  ? -4.544  23.779  1.250   1.00 31.37 ? 11  ARG A NE    1 
ATOM   9    C  CZ    . ARG A 1 11  ? -4.979  22.529  1.105   1.00 32.01 ? 11  ARG A CZ    1 
ATOM   10   N  NH1   . ARG A 1 11  ? -4.453  21.749  0.169   1.00 31.99 ? 11  ARG A NH1   1 
ATOM   11   N  NH2   . ARG A 1 11  ? -5.942  22.060  1.888   1.00 30.79 ? 11  ARG A NH2   1 
ATOM   12   N  N     . THR A 1 12  ? -1.406  28.743  1.494   1.00 34.05 ? 12  THR A N     1 
ATOM   13   C  CA    . THR A 1 12  ? -0.121  29.217  0.988   1.00 35.68 ? 12  THR A CA    1 
ATOM   14   C  C     . THR A 1 12  ? 0.877   28.060  0.982   1.00 35.62 ? 12  THR A C     1 
ATOM   15   O  O     . THR A 1 12  ? 0.752   27.127  1.772   1.00 36.14 ? 12  THR A O     1 
ATOM   16   C  CB    . THR A 1 12  ? 0.445   30.356  1.860   1.00 37.24 ? 12  THR A CB    1 
ATOM   17   O  OG1   . THR A 1 12  ? 0.740   29.859  3.170   1.00 39.48 ? 12  THR A OG1   1 
ATOM   18   C  CG2   . THR A 1 12  ? -0.569  31.485  1.976   1.00 38.41 ? 12  THR A CG2   1 
ATOM   19   N  N     . TYR A 1 13  ? 1.869   28.125  0.099   1.00 34.21 ? 13  TYR A N     1 
ATOM   20   C  CA    . TYR A 1 13  ? 2.853   27.055  0.001   1.00 32.45 ? 13  TYR A CA    1 
ATOM   21   C  C     . TYR A 1 13  ? 4.265   27.424  0.443   1.00 32.59 ? 13  TYR A C     1 
ATOM   22   O  O     . TYR A 1 13  ? 4.800   28.473  0.073   1.00 33.81 ? 13  TYR A O     1 
ATOM   23   C  CB    . TYR A 1 13  ? 2.881   26.514  -1.431  1.00 31.35 ? 13  TYR A CB    1 
ATOM   24   C  CG    . TYR A 1 13  ? 1.563   25.902  -1.851  1.00 30.56 ? 13  TYR A CG    1 
ATOM   25   C  CD1   . TYR A 1 13  ? 0.466   26.706  -2.163  1.00 28.43 ? 13  TYR A CD1   1 
ATOM   26   C  CD2   . TYR A 1 13  ? 1.394   24.513  -1.873  1.00 29.16 ? 13  TYR A CD2   1 
ATOM   27   C  CE1   . TYR A 1 13  ? -0.767  26.147  -2.481  1.00 28.72 ? 13  TYR A CE1   1 
ATOM   28   C  CE2   . TYR A 1 13  ? 0.163   23.944  -2.188  1.00 29.00 ? 13  TYR A CE2   1 
ATOM   29   C  CZ    . TYR A 1 13  ? -0.911  24.766  -2.489  1.00 29.23 ? 13  TYR A CZ    1 
ATOM   30   O  OH    . TYR A 1 13  ? -2.131  24.211  -2.786  1.00 30.42 ? 13  TYR A OH    1 
ATOM   31   N  N     . LEU A 1 14  ? 4.862   26.539  1.235   1.00 29.93 ? 14  LEU A N     1 
ATOM   32   C  CA    . LEU A 1 14  ? 6.210   26.731  1.749   1.00 28.85 ? 14  LEU A CA    1 
ATOM   33   C  C     . LEU A 1 14  ? 7.197   25.850  0.993   1.00 29.38 ? 14  LEU A C     1 
ATOM   34   O  O     . LEU A 1 14  ? 8.411   26.047  1.081   1.00 29.93 ? 14  LEU A O     1 
ATOM   35   C  CB    . LEU A 1 14  ? 6.269   26.366  3.232   1.00 27.97 ? 14  LEU A CB    1 
ATOM   36   C  CG    . LEU A 1 14  ? 5.267   26.994  4.198   1.00 27.25 ? 14  LEU A CG    1 
ATOM   37   C  CD1   . LEU A 1 14  ? 5.547   26.457  5.589   1.00 27.84 ? 14  LEU A CD1   1 
ATOM   38   C  CD2   . LEU A 1 14  ? 5.383   28.514  4.181   1.00 29.43 ? 14  LEU A CD2   1 
ATOM   39   N  N     . TYR A 1 15  ? 6.672   24.876  0.255   1.00 28.93 ? 15  TYR A N     1 
ATOM   40   C  CA    . TYR A 1 15  ? 7.511   23.950  -0.496  1.00 29.14 ? 15  TYR A CA    1 
ATOM   41   C  C     . TYR A 1 15  ? 6.712   23.127  -1.501  1.00 29.75 ? 15  TYR A C     1 
ATOM   42   O  O     . TYR A 1 15  ? 5.574   22.738  -1.238  1.00 31.79 ? 15  TYR A O     1 
ATOM   43   C  CB    . TYR A 1 15  ? 8.221   22.998  0.467   1.00 27.83 ? 15  TYR A CB    1 
ATOM   44   C  CG    . TYR A 1 15  ? 9.056   21.929  -0.206  1.00 28.66 ? 15  TYR A CG    1 
ATOM   45   C  CD1   . TYR A 1 15  ? 10.311  22.223  -0.734  1.00 27.19 ? 15  TYR A CD1   1 
ATOM   46   C  CD2   . TYR A 1 15  ? 8.593   20.616  -0.305  1.00 28.00 ? 15  TYR A CD2   1 
ATOM   47   C  CE1   . TYR A 1 15  ? 11.087  21.237  -1.337  1.00 27.57 ? 15  TYR A CE1   1 
ATOM   48   C  CE2   . TYR A 1 15  ? 9.362   19.621  -0.909  1.00 27.15 ? 15  TYR A CE2   1 
ATOM   49   C  CZ    . TYR A 1 15  ? 10.607  19.940  -1.420  1.00 27.77 ? 15  TYR A CZ    1 
ATOM   50   O  OH    . TYR A 1 15  ? 11.378  18.962  -2.006  1.00 27.38 ? 15  TYR A OH    1 
ATOM   51   N  N     . ARG A 1 16  ? 7.325   22.871  -2.651  1.00 29.12 ? 16  ARG A N     1 
ATOM   52   C  CA    . ARG A 1 16  ? 6.726   22.070  -3.713  1.00 29.43 ? 16  ARG A CA    1 
ATOM   53   C  C     . ARG A 1 16  ? 7.802   21.085  -4.157  1.00 29.82 ? 16  ARG A C     1 
ATOM   54   O  O     . ARG A 1 16  ? 8.803   21.479  -4.756  1.00 29.35 ? 16  ARG A O     1 
ATOM   55   C  CB    . ARG A 1 16  ? 6.309   22.956  -4.886  1.00 30.85 ? 16  ARG A CB    1 
ATOM   56   C  CG    . ARG A 1 16  ? 5.091   23.817  -4.603  1.00 32.30 ? 16  ARG A CG    1 
ATOM   57   C  CD    . ARG A 1 16  ? 4.754   24.716  -5.780  1.00 35.04 ? 16  ARG A CD    1 
ATOM   58   N  NE    . ARG A 1 16  ? 3.488   25.420  -5.577  1.00 37.72 ? 16  ARG A NE    1 
ATOM   59   C  CZ    . ARG A 1 16  ? 2.301   24.822  -5.515  1.00 38.57 ? 16  ARG A CZ    1 
ATOM   60   N  NH1   . ARG A 1 16  ? 2.208   23.504  -5.647  1.00 38.74 ? 16  ARG A NH1   1 
ATOM   61   N  NH2   . ARG A 1 16  ? 1.205   25.542  -5.313  1.00 38.68 ? 16  ARG A NH2   1 
ATOM   62   N  N     . GLY A 1 17  ? 7.604   19.806  -3.853  1.00 28.89 ? 17  GLY A N     1 
ATOM   63   C  CA    . GLY A 1 17  ? 8.600   18.815  -4.212  1.00 28.38 ? 17  GLY A CA    1 
ATOM   64   C  C     . GLY A 1 17  ? 8.144   17.723  -5.151  1.00 27.97 ? 17  GLY A C     1 
ATOM   65   O  O     . GLY A 1 17  ? 7.176   17.881  -5.887  1.00 29.20 ? 17  GLY A O     1 
ATOM   66   N  N     . ARG A 1 18  ? 8.857   16.604  -5.112  1.00 28.93 ? 18  ARG A N     1 
ATOM   67   C  CA    . ARG A 1 18  ? 8.573   15.452  -5.957  1.00 30.51 ? 18  ARG A CA    1 
ATOM   68   C  C     . ARG A 1 18  ? 7.256   14.745  -5.639  1.00 28.99 ? 18  ARG A C     1 
ATOM   69   O  O     . ARG A 1 18  ? 6.371   14.696  -6.483  1.00 29.04 ? 18  ARG A O     1 
ATOM   70   C  CB    . ARG A 1 18  ? 9.732   14.458  -5.868  1.00 32.99 ? 18  ARG A CB    1 
ATOM   71   C  CG    . ARG A 1 18  ? 10.575  14.382  -7.127  1.00 38.73 ? 18  ARG A CG    1 
ATOM   72   C  CD    . ARG A 1 18  ? 12.021  14.016  -6.808  1.00 44.12 ? 18  ARG A CD    1 
ATOM   73   N  NE    . ARG A 1 18  ? 12.727  15.117  -6.151  1.00 46.57 ? 18  ARG A NE    1 
ATOM   74   C  CZ    . ARG A 1 18  ? 13.290  15.036  -4.949  1.00 48.26 ? 18  ARG A CZ    1 
ATOM   75   N  NH1   . ARG A 1 18  ? 13.228  13.902  -4.269  1.00 49.29 ? 18  ARG A NH1   1 
ATOM   76   N  NH2   . ARG A 1 18  ? 13.911  16.086  -4.425  1.00 48.12 ? 18  ARG A NH2   1 
ATOM   77   N  N     . ILE A 1 19  ? 7.126   14.194  -4.434  1.00 27.88 ? 19  ILE A N     1 
ATOM   78   C  CA    . ILE A 1 19  ? 5.890   13.498  -4.068  1.00 27.42 ? 19  ILE A CA    1 
ATOM   79   C  C     . ILE A 1 19  ? 5.041   14.232  -3.035  1.00 26.70 ? 19  ILE A C     1 
ATOM   80   O  O     . ILE A 1 19  ? 4.146   13.632  -2.439  1.00 27.17 ? 19  ILE A O     1 
ATOM   81   C  CB    . ILE A 1 19  ? 6.160   12.083  -3.500  1.00 27.07 ? 19  ILE A CB    1 
ATOM   82   C  CG1   . ILE A 1 19  ? 6.868   12.193  -2.150  1.00 25.83 ? 19  ILE A CG1   1 
ATOM   83   C  CG2   . ILE A 1 19  ? 6.988   11.271  -4.484  1.00 27.13 ? 19  ILE A CG2   1 
ATOM   84   C  CD1   . ILE A 1 19  ? 6.982   10.880  -1.429  1.00 25.35 ? 19  ILE A CD1   1 
ATOM   85   N  N     . LEU A 1 20  ? 5.318   15.513  -2.813  1.00 25.45 ? 20  LEU A N     1 
ATOM   86   C  CA    . LEU A 1 20  ? 4.540   16.284  -1.845  1.00 24.34 ? 20  LEU A CA    1 
ATOM   87   C  C     . LEU A 1 20  ? 4.800   17.783  -1.882  1.00 24.58 ? 20  LEU A C     1 
ATOM   88   O  O     . LEU A 1 20  ? 5.850   18.238  -2.343  1.00 24.18 ? 20  LEU A O     1 
ATOM   89   C  CB    . LEU A 1 20  ? 4.813   15.774  -0.420  1.00 22.33 ? 20  LEU A CB    1 
ATOM   90   C  CG    . LEU A 1 20  ? 6.195   16.007  0.201   1.00 21.82 ? 20  LEU A CG    1 
ATOM   91   C  CD1   . LEU A 1 20  ? 6.318   17.447  0.678   1.00 20.59 ? 20  LEU A CD1   1 
ATOM   92   C  CD2   . LEU A 1 20  ? 6.395   15.066  1.377   1.00 21.51 ? 20  LEU A CD2   1 
ATOM   93   N  N     . ASN A 1 21  ? 3.819   18.537  -1.398  1.00 23.03 ? 21  ASN A N     1 
ATOM   94   C  CA    . ASN A 1 21  ? 3.919   19.984  -1.280  1.00 21.79 ? 21  ASN A CA    1 
ATOM   95   C  C     . ASN A 1 21  ? 3.608   20.247  0.192   1.00 22.37 ? 21  ASN A C     1 
ATOM   96   O  O     . ASN A 1 21  ? 2.801   19.531  0.795   1.00 21.56 ? 21  ASN A O     1 
ATOM   97   C  CB    . ASN A 1 21  ? 2.859   20.716  -2.119  1.00 21.35 ? 21  ASN A CB    1 
ATOM   98   C  CG    . ASN A 1 21  ? 2.909   20.362  -3.593  1.00 21.26 ? 21  ASN A CG    1 
ATOM   99   O  OD1   . ASN A 1 21  ? 3.977   20.298  -4.200  1.00 19.08 ? 21  ASN A OD1   1 
ATOM   100  N  ND2   . ASN A 1 21  ? 1.738   20.149  -4.181  1.00 18.90 ? 21  ASN A ND2   1 
ATOM   101  N  N     . LEU A 1 22  ? 4.247   21.256  0.772   1.00 21.80 ? 22  LEU A N     1 
ATOM   102  C  CA    . LEU A 1 22  ? 3.982   21.617  2.159   1.00 21.60 ? 22  LEU A CA    1 
ATOM   103  C  C     . LEU A 1 22  ? 3.317   22.982  2.132   1.00 22.90 ? 22  LEU A C     1 
ATOM   104  O  O     . LEU A 1 22  ? 3.935   23.975  1.739   1.00 23.90 ? 22  LEU A O     1 
ATOM   105  C  CB    . LEU A 1 22  ? 5.269   21.702  2.981   1.00 19.46 ? 22  LEU A CB    1 
ATOM   106  C  CG    . LEU A 1 22  ? 5.034   22.330  4.364   1.00 20.56 ? 22  LEU A CG    1 
ATOM   107  C  CD1   . LEU A 1 22  ? 4.098   21.440  5.189   1.00 18.99 ? 22  LEU A CD1   1 
ATOM   108  C  CD2   . LEU A 1 22  ? 6.358   22.512  5.085   1.00 19.01 ? 22  LEU A CD2   1 
ATOM   109  N  N     . ALA A 1 23  ? 2.058   23.030  2.542   1.00 23.31 ? 23  ALA A N     1 
ATOM   110  C  CA    . ALA A 1 23  ? 1.318   24.279  2.550   1.00 24.62 ? 23  ALA A CA    1 
ATOM   111  C  C     . ALA A 1 23  ? 0.873   24.666  3.946   1.00 25.40 ? 23  ALA A C     1 
ATOM   112  O  O     . ALA A 1 23  ? 0.962   23.882  4.893   1.00 24.99 ? 23  ALA A O     1 
ATOM   113  C  CB    . ALA A 1 23  ? 0.103   24.173  1.634   1.00 22.83 ? 23  ALA A CB    1 
ATOM   114  N  N     . LEU A 1 24  ? 0.393   25.895  4.055   1.00 27.08 ? 24  LEU A N     1 
ATOM   115  C  CA    . LEU A 1 24  ? -0.108  26.433  5.303   1.00 29.54 ? 24  LEU A CA    1 
ATOM   116  C  C     . LEU A 1 24  ? -1.481  27.010  5.006   1.00 30.17 ? 24  LEU A C     1 
ATOM   117  O  O     . LEU A 1 24  ? -1.636  27.824  4.096   1.00 28.01 ? 24  LEU A O     1 
ATOM   118  C  CB    . LEU A 1 24  ? 0.817   27.541  5.821   1.00 31.56 ? 24  LEU A CB    1 
ATOM   119  C  CG    . LEU A 1 24  ? 1.793   27.226  6.960   1.00 32.83 ? 24  LEU A CG    1 
ATOM   120  C  CD1   . LEU A 1 24  ? 2.541   25.933  6.681   1.00 33.36 ? 24  LEU A CD1   1 
ATOM   121  C  CD2   . LEU A 1 24  ? 2.762   28.396  7.122   1.00 32.55 ? 24  LEU A CD2   1 
ATOM   122  N  N     . GLU A 1 25  ? -2.479  26.567  5.757   1.00 32.09 ? 25  GLU A N     1 
ATOM   123  C  CA    . GLU A 1 25  ? -3.829  27.065  5.577   1.00 34.41 ? 25  GLU A CA    1 
ATOM   124  C  C     . GLU A 1 25  ? -4.226  27.681  6.905   1.00 35.72 ? 25  GLU A C     1 
ATOM   125  O  O     . GLU A 1 25  ? -4.945  27.071  7.693   1.00 36.69 ? 25  GLU A O     1 
ATOM   126  C  CB    . GLU A 1 25  ? -4.777  25.927  5.225   1.00 34.90 ? 25  GLU A CB    1 
ATOM   127  C  CG    . GLU A 1 25  ? -5.910  26.365  4.336   1.00 35.43 ? 25  GLU A CG    1 
ATOM   128  C  CD    . GLU A 1 25  ? -6.877  25.252  4.052   1.00 35.89 ? 25  GLU A CD    1 
ATOM   129  O  OE1   . GLU A 1 25  ? -7.630  24.883  4.972   1.00 37.48 ? 25  GLU A OE1   1 
ATOM   130  O  OE2   . GLU A 1 25  ? -6.876  24.744  2.909   1.00 37.14 ? 25  GLU A OE2   1 
ATOM   131  N  N     . GLY A 1 26  ? -3.745  28.896  7.146   1.00 36.40 ? 26  GLY A N     1 
ATOM   132  C  CA    . GLY A 1 26  ? -4.029  29.559  8.401   1.00 36.76 ? 26  GLY A CA    1 
ATOM   133  C  C     . GLY A 1 26  ? -3.093  28.944  9.420   1.00 36.07 ? 26  GLY A C     1 
ATOM   134  O  O     . GLY A 1 26  ? -1.876  29.102  9.325   1.00 37.44 ? 26  GLY A O     1 
ATOM   135  N  N     . ARG A 1 27  ? -3.652  28.228  10.387  1.00 34.84 ? 27  ARG A N     1 
ATOM   136  C  CA    . ARG A 1 27  ? -2.842  27.574  11.405  1.00 35.57 ? 27  ARG A CA    1 
ATOM   137  C  C     . ARG A 1 27  ? -2.462  26.150  10.985  1.00 33.81 ? 27  ARG A C     1 
ATOM   138  O  O     . ARG A 1 27  ? -1.418  25.634  11.372  1.00 31.48 ? 27  ARG A O     1 
ATOM   139  C  CB    . ARG A 1 27  ? -3.602  27.532  12.739  1.00 37.90 ? 27  ARG A CB    1 
ATOM   140  C  CG    . ARG A 1 27  ? -3.513  26.196  13.472  1.00 41.87 ? 27  ARG A CG    1 
ATOM   141  C  CD    . ARG A 1 27  ? -3.900  26.314  14.940  1.00 47.41 ? 27  ARG A CD    1 
ATOM   142  N  NE    . ARG A 1 27  ? -2.870  26.999  15.721  1.00 50.90 ? 27  ARG A NE    1 
ATOM   143  C  CZ    . ARG A 1 27  ? -2.956  27.248  17.025  1.00 53.24 ? 27  ARG A CZ    1 
ATOM   144  N  NH1   . ARG A 1 27  ? -4.030  26.869  17.708  1.00 53.95 ? 27  ARG A NH1   1 
ATOM   145  N  NH2   . ARG A 1 27  ? -1.967  27.877  17.648  1.00 54.71 ? 27  ARG A NH2   1 
ATOM   146  N  N     . TYR A 1 28  ? -3.312  25.527  10.178  1.00 32.31 ? 28  TYR A N     1 
ATOM   147  C  CA    . TYR A 1 28  ? -3.084  24.155  9.745   1.00 31.36 ? 28  TYR A CA    1 
ATOM   148  C  C     . TYR A 1 28  ? -1.960  23.926  8.738   1.00 30.21 ? 28  TYR A C     1 
ATOM   149  O  O     . TYR A 1 28  ? -1.905  24.561  7.686   1.00 29.45 ? 28  TYR A O     1 
ATOM   150  C  CB    . TYR A 1 28  ? -4.397  23.580  9.208   1.00 32.49 ? 28  TYR A CB    1 
ATOM   151  C  CG    . TYR A 1 28  ? -5.466  23.499  10.273  1.00 34.11 ? 28  TYR A CG    1 
ATOM   152  C  CD1   . TYR A 1 28  ? -5.422  22.509  11.254  1.00 34.61 ? 28  TYR A CD1   1 
ATOM   153  C  CD2   . TYR A 1 28  ? -6.486  24.449  10.341  1.00 35.85 ? 28  TYR A CD2   1 
ATOM   154  C  CE1   . TYR A 1 28  ? -6.363  22.465  12.280  1.00 37.58 ? 28  TYR A CE1   1 
ATOM   155  C  CE2   . TYR A 1 28  ? -7.437  24.416  11.367  1.00 38.20 ? 28  TYR A CE2   1 
ATOM   156  C  CZ    . TYR A 1 28  ? -7.366  23.422  12.335  1.00 38.86 ? 28  TYR A CZ    1 
ATOM   157  O  OH    . TYR A 1 28  ? -8.284  23.392  13.362  1.00 40.15 ? 28  TYR A OH    1 
ATOM   158  N  N     . GLU A 1 29  ? -1.063  23.008  9.090   1.00 28.63 ? 29  GLU A N     1 
ATOM   159  C  CA    . GLU A 1 29  ? 0.062   22.624  8.244   1.00 27.99 ? 29  GLU A CA    1 
ATOM   160  C  C     . GLU A 1 29  ? -0.449  21.444  7.413   1.00 27.25 ? 29  GLU A C     1 
ATOM   161  O  O     . GLU A 1 29  ? -0.784  20.394  7.961   1.00 27.73 ? 29  GLU A O     1 
ATOM   162  C  CB    . GLU A 1 29  ? 1.248   22.209  9.122   1.00 28.05 ? 29  GLU A CB    1 
ATOM   163  C  CG    . GLU A 1 29  ? 1.643   23.283  10.136  1.00 28.23 ? 29  GLU A CG    1 
ATOM   164  C  CD    . GLU A 1 29  ? 2.590   22.777  11.212  1.00 29.23 ? 29  GLU A CD    1 
ATOM   165  O  OE1   . GLU A 1 29  ? 2.290   21.744  11.846  1.00 30.33 ? 29  GLU A OE1   1 
ATOM   166  O  OE2   . GLU A 1 29  ? 3.633   23.421  11.437  1.00 29.94 ? 29  GLU A OE2   1 
ATOM   167  N  N     . ILE A 1 30  ? -0.520  21.628  6.098   1.00 26.40 ? 30  ILE A N     1 
ATOM   168  C  CA    . ILE A 1 30  ? -1.038  20.604  5.190   1.00 24.39 ? 30  ILE A CA    1 
ATOM   169  C  C     . ILE A 1 30  ? -0.006  20.062  4.203   1.00 23.86 ? 30  ILE A C     1 
ATOM   170  O  O     . ILE A 1 30  ? 0.685   20.833  3.528   1.00 23.68 ? 30  ILE A O     1 
ATOM   171  C  CB    . ILE A 1 30  ? -2.195  21.160  4.324   1.00 25.29 ? 30  ILE A CB    1 
ATOM   172  C  CG1   . ILE A 1 30  ? -3.110  22.064  5.152   1.00 25.54 ? 30  ILE A CG1   1 
ATOM   173  C  CG2   . ILE A 1 30  ? -2.982  20.011  3.717   1.00 27.01 ? 30  ILE A CG2   1 
ATOM   174  C  CD1   . ILE A 1 30  ? -4.055  21.335  6.057   1.00 26.30 ? 30  ILE A CD1   1 
ATOM   175  N  N     . VAL A 1 31  ? 0.080   18.739  4.103   1.00 21.05 ? 31  VAL A N     1 
ATOM   176  C  CA    . VAL A 1 31  ? 0.992   18.110  3.160   1.00 18.03 ? 31  VAL A CA    1 
ATOM   177  C  C     . VAL A 1 31  ? 0.161   17.502  2.037   1.00 19.29 ? 31  VAL A C     1 
ATOM   178  O  O     . VAL A 1 31  ? -0.560  16.528  2.249   1.00 20.10 ? 31  VAL A O     1 
ATOM   179  C  CB    . VAL A 1 31  ? 1.819   16.988  3.813   1.00 17.85 ? 31  VAL A CB    1 
ATOM   180  C  CG1   . VAL A 1 31  ? 2.669   16.294  2.757   1.00 16.68 ? 31  VAL A CG1   1 
ATOM   181  C  CG2   . VAL A 1 31  ? 2.716   17.561  4.895   1.00 17.98 ? 31  VAL A CG2   1 
ATOM   182  N  N     . GLU A 1 32  ? 0.233   18.096  0.848   1.00 18.22 ? 32  GLU A N     1 
ATOM   183  C  CA    . GLU A 1 32  ? -0.506  17.574  -0.294  1.00 16.97 ? 32  GLU A CA    1 
ATOM   184  C  C     . GLU A 1 32  ? 0.324   16.416  -0.817  1.00 15.39 ? 32  GLU A C     1 
ATOM   185  O  O     . GLU A 1 32  ? 1.548   16.505  -0.902  1.00 15.75 ? 32  GLU A O     1 
ATOM   186  C  CB    . GLU A 1 32  ? -0.681  18.652  -1.366  1.00 16.81 ? 32  GLU A CB    1 
ATOM   187  C  CG    . GLU A 1 32  ? -1.351  19.911  -0.836  1.00 17.95 ? 32  GLU A CG    1 
ATOM   188  C  CD    . GLU A 1 32  ? -1.463  21.005  -1.878  1.00 19.52 ? 32  GLU A CD    1 
ATOM   189  O  OE1   . GLU A 1 32  ? -0.614  21.047  -2.791  1.00 20.34 ? 32  GLU A OE1   1 
ATOM   190  O  OE2   . GLU A 1 32  ? -2.395  21.834  -1.771  1.00 20.25 ? 32  GLU A OE2   1 
ATOM   191  N  N     . HIS A 1 33  ? -0.342  15.324  -1.161  1.00 14.04 ? 33  HIS A N     1 
ATOM   192  C  CA    . HIS A 1 33  ? 0.355   14.131  -1.618  1.00 12.09 ? 33  HIS A CA    1 
ATOM   193  C  C     . HIS A 1 33  ? -0.476  13.451  -2.691  1.00 11.87 ? 33  HIS A C     1 
ATOM   194  O  O     . HIS A 1 33  ? -1.703  13.491  -2.649  1.00 13.55 ? 33  HIS A O     1 
ATOM   195  C  CB    . HIS A 1 33  ? 0.539   13.209  -0.410  1.00 12.09 ? 33  HIS A CB    1 
ATOM   196  C  CG    . HIS A 1 33  ? 1.334   11.972  -0.685  1.00 11.96 ? 33  HIS A CG    1 
ATOM   197  N  ND1   . HIS A 1 33  ? 0.928   11.006  -1.579  1.00 11.88 ? 33  HIS A ND1   1 
ATOM   198  C  CD2   . HIS A 1 33  ? 2.483   11.517  -0.132  1.00 11.31 ? 33  HIS A CD2   1 
ATOM   199  C  CE1   . HIS A 1 33  ? 1.793   10.008  -1.566  1.00 10.62 ? 33  HIS A CE1   1 
ATOM   200  N  NE2   . HIS A 1 33  ? 2.745   10.293  -0.697  1.00 11.38 ? 33  HIS A NE2   1 
ATOM   201  N  N     . LYS A 1 34  ? 0.188   12.838  -3.660  1.00 12.93 ? 34  LYS A N     1 
ATOM   202  C  CA    . LYS A 1 34  ? -0.519  12.139  -4.723  1.00 13.93 ? 34  LYS A CA    1 
ATOM   203  C  C     . LYS A 1 34  ? -1.295  10.962  -4.146  1.00 13.92 ? 34  LYS A C     1 
ATOM   204  O  O     . LYS A 1 34  ? -0.886  10.355  -3.152  1.00 10.52 ? 34  LYS A O     1 
ATOM   205  C  CB    . LYS A 1 34  ? 0.466   11.608  -5.767  1.00 17.10 ? 34  LYS A CB    1 
ATOM   206  C  CG    . LYS A 1 34  ? 1.037   12.654  -6.712  1.00 22.79 ? 34  LYS A CG    1 
ATOM   207  C  CD    . LYS A 1 34  ? 2.085   12.022  -7.629  1.00 27.01 ? 34  LYS A CD    1 
ATOM   208  C  CE    . LYS A 1 34  ? 2.702   13.037  -8.583  1.00 30.21 ? 34  LYS A CE    1 
ATOM   209  N  NZ    . LYS A 1 34  ? 1.742   13.482  -9.633  1.00 32.08 ? 34  LYS A NZ    1 
ATOM   210  N  N     . PRO A 1 35  ? -2.445  10.636  -4.751  1.00 13.42 ? 35  PRO A N     1 
ATOM   211  C  CA    . PRO A 1 35  ? -3.213  9.502   -4.233  1.00 12.54 ? 35  PRO A CA    1 
ATOM   212  C  C     . PRO A 1 35  ? -2.423  8.229   -4.525  1.00 11.88 ? 35  PRO A C     1 
ATOM   213  O  O     . PRO A 1 35  ? -1.535  8.236   -5.379  1.00 11.35 ? 35  PRO A O     1 
ATOM   214  C  CB    . PRO A 1 35  ? -4.526  9.588   -5.012  1.00 12.00 ? 35  PRO A CB    1 
ATOM   215  C  CG    . PRO A 1 35  ? -4.113  10.231  -6.309  1.00 13.74 ? 35  PRO A CG    1 
ATOM   216  C  CD    . PRO A 1 35  ? -3.148  11.300  -5.863  1.00 12.71 ? 35  PRO A CD    1 
ATOM   217  N  N     . ALA A 1 36  ? -2.732  7.149   -3.811  1.00 11.08 ? 36  ALA A N     1 
ATOM   218  C  CA    . ALA A 1 36  ? -2.025  5.885   -3.996  1.00 8.31  ? 36  ALA A CA    1 
ATOM   219  C  C     . ALA A 1 36  ? -2.956  4.681   -4.081  1.00 8.12  ? 36  ALA A C     1 
ATOM   220  O  O     . ALA A 1 36  ? -4.156  4.793   -3.847  1.00 6.17  ? 36  ALA A O     1 
ATOM   221  C  CB    . ALA A 1 36  ? -1.046  5.684   -2.858  1.00 10.69 ? 36  ALA A CB    1 
ATOM   222  N  N     . VAL A 1 37  ? -2.387  3.526   -4.417  1.00 7.54  ? 37  VAL A N     1 
ATOM   223  C  CA    . VAL A 1 37  ? -3.153  2.289   -4.491  1.00 7.88  ? 37  VAL A CA    1 
ATOM   224  C  C     . VAL A 1 37  ? -2.405  1.193   -3.747  1.00 8.47  ? 37  VAL A C     1 
ATOM   225  O  O     . VAL A 1 37  ? -1.203  1.304   -3.500  1.00 8.67  ? 37  VAL A O     1 
ATOM   226  C  CB    . VAL A 1 37  ? -3.374  1.816   -5.949  1.00 7.73  ? 37  VAL A CB    1 
ATOM   227  C  CG1   . VAL A 1 37  ? -4.102  2.887   -6.737  1.00 8.18  ? 37  VAL A CG1   1 
ATOM   228  C  CG2   . VAL A 1 37  ? -2.041  1.466   -6.597  1.00 8.22  ? 37  VAL A CG2   1 
ATOM   229  N  N     . ALA A 1 38  ? -3.127  0.141   -3.386  1.00 8.74  ? 38  ALA A N     1 
ATOM   230  C  CA    . ALA A 1 38  ? -2.549  -1.002  -2.692  1.00 8.65  ? 38  ALA A CA    1 
ATOM   231  C  C     . ALA A 1 38  ? -3.302  -2.226  -3.188  1.00 8.85  ? 38  ALA A C     1 
ATOM   232  O  O     . ALA A 1 38  ? -4.506  -2.163  -3.449  1.00 7.88  ? 38  ALA A O     1 
ATOM   233  C  CB    . ALA A 1 38  ? -2.706  -0.856  -1.178  1.00 7.78  ? 38  ALA A CB    1 
ATOM   234  N  N     . VAL A 1 39  ? -2.593  -3.340  -3.308  1.00 8.45  ? 39  VAL A N     1 
ATOM   235  C  CA    . VAL A 1 39  ? -3.195  -4.565  -3.807  1.00 8.37  ? 39  VAL A CA    1 
ATOM   236  C  C     . VAL A 1 39  ? -3.092  -5.737  -2.840  1.00 9.35  ? 39  VAL A C     1 
ATOM   237  O  O     . VAL A 1 39  ? -1.995  -6.173  -2.490  1.00 8.56  ? 39  VAL A O     1 
ATOM   238  C  CB    . VAL A 1 39  ? -2.526  -4.984  -5.140  1.00 9.83  ? 39  VAL A CB    1 
ATOM   239  C  CG1   . VAL A 1 39  ? -3.219  -6.213  -5.716  1.00 9.77  ? 39  VAL A CG1   1 
ATOM   240  C  CG2   . VAL A 1 39  ? -2.569  -3.820  -6.131  1.00 9.36  ? 39  VAL A CG2   1 
ATOM   241  N  N     . ILE A 1 40  ? -4.244  -6.248  -2.420  1.00 9.27  ? 40  ILE A N     1 
ATOM   242  C  CA    . ILE A 1 40  ? -4.292  -7.403  -1.530  1.00 11.27 ? 40  ILE A CA    1 
ATOM   243  C  C     . ILE A 1 40  ? -4.383  -8.658  -2.408  1.00 12.72 ? 40  ILE A C     1 
ATOM   244  O  O     . ILE A 1 40  ? -5.338  -8.823  -3.168  1.00 14.26 ? 40  ILE A O     1 
ATOM   245  C  CB    . ILE A 1 40  ? -5.535  -7.360  -0.608  1.00 10.56 ? 40  ILE A CB    1 
ATOM   246  C  CG1   . ILE A 1 40  ? -5.462  -6.140  0.313   1.00 10.93 ? 40  ILE A CG1   1 
ATOM   247  C  CG2   . ILE A 1 40  ? -5.627  -8.650  0.206   1.00 7.67  ? 40  ILE A CG2   1 
ATOM   248  C  CD1   . ILE A 1 40  ? -6.683  -5.966  1.227   1.00 10.47 ? 40  ILE A CD1   1 
ATOM   249  N  N     . ALA A 1 41  ? -3.391  -9.535  -2.309  1.00 12.34 ? 41  ALA A N     1 
ATOM   250  C  CA    . ALA A 1 41  ? -3.386  -10.759 -3.107  1.00 13.40 ? 41  ALA A CA    1 
ATOM   251  C  C     . ALA A 1 41  ? -3.121  -11.989 -2.246  1.00 13.87 ? 41  ALA A C     1 
ATOM   252  O  O     . ALA A 1 41  ? -2.135  -12.044 -1.504  1.00 12.36 ? 41  ALA A O     1 
ATOM   253  C  CB    . ALA A 1 41  ? -2.339  -10.659 -4.211  1.00 11.39 ? 41  ALA A CB    1 
ATOM   254  N  N     . LEU A 1 42  ? -4.007  -12.974 -2.347  1.00 15.10 ? 42  LEU A N     1 
ATOM   255  C  CA    . LEU A 1 42  ? -3.863  -14.202 -1.576  1.00 18.09 ? 42  LEU A CA    1 
ATOM   256  C  C     . LEU A 1 42  ? -3.728  -15.391 -2.513  1.00 18.84 ? 42  LEU A C     1 
ATOM   257  O  O     . LEU A 1 42  ? -4.448  -15.490 -3.501  1.00 20.10 ? 42  LEU A O     1 
ATOM   258  C  CB    . LEU A 1 42  ? -5.076  -14.416 -0.667  1.00 19.48 ? 42  LEU A CB    1 
ATOM   259  C  CG    . LEU A 1 42  ? -4.858  -15.451 0.442   1.00 19.81 ? 42  LEU A CG    1 
ATOM   260  C  CD1   . LEU A 1 42  ? -4.171  -14.769 1.604   1.00 19.49 ? 42  LEU A CD1   1 
ATOM   261  C  CD2   . LEU A 1 42  ? -6.183  -16.044 0.897   1.00 22.59 ? 42  LEU A CD2   1 
ATOM   262  N  N     . ARG A 1 43  ? -2.802  -16.290 -2.197  1.00 19.81 ? 43  ARG A N     1 
ATOM   263  C  CA    . ARG A 1 43  ? -2.584  -17.479 -3.010  1.00 20.03 ? 43  ARG A CA    1 
ATOM   264  C  C     . ARG A 1 43  ? -2.194  -18.659 -2.124  1.00 18.86 ? 43  ARG A C     1 
ATOM   265  O  O     . ARG A 1 43  ? -1.172  -18.623 -1.437  1.00 17.17 ? 43  ARG A O     1 
ATOM   266  C  CB    . ARG A 1 43  ? -1.480  -17.226 -4.036  1.00 22.51 ? 43  ARG A CB    1 
ATOM   267  C  CG    . ARG A 1 43  ? -1.182  -18.431 -4.912  1.00 27.53 ? 43  ARG A CG    1 
ATOM   268  C  CD    . ARG A 1 43  ? 0.163   -18.285 -5.600  1.00 32.44 ? 43  ARG A CD    1 
ATOM   269  N  NE    . ARG A 1 43  ? 0.605   -19.544 -6.195  1.00 36.41 ? 43  ARG A NE    1 
ATOM   270  C  CZ    . ARG A 1 43  ? 0.149   -20.028 -7.344  1.00 37.16 ? 43  ARG A CZ    1 
ATOM   271  N  NH1   . ARG A 1 43  ? -0.763  -19.354 -8.032  1.00 37.11 ? 43  ARG A NH1   1 
ATOM   272  N  NH2   . ARG A 1 43  ? 0.600   -21.192 -7.798  1.00 38.75 ? 43  ARG A NH2   1 
ATOM   273  N  N     . GLU A 1 44  ? -3.013  -19.704 -2.142  1.00 19.22 ? 44  GLU A N     1 
ATOM   274  C  CA    . GLU A 1 44  ? -2.748  -20.885 -1.333  1.00 19.93 ? 44  GLU A CA    1 
ATOM   275  C  C     . GLU A 1 44  ? -2.482  -20.507 0.123   1.00 17.88 ? 44  GLU A C     1 
ATOM   276  O  O     . GLU A 1 44  ? -1.503  -20.952 0.719   1.00 16.44 ? 44  GLU A O     1 
ATOM   277  C  CB    . GLU A 1 44  ? -1.548  -21.650 -1.896  1.00 22.30 ? 44  GLU A CB    1 
ATOM   278  C  CG    . GLU A 1 44  ? -1.782  -22.221 -3.283  1.00 28.42 ? 44  GLU A CG    1 
ATOM   279  C  CD    . GLU A 1 44  ? -0.525  -22.811 -3.898  1.00 32.28 ? 44  GLU A CD    1 
ATOM   280  O  OE1   . GLU A 1 44  ? -0.643  -23.494 -4.938  1.00 33.67 ? 44  GLU A OE1   1 
ATOM   281  O  OE2   . GLU A 1 44  ? 0.580   -22.588 -3.350  1.00 33.66 ? 44  GLU A OE2   1 
ATOM   282  N  N     . GLY A 1 45  ? -3.350  -19.665 0.677   1.00 17.01 ? 45  GLY A N     1 
ATOM   283  C  CA    . GLY A 1 45  ? -3.221  -19.261 2.068   1.00 16.73 ? 45  GLY A CA    1 
ATOM   284  C  C     . GLY A 1 45  ? -2.108  -18.285 2.410   1.00 16.35 ? 45  GLY A C     1 
ATOM   285  O  O     . GLY A 1 45  ? -1.945  -17.922 3.577   1.00 15.46 ? 45  GLY A O     1 
ATOM   286  N  N     . ARG A 1 46  ? -1.336  -17.872 1.407   1.00 14.90 ? 46  ARG A N     1 
ATOM   287  C  CA    . ARG A 1 46  ? -0.248  -16.924 1.617   1.00 13.78 ? 46  ARG A CA    1 
ATOM   288  C  C     . ARG A 1 46  ? -0.623  -15.567 1.043   1.00 11.79 ? 46  ARG A C     1 
ATOM   289  O  O     . ARG A 1 46  ? -1.229  -15.481 -0.030  1.00 9.24  ? 46  ARG A O     1 
ATOM   290  C  CB    . ARG A 1 46  ? 1.038   -17.394 0.928   1.00 16.58 ? 46  ARG A CB    1 
ATOM   291  C  CG    . ARG A 1 46  ? 1.543   -18.761 1.342   1.00 21.41 ? 46  ARG A CG    1 
ATOM   292  C  CD    . ARG A 1 46  ? 2.967   -18.935 0.863   1.00 23.03 ? 46  ARG A CD    1 
ATOM   293  N  NE    . ARG A 1 46  ? 3.542   -20.212 1.260   1.00 24.14 ? 46  ARG A NE    1 
ATOM   294  C  CZ    . ARG A 1 46  ? 3.266   -21.373 0.675   1.00 26.45 ? 46  ARG A CZ    1 
ATOM   295  N  NH1   . ARG A 1 46  ? 2.414   -21.414 -0.343  1.00 26.18 ? 46  ARG A NH1   1 
ATOM   296  N  NH2   . ARG A 1 46  ? 3.846   -22.490 1.102   1.00 23.33 ? 46  ARG A NH2   1 
ATOM   297  N  N     . MET A 1 47  ? -0.270  -14.508 1.762   1.00 9.94  ? 47  MET A N     1 
ATOM   298  C  CA    . MET A 1 47  ? -0.544  -13.161 1.291   1.00 9.92  ? 47  MET A CA    1 
ATOM   299  C  C     . MET A 1 47  ? 0.729   -12.602 0.672   1.00 10.98 ? 47  MET A C     1 
ATOM   300  O  O     . MET A 1 47  ? 1.843   -12.920 1.108   1.00 9.90  ? 47  MET A O     1 
ATOM   301  C  CB    . MET A 1 47  ? -1.016  -12.260 2.431   1.00 9.66  ? 47  MET A CB    1 
ATOM   302  C  CG    . MET A 1 47  ? -1.378  -10.859 1.958   1.00 11.15 ? 47  MET A CG    1 
ATOM   303  S  SD    . MET A 1 47  ? -2.463  -9.944  3.069   1.00 13.43 ? 47  MET A SD    1 
ATOM   304  C  CE    . MET A 1 47  ? -4.056  -10.719 2.748   1.00 13.09 ? 47  MET A CE    1 
ATOM   305  N  N     . LEU A 1 48  ? 0.557   -11.771 -0.350  1.00 10.49 ? 48  LEU A N     1 
ATOM   306  C  CA    . LEU A 1 48  ? 1.681   -11.178 -1.056  1.00 12.74 ? 48  LEU A CA    1 
ATOM   307  C  C     . LEU A 1 48  ? 2.141   -9.869  -0.425  1.00 14.06 ? 48  LEU A C     1 
ATOM   308  O  O     . LEU A 1 48  ? 1.573   -8.808  -0.692  1.00 13.20 ? 48  LEU A O     1 
ATOM   309  C  CB    . LEU A 1 48  ? 1.297   -10.933 -2.517  1.00 13.67 ? 48  LEU A CB    1 
ATOM   310  C  CG    . LEU A 1 48  ? 2.328   -10.270 -3.435  1.00 17.27 ? 48  LEU A CG    1 
ATOM   311  C  CD1   . LEU A 1 48  ? 3.543   -11.169 -3.602  1.00 15.30 ? 48  LEU A CD1   1 
ATOM   312  C  CD2   . LEU A 1 48  ? 1.688   -9.996  -4.789  1.00 16.49 ? 48  LEU A CD2   1 
ATOM   313  N  N     . PHE A 1 49  ? 3.162   -9.947  0.421   1.00 13.77 ? 49  PHE A N     1 
ATOM   314  C  CA    . PHE A 1 49  ? 3.705   -8.746  1.049   1.00 12.58 ? 49  PHE A CA    1 
ATOM   315  C  C     . PHE A 1 49  ? 4.957   -8.351  0.283   1.00 13.18 ? 49  PHE A C     1 
ATOM   316  O  O     . PHE A 1 49  ? 5.459   -9.119  -0.538  1.00 12.17 ? 49  PHE A O     1 
ATOM   317  C  CB    . PHE A 1 49  ? 4.098   -9.004  2.502   1.00 10.59 ? 49  PHE A CB    1 
ATOM   318  C  CG    . PHE A 1 49  ? 2.963   -9.461  3.374   1.00 11.99 ? 49  PHE A CG    1 
ATOM   319  C  CD1   . PHE A 1 49  ? 2.834   -10.804 3.719   1.00 10.46 ? 49  PHE A CD1   1 
ATOM   320  C  CD2   . PHE A 1 49  ? 2.036   -8.548  3.872   1.00 11.33 ? 49  PHE A CD2   1 
ATOM   321  C  CE1   . PHE A 1 49  ? 1.798   -11.232 4.547   1.00 11.90 ? 49  PHE A CE1   1 
ATOM   322  C  CE2   . PHE A 1 49  ? 0.991   -8.968  4.705   1.00 12.66 ? 49  PHE A CE2   1 
ATOM   323  C  CZ    . PHE A 1 49  ? 0.876   -10.313 5.043   1.00 11.33 ? 49  PHE A CZ    1 
ATOM   324  N  N     . VAL A 1 50  ? 5.446   -7.146  0.545   1.00 13.94 ? 50  VAL A N     1 
ATOM   325  C  CA    . VAL A 1 50  ? 6.663   -6.653  -0.080  1.00 12.11 ? 50  VAL A CA    1 
ATOM   326  C  C     . VAL A 1 50  ? 7.361   -5.783  0.946   1.00 13.35 ? 50  VAL A C     1 
ATOM   327  O  O     . VAL A 1 50  ? 6.715   -5.174  1.799   1.00 12.12 ? 50  VAL A O     1 
ATOM   328  C  CB    . VAL A 1 50  ? 6.387   -5.799  -1.344  1.00 14.18 ? 50  VAL A CB    1 
ATOM   329  C  CG1   . VAL A 1 50  ? 5.730   -6.655  -2.426  1.00 11.57 ? 50  VAL A CG1   1 
ATOM   330  C  CG2   . VAL A 1 50  ? 5.514   -4.602  -0.990  1.00 12.53 ? 50  VAL A CG2   1 
ATOM   331  N  N     . ARG A 1 51  ? 8.686   -5.745  0.874   1.00 14.25 ? 51  ARG A N     1 
ATOM   332  C  CA    . ARG A 1 51  ? 9.473   -4.934  1.787   1.00 15.97 ? 51  ARG A CA    1 
ATOM   333  C  C     . ARG A 1 51  ? 10.506  -4.177  0.980   1.00 16.16 ? 51  ARG A C     1 
ATOM   334  O  O     . ARG A 1 51  ? 11.011  -4.680  -0.022  1.00 15.27 ? 51  ARG A O     1 
ATOM   335  C  CB    . ARG A 1 51  ? 10.191  -5.806  2.819   1.00 16.59 ? 51  ARG A CB    1 
ATOM   336  C  CG    . ARG A 1 51  ? 9.279   -6.718  3.607   1.00 21.00 ? 51  ARG A CG    1 
ATOM   337  C  CD    . ARG A 1 51  ? 10.079  -7.528  4.624   1.00 23.14 ? 51  ARG A CD    1 
ATOM   338  N  NE    . ARG A 1 51  ? 10.618  -6.678  5.680   1.00 27.58 ? 51  ARG A NE    1 
ATOM   339  C  CZ    . ARG A 1 51  ? 11.198  -7.142  6.783   1.00 30.76 ? 51  ARG A CZ    1 
ATOM   340  N  NH1   . ARG A 1 51  ? 11.310  -8.454  6.967   1.00 31.08 ? 51  ARG A NH1   1 
ATOM   341  N  NH2   . ARG A 1 51  ? 11.654  -6.298  7.704   1.00 26.38 ? 51  ARG A NH2   1 
ATOM   342  N  N     . GLN A 1 52  ? 10.814  -2.964  1.415   1.00 16.51 ? 52  GLN A N     1 
ATOM   343  C  CA    . GLN A 1 52  ? 11.807  -2.147  0.741   1.00 17.80 ? 52  GLN A CA    1 
ATOM   344  C  C     . GLN A 1 52  ? 12.358  -1.178  1.763   1.00 18.41 ? 52  GLN A C     1 
ATOM   345  O  O     . GLN A 1 52  ? 11.736  -0.943  2.800   1.00 16.44 ? 52  GLN A O     1 
ATOM   346  C  CB    . GLN A 1 52  ? 11.177  -1.384  -0.428  1.00 17.66 ? 52  GLN A CB    1 
ATOM   347  C  CG    . GLN A 1 52  ? 10.026  -0.478  -0.036  1.00 21.57 ? 52  GLN A CG    1 
ATOM   348  C  CD    . GLN A 1 52  ? 9.378   0.190   -1.236  1.00 25.19 ? 52  GLN A CD    1 
ATOM   349  O  OE1   . GLN A 1 52  ? 10.021  0.953   -1.966  1.00 28.71 ? 52  GLN A OE1   1 
ATOM   350  N  NE2   . GLN A 1 52  ? 8.101   -0.099  -1.451  1.00 24.12 ? 52  GLN A NE2   1 
ATOM   351  N  N     . MET A 1 53  ? 13.530  -0.622  1.488   1.00 21.38 ? 53  MET A N     1 
ATOM   352  C  CA    . MET A 1 53  ? 14.112  0.319   2.426   1.00 24.50 ? 53  MET A CA    1 
ATOM   353  C  C     . MET A 1 53  ? 13.271  1.579   2.399   1.00 22.22 ? 53  MET A C     1 
ATOM   354  O  O     . MET A 1 53  ? 12.945  2.100   1.336   1.00 23.76 ? 53  MET A O     1 
ATOM   355  C  CB    . MET A 1 53  ? 15.561  0.643   2.058   1.00 29.11 ? 53  MET A CB    1 
ATOM   356  C  CG    . MET A 1 53  ? 16.295  1.453   3.127   1.00 35.39 ? 53  MET A CG    1 
ATOM   357  S  SD    . MET A 1 53  ? 16.017  0.848   4.830   1.00 44.43 ? 53  MET A SD    1 
ATOM   358  C  CE    . MET A 1 53  ? 15.434  2.343   5.632   1.00 40.51 ? 53  MET A CE    1 
ATOM   359  N  N     . ARG A 1 54  ? 12.898  2.043   3.582   1.00 20.23 ? 54  ARG A N     1 
ATOM   360  C  CA    . ARG A 1 54  ? 12.100  3.246   3.725   1.00 17.58 ? 54  ARG A CA    1 
ATOM   361  C  C     . ARG A 1 54  ? 12.891  4.247   4.577   1.00 17.23 ? 54  ARG A C     1 
ATOM   362  O  O     . ARG A 1 54  ? 12.842  4.204   5.803   1.00 16.55 ? 54  ARG A O     1 
ATOM   363  C  CB    . ARG A 1 54  ? 10.772  2.902   4.406   1.00 16.76 ? 54  ARG A CB    1 
ATOM   364  C  CG    . ARG A 1 54  ? 9.835   2.038   3.565   1.00 14.93 ? 54  ARG A CG    1 
ATOM   365  C  CD    . ARG A 1 54  ? 9.411   2.772   2.303   1.00 14.28 ? 54  ARG A CD    1 
ATOM   366  N  NE    . ARG A 1 54  ? 8.192   2.214   1.731   1.00 14.98 ? 54  ARG A NE    1 
ATOM   367  C  CZ    . ARG A 1 54  ? 7.654   2.611   0.584   1.00 16.24 ? 54  ARG A CZ    1 
ATOM   368  N  NH1   . ARG A 1 54  ? 8.232   3.572   -0.125  1.00 14.50 ? 54  ARG A NH1   1 
ATOM   369  N  NH2   . ARG A 1 54  ? 6.527   2.056   0.154   1.00 15.85 ? 54  ARG A NH2   1 
ATOM   370  N  N     . PRO A 1 55  ? 13.626  5.163   3.930   1.00 18.09 ? 55  PRO A N     1 
ATOM   371  C  CA    . PRO A 1 55  ? 14.424  6.168   4.646   1.00 17.95 ? 55  PRO A CA    1 
ATOM   372  C  C     . PRO A 1 55  ? 13.613  6.939   5.688   1.00 16.94 ? 55  PRO A C     1 
ATOM   373  O  O     . PRO A 1 55  ? 14.121  7.289   6.747   1.00 18.27 ? 55  PRO A O     1 
ATOM   374  C  CB    . PRO A 1 55  ? 14.925  7.073   3.523   1.00 19.74 ? 55  PRO A CB    1 
ATOM   375  C  CG    . PRO A 1 55  ? 14.990  6.151   2.341   1.00 18.92 ? 55  PRO A CG    1 
ATOM   376  C  CD    . PRO A 1 55  ? 13.706  5.376   2.474   1.00 19.17 ? 55  PRO A CD    1 
ATOM   377  N  N     . ALA A 1 56  ? 12.347  7.196   5.383   1.00 16.22 ? 56  ALA A N     1 
ATOM   378  C  CA    . ALA A 1 56  ? 11.482  7.929   6.298   1.00 15.65 ? 56  ALA A CA    1 
ATOM   379  C  C     . ALA A 1 56  ? 11.345  7.281   7.674   1.00 16.51 ? 56  ALA A C     1 
ATOM   380  O  O     . ALA A 1 56  ? 11.123  7.980   8.666   1.00 16.26 ? 56  ALA A O     1 
ATOM   381  C  CB    . ALA A 1 56  ? 10.101  8.108   5.677   1.00 15.69 ? 56  ALA A CB    1 
ATOM   382  N  N     . VAL A 1 57  ? 11.481  5.958   7.748   1.00 16.72 ? 57  VAL A N     1 
ATOM   383  C  CA    . VAL A 1 57  ? 11.331  5.270   9.028   1.00 16.36 ? 57  VAL A CA    1 
ATOM   384  C  C     . VAL A 1 57  ? 12.555  4.494   9.510   1.00 17.28 ? 57  VAL A C     1 
ATOM   385  O  O     . VAL A 1 57  ? 12.543  3.919   10.603  1.00 17.99 ? 57  VAL A O     1 
ATOM   386  C  CB    . VAL A 1 57  ? 10.095  4.325   9.005   1.00 16.54 ? 57  VAL A CB    1 
ATOM   387  C  CG1   . VAL A 1 57  ? 8.841   5.135   8.731   1.00 18.19 ? 57  VAL A CG1   1 
ATOM   388  C  CG2   . VAL A 1 57  ? 10.259  3.254   7.948   1.00 14.13 ? 57  VAL A CG2   1 
ATOM   389  N  N     . GLY A 1 58  ? 13.604  4.471   8.696   1.00 17.48 ? 58  GLY A N     1 
ATOM   390  C  CA    . GLY A 1 58  ? 14.825  3.790   9.086   1.00 18.16 ? 58  GLY A CA    1 
ATOM   391  C  C     . GLY A 1 58  ? 14.759  2.277   9.127   1.00 20.74 ? 58  GLY A C     1 
ATOM   392  O  O     . GLY A 1 58  ? 15.711  1.619   9.558   1.00 19.97 ? 58  GLY A O     1 
ATOM   393  N  N     . LEU A 1 59  ? 13.640  1.715   8.682   1.00 21.66 ? 59  LEU A N     1 
ATOM   394  C  CA    . LEU A 1 59  ? 13.484  0.270   8.662   1.00 19.96 ? 59  LEU A CA    1 
ATOM   395  C  C     . LEU A 1 59  ? 12.599  -0.164  7.501   1.00 20.70 ? 59  LEU A C     1 
ATOM   396  O  O     . LEU A 1 59  ? 12.112  0.667   6.730   1.00 20.37 ? 59  LEU A O     1 
ATOM   397  C  CB    . LEU A 1 59  ? 12.921  -0.227  10.000  1.00 19.86 ? 59  LEU A CB    1 
ATOM   398  C  CG    . LEU A 1 59  ? 11.598  0.318   10.541  1.00 21.63 ? 59  LEU A CG    1 
ATOM   399  C  CD1   . LEU A 1 59  ? 10.426  -0.305  9.790   1.00 19.66 ? 59  LEU A CD1   1 
ATOM   400  C  CD2   . LEU A 1 59  ? 11.493  -0.009  12.027  1.00 19.59 ? 59  LEU A CD2   1 
ATOM   401  N  N     . ALA A 1 60  ? 12.402  -1.471  7.374   1.00 18.17 ? 60  ALA A N     1 
ATOM   402  C  CA    . ALA A 1 60  ? 11.598  -2.010  6.297   1.00 18.15 ? 60  ALA A CA    1 
ATOM   403  C  C     . ALA A 1 60  ? 10.325  -2.674  6.812   1.00 15.96 ? 60  ALA A C     1 
ATOM   404  O  O     . ALA A 1 60  ? 10.326  -3.847  7.164   1.00 14.96 ? 60  ALA A O     1 
ATOM   405  C  CB    . ALA A 1 60  ? 12.428  -3.013  5.487   1.00 19.46 ? 60  ALA A CB    1 
ATOM   406  N  N     . PRO A 1 61  ? 9.219   -1.922  6.870   1.00 14.56 ? 61  PRO A N     1 
ATOM   407  C  CA    . PRO A 1 61  ? 7.967   -2.507  7.348   1.00 14.18 ? 61  PRO A CA    1 
ATOM   408  C  C     . PRO A 1 61  ? 7.382   -3.468  6.319   1.00 14.55 ? 61  PRO A C     1 
ATOM   409  O  O     . PRO A 1 61  ? 7.762   -3.453  5.142   1.00 14.95 ? 61  PRO A O     1 
ATOM   410  C  CB    . PRO A 1 61  ? 7.082   -1.285  7.561   1.00 14.76 ? 61  PRO A CB    1 
ATOM   411  C  CG    . PRO A 1 61  ? 7.531   -0.372  6.458   1.00 15.47 ? 61  PRO A CG    1 
ATOM   412  C  CD    . PRO A 1 61  ? 9.041   -0.498  6.534   1.00 14.17 ? 61  PRO A CD    1 
ATOM   413  N  N     . LEU A 1 62  ? 6.457   -4.306  6.775   1.00 14.04 ? 62  LEU A N     1 
ATOM   414  C  CA    . LEU A 1 62  ? 5.793   -5.272  5.918   1.00 12.39 ? 62  LEU A CA    1 
ATOM   415  C  C     . LEU A 1 62  ? 4.622   -4.556  5.250   1.00 12.28 ? 62  LEU A C     1 
ATOM   416  O  O     . LEU A 1 62  ? 3.709   -4.075  5.920   1.00 12.62 ? 62  LEU A O     1 
ATOM   417  C  CB    . LEU A 1 62  ? 5.286   -6.443  6.763   1.00 13.88 ? 62  LEU A CB    1 
ATOM   418  C  CG    . LEU A 1 62  ? 5.011   -7.770  6.051   1.00 17.74 ? 62  LEU A CG    1 
ATOM   419  C  CD1   . LEU A 1 62  ? 6.313   -8.319  5.458   1.00 15.24 ? 62  LEU A CD1   1 
ATOM   420  C  CD2   . LEU A 1 62  ? 4.419   -8.767  7.047   1.00 17.20 ? 62  LEU A CD2   1 
ATOM   421  N  N     . GLU A 1 63  ? 4.657   -4.474  3.929   1.00 10.93 ? 63  GLU A N     1 
ATOM   422  C  CA    . GLU A 1 63  ? 3.609   -3.807  3.168   1.00 10.33 ? 63  GLU A CA    1 
ATOM   423  C  C     . GLU A 1 63  ? 3.045   -4.782  2.154   1.00 10.65 ? 63  GLU A C     1 
ATOM   424  O  O     . GLU A 1 63  ? 3.390   -5.956  2.155   1.00 10.49 ? 63  GLU A O     1 
ATOM   425  C  CB    . GLU A 1 63  ? 4.197   -2.610  2.408   1.00 11.49 ? 63  GLU A CB    1 
ATOM   426  C  CG    . GLU A 1 63  ? 4.904   -1.580  3.278   1.00 14.35 ? 63  GLU A CG    1 
ATOM   427  C  CD    . GLU A 1 63  ? 5.574   -0.479  2.463   1.00 15.04 ? 63  GLU A CD    1 
ATOM   428  O  OE1   . GLU A 1 63  ? 4.942   0.047   1.521   1.00 13.61 ? 63  GLU A OE1   1 
ATOM   429  O  OE2   . GLU A 1 63  ? 6.733   -0.132  2.777   1.00 17.18 ? 63  GLU A OE2   1 
ATOM   430  N  N     . ILE A 1 64  ? 2.160   -4.287  1.299   1.00 9.69  ? 64  ILE A N     1 
ATOM   431  C  CA    . ILE A 1 64  ? 1.607   -5.086  0.214   1.00 10.52 ? 64  ILE A CA    1 
ATOM   432  C  C     . ILE A 1 64  ? 1.896   -4.242  -1.025  1.00 10.50 ? 64  ILE A C     1 
ATOM   433  O  O     . ILE A 1 64  ? 2.134   -3.039  -0.907  1.00 11.94 ? 64  ILE A O     1 
ATOM   434  C  CB    . ILE A 1 64  ? 0.081   -5.327  0.359   1.00 9.89  ? 64  ILE A CB    1 
ATOM   435  C  CG1   . ILE A 1 64  ? -0.641  -4.017  0.664   1.00 6.21  ? 64  ILE A CG1   1 
ATOM   436  C  CG2   . ILE A 1 64  ? -0.175  -6.390  1.428   1.00 8.18  ? 64  ILE A CG2   1 
ATOM   437  C  CD1   . ILE A 1 64  ? -2.163  -4.163  0.700   1.00 7.82  ? 64  ILE A CD1   1 
ATOM   438  N  N     . PRO A 1 65  ? 1.900   -4.852  -2.221  1.00 9.98  ? 65  PRO A N     1 
ATOM   439  C  CA    . PRO A 1 65  ? 2.181   -4.063  -3.424  1.00 9.26  ? 65  PRO A CA    1 
ATOM   440  C  C     . PRO A 1 65  ? 1.400   -2.747  -3.427  1.00 10.85 ? 65  PRO A C     1 
ATOM   441  O  O     . PRO A 1 65  ? 0.178   -2.741  -3.305  1.00 11.16 ? 65  PRO A O     1 
ATOM   442  C  CB    . PRO A 1 65  ? 1.775   -5.004  -4.553  1.00 8.52  ? 65  PRO A CB    1 
ATOM   443  C  CG    . PRO A 1 65  ? 2.122   -6.345  -3.996  1.00 6.91  ? 65  PRO A CG    1 
ATOM   444  C  CD    . PRO A 1 65  ? 1.601   -6.253  -2.568  1.00 8.23  ? 65  PRO A CD    1 
ATOM   445  N  N     . ALA A 1 66  ? 2.112   -1.633  -3.562  1.00 11.77 ? 66  ALA A N     1 
ATOM   446  C  CA    . ALA A 1 66  ? 1.460   -0.328  -3.547  1.00 13.63 ? 66  ALA A CA    1 
ATOM   447  C  C     . ALA A 1 66  ? 2.315   0.754   -4.197  1.00 13.05 ? 66  ALA A C     1 
ATOM   448  O  O     . ALA A 1 66  ? 3.509   0.561   -4.415  1.00 15.21 ? 66  ALA A O     1 
ATOM   449  C  CB    . ALA A 1 66  ? 1.130   0.061   -2.109  1.00 10.31 ? 66  ALA A CB    1 
ATOM   450  N  N     . GLY A 1 67  ? 1.697   1.893   -4.500  1.00 13.05 ? 67  GLY A N     1 
ATOM   451  C  CA    . GLY A 1 67  ? 2.427   2.982   -5.124  1.00 15.05 ? 67  GLY A CA    1 
ATOM   452  C  C     . GLY A 1 67  ? 1.576   4.187   -5.482  1.00 13.69 ? 67  GLY A C     1 
ATOM   453  O  O     . GLY A 1 67  ? 0.372   4.206   -5.248  1.00 15.75 ? 67  GLY A O     1 
ATOM   454  N  N     . LEU A 1 68  ? 2.213   5.198   -6.061  1.00 15.36 ? 68  LEU A N     1 
ATOM   455  C  CA    . LEU A 1 68  ? 1.525   6.423   -6.455  1.00 16.17 ? 68  LEU A CA    1 
ATOM   456  C  C     . LEU A 1 68  ? 0.844   6.319   -7.818  1.00 16.05 ? 68  LEU A C     1 
ATOM   457  O  O     . LEU A 1 68  ? 1.341   5.666   -8.739  1.00 14.15 ? 68  LEU A O     1 
ATOM   458  C  CB    . LEU A 1 68  ? 2.514   7.594   -6.471  1.00 16.98 ? 68  LEU A CB    1 
ATOM   459  C  CG    . LEU A 1 68  ? 2.800   8.410   -5.200  1.00 20.75 ? 68  LEU A CG    1 
ATOM   460  C  CD1   . LEU A 1 68  ? 2.895   7.518   -3.979  1.00 19.17 ? 68  LEU A CD1   1 
ATOM   461  C  CD2   . LEU A 1 68  ? 4.101   9.185   -5.399  1.00 18.39 ? 68  LEU A CD2   1 
ATOM   462  N  N     . ILE A 1 69  ? -0.309  6.966   -7.935  1.00 15.11 ? 69  ILE A N     1 
ATOM   463  C  CA    . ILE A 1 69  ? -1.051  6.975   -9.185  1.00 15.19 ? 69  ILE A CA    1 
ATOM   464  C  C     . ILE A 1 69  ? -0.378  8.019   -10.076 1.00 16.42 ? 69  ILE A C     1 
ATOM   465  O  O     . ILE A 1 69  ? -0.309  9.189   -9.722  1.00 16.11 ? 69  ILE A O     1 
ATOM   466  C  CB    . ILE A 1 69  ? -2.522  7.364   -8.937  1.00 15.10 ? 69  ILE A CB    1 
ATOM   467  C  CG1   . ILE A 1 69  ? -3.185  6.309   -8.040  1.00 14.51 ? 69  ILE A CG1   1 
ATOM   468  C  CG2   . ILE A 1 69  ? -3.250  7.533   -10.260 1.00 13.68 ? 69  ILE A CG2   1 
ATOM   469  C  CD1   . ILE A 1 69  ? -4.644  6.577   -7.714  1.00 13.71 ? 69  ILE A CD1   1 
ATOM   470  N  N     . GLU A 1 70  ? 0.130   7.588   -11.225 1.00 17.31 ? 70  GLU A N     1 
ATOM   471  C  CA    . GLU A 1 70  ? 0.811   8.481   -12.152 1.00 18.56 ? 70  GLU A CA    1 
ATOM   472  C  C     . GLU A 1 70  ? -0.165  9.341   -12.946 1.00 18.25 ? 70  GLU A C     1 
ATOM   473  O  O     . GLU A 1 70  ? -1.364  9.060   -12.999 1.00 17.81 ? 70  GLU A O     1 
ATOM   474  C  CB    . GLU A 1 70  ? 1.668   7.662   -13.117 1.00 21.36 ? 70  GLU A CB    1 
ATOM   475  C  CG    . GLU A 1 70  ? 2.745   6.822   -12.442 1.00 27.19 ? 70  GLU A CG    1 
ATOM   476  C  CD    . GLU A 1 70  ? 3.838   7.668   -11.826 1.00 30.33 ? 70  GLU A CD    1 
ATOM   477  O  OE1   . GLU A 1 70  ? 4.541   8.368   -12.585 1.00 33.47 ? 70  GLU A OE1   1 
ATOM   478  O  OE2   . GLU A 1 70  ? 3.995   7.635   -10.590 1.00 32.65 ? 70  GLU A OE2   1 
ATOM   479  N  N     . PRO A 1 71  ? 0.336   10.414  -13.574 1.00 18.45 ? 71  PRO A N     1 
ATOM   480  C  CA    . PRO A 1 71  ? -0.570  11.261  -14.351 1.00 18.19 ? 71  PRO A CA    1 
ATOM   481  C  C     . PRO A 1 71  ? -1.248  10.434  -15.437 1.00 19.56 ? 71  PRO A C     1 
ATOM   482  O  O     . PRO A 1 71  ? -0.614  9.586   -16.057 1.00 20.76 ? 71  PRO A O     1 
ATOM   483  C  CB    . PRO A 1 71  ? 0.362   12.322  -14.925 1.00 17.84 ? 71  PRO A CB    1 
ATOM   484  C  CG    . PRO A 1 71  ? 1.409   12.453  -13.858 1.00 17.27 ? 71  PRO A CG    1 
ATOM   485  C  CD    . PRO A 1 71  ? 1.683   11.007  -13.502 1.00 16.25 ? 71  PRO A CD    1 
ATOM   486  N  N     . GLY A 1 72  ? -2.542  10.653  -15.642 1.00 21.24 ? 72  GLY A N     1 
ATOM   487  C  CA    . GLY A 1 72  ? -3.248  9.914   -16.673 1.00 21.48 ? 72  GLY A CA    1 
ATOM   488  C  C     . GLY A 1 72  ? -3.946  8.623   -16.282 1.00 21.89 ? 72  GLY A C     1 
ATOM   489  O  O     . GLY A 1 72  ? -4.931  8.255   -16.921 1.00 23.56 ? 72  GLY A O     1 
ATOM   490  N  N     . GLU A 1 73  ? -3.464  7.921   -15.259 1.00 18.95 ? 73  GLU A N     1 
ATOM   491  C  CA    . GLU A 1 73  ? -4.112  6.671   -14.872 1.00 19.63 ? 73  GLU A CA    1 
ATOM   492  C  C     . GLU A 1 73  ? -5.089  6.807   -13.710 1.00 18.69 ? 73  GLU A C     1 
ATOM   493  O  O     . GLU A 1 73  ? -5.061  7.783   -12.953 1.00 15.92 ? 73  GLU A O     1 
ATOM   494  C  CB    . GLU A 1 73  ? -3.073  5.572   -14.549 1.00 19.89 ? 73  GLU A CB    1 
ATOM   495  C  CG    . GLU A 1 73  ? -1.819  6.037   -13.829 1.00 19.36 ? 73  GLU A CG    1 
ATOM   496  C  CD    . GLU A 1 73  ? -0.982  4.891   -13.236 1.00 17.21 ? 73  GLU A CD    1 
ATOM   497  O  OE1   . GLU A 1 73  ? -0.742  3.860   -13.908 1.00 14.61 ? 73  GLU A OE1   1 
ATOM   498  O  OE2   . GLU A 1 73  ? -0.542  5.043   -12.084 1.00 12.95 ? 73  GLU A OE2   1 
ATOM   499  N  N     . ASP A 1 74  ? -5.988  5.835   -13.598 1.00 17.32 ? 74  ASP A N     1 
ATOM   500  C  CA    . ASP A 1 74  ? -6.943  5.841   -12.506 1.00 17.08 ? 74  ASP A CA    1 
ATOM   501  C  C     . ASP A 1 74  ? -6.478  4.796   -11.492 1.00 15.57 ? 74  ASP A C     1 
ATOM   502  O  O     . ASP A 1 74  ? -5.486  4.106   -11.721 1.00 14.37 ? 74  ASP A O     1 
ATOM   503  C  CB    . ASP A 1 74  ? -8.365  5.548   -13.008 1.00 16.98 ? 74  ASP A CB    1 
ATOM   504  C  CG    . ASP A 1 74  ? -8.464  4.271   -13.808 1.00 17.61 ? 74  ASP A CG    1 
ATOM   505  O  OD1   . ASP A 1 74  ? -7.795  3.285   -13.447 1.00 18.82 ? 74  ASP A OD1   1 
ATOM   506  O  OD2   . ASP A 1 74  ? -9.238  4.248   -14.791 1.00 17.92 ? 74  ASP A OD2   1 
ATOM   507  N  N     . PRO A 1 75  ? -7.172  4.677   -10.351 1.00 15.20 ? 75  PRO A N     1 
ATOM   508  C  CA    . PRO A 1 75  ? -6.761  3.690   -9.344  1.00 14.49 ? 75  PRO A CA    1 
ATOM   509  C  C     . PRO A 1 75  ? -6.528  2.277   -9.884  1.00 15.04 ? 75  PRO A C     1 
ATOM   510  O  O     . PRO A 1 75  ? -5.489  1.663   -9.625  1.00 15.70 ? 75  PRO A O     1 
ATOM   511  C  CB    . PRO A 1 75  ? -7.901  3.746   -8.330  1.00 12.48 ? 75  PRO A CB    1 
ATOM   512  C  CG    . PRO A 1 75  ? -8.299  5.189   -8.380  1.00 15.50 ? 75  PRO A CG    1 
ATOM   513  C  CD    . PRO A 1 75  ? -8.303  5.489   -9.864  1.00 12.70 ? 75  PRO A CD    1 
ATOM   514  N  N     . LEU A 1 76  ? -7.499  1.768   -10.634 1.00 14.46 ? 76  LEU A N     1 
ATOM   515  C  CA    . LEU A 1 76  ? -7.413  0.427   -11.198 1.00 14.27 ? 76  LEU A CA    1 
ATOM   516  C  C     . LEU A 1 76  ? -6.155  0.183   -12.037 1.00 13.62 ? 76  LEU A C     1 
ATOM   517  O  O     . LEU A 1 76  ? -5.460  -0.822  -11.849 1.00 13.18 ? 76  LEU A O     1 
ATOM   518  C  CB    . LEU A 1 76  ? -8.649  0.142   -12.051 1.00 15.52 ? 76  LEU A CB    1 
ATOM   519  C  CG    . LEU A 1 76  ? -8.719  -1.259  -12.666 1.00 17.69 ? 76  LEU A CG    1 
ATOM   520  C  CD1   . LEU A 1 76  ? -8.791  -2.298  -11.562 1.00 15.94 ? 76  LEU A CD1   1 
ATOM   521  C  CD2   . LEU A 1 76  ? -9.937  -1.362  -13.570 1.00 19.16 ? 76  LEU A CD2   1 
ATOM   522  N  N     . GLU A 1 77  ? -5.873  1.094   -12.963 1.00 11.14 ? 77  GLU A N     1 
ATOM   523  C  CA    . GLU A 1 77  ? -4.712  0.972   -13.835 1.00 10.62 ? 77  GLU A CA    1 
ATOM   524  C  C     . GLU A 1 77  ? -3.422  1.049   -13.032 1.00 12.56 ? 77  GLU A C     1 
ATOM   525  O  O     . GLU A 1 77  ? -2.446  0.361   -13.339 1.00 12.42 ? 77  GLU A O     1 
ATOM   526  C  CB    . GLU A 1 77  ? -4.753  2.065   -14.911 1.00 10.49 ? 77  GLU A CB    1 
ATOM   527  C  CG    . GLU A 1 77  ? -5.970  1.924   -15.826 1.00 9.60  ? 77  GLU A CG    1 
ATOM   528  C  CD    . GLU A 1 77  ? -6.295  3.180   -16.612 1.00 11.89 ? 77  GLU A CD    1 
ATOM   529  O  OE1   . GLU A 1 77  ? -6.034  4.291   -16.097 1.00 10.82 ? 77  GLU A OE1   1 
ATOM   530  O  OE2   . GLU A 1 77  ? -6.833  3.051   -17.736 1.00 11.94 ? 77  GLU A OE2   1 
ATOM   531  N  N     . ALA A 1 78  ? -3.424  1.887   -11.999 1.00 12.71 ? 78  ALA A N     1 
ATOM   532  C  CA    . ALA A 1 78  ? -2.257  2.031   -11.142 1.00 12.74 ? 78  ALA A CA    1 
ATOM   533  C  C     . ALA A 1 78  ? -2.070  0.733   -10.363 1.00 12.18 ? 78  ALA A C     1 
ATOM   534  O  O     . ALA A 1 78  ? -0.952  0.250   -10.194 1.00 10.98 ? 78  ALA A O     1 
ATOM   535  C  CB    . ALA A 1 78  ? -2.451  3.197   -10.181 1.00 13.11 ? 78  ALA A CB    1 
ATOM   536  N  N     . ALA A 1 79  ? -3.174  0.169   -9.890  1.00 12.54 ? 79  ALA A N     1 
ATOM   537  C  CA    . ALA A 1 79  ? -3.114  -1.075  -9.137  1.00 14.09 ? 79  ALA A CA    1 
ATOM   538  C  C     . ALA A 1 79  ? -2.465  -2.159  -10.000 1.00 14.11 ? 79  ALA A C     1 
ATOM   539  O  O     . ALA A 1 79  ? -1.599  -2.907  -9.539  1.00 14.51 ? 79  ALA A O     1 
ATOM   540  C  CB    . ALA A 1 79  ? -4.521  -1.493  -8.711  1.00 11.93 ? 79  ALA A CB    1 
ATOM   541  N  N     . ARG A 1 80  ? -2.878  -2.224  -11.261 1.00 16.45 ? 80  ARG A N     1 
ATOM   542  C  CA    . ARG A 1 80  ? -2.339  -3.207  -12.198 1.00 17.10 ? 80  ARG A CA    1 
ATOM   543  C  C     . ARG A 1 80  ? -0.840  -3.009  -12.396 1.00 15.97 ? 80  ARG A C     1 
ATOM   544  O  O     . ARG A 1 80  ? -0.066  -3.961  -12.327 1.00 15.19 ? 80  ARG A O     1 
ATOM   545  C  CB    . ARG A 1 80  ? -3.033  -3.093  -13.557 1.00 18.68 ? 80  ARG A CB    1 
ATOM   546  C  CG    . ARG A 1 80  ? -2.471  -4.055  -14.605 1.00 22.73 ? 80  ARG A CG    1 
ATOM   547  C  CD    . ARG A 1 80  ? -2.489  -3.448  -16.003 1.00 25.16 ? 80  ARG A CD    1 
ATOM   548  N  NE    . ARG A 1 80  ? -1.607  -2.286  -16.091 1.00 27.91 ? 80  ARG A NE    1 
ATOM   549  C  CZ    . ARG A 1 80  ? -2.017  -1.047  -16.350 1.00 31.65 ? 80  ARG A CZ    1 
ATOM   550  N  NH1   . ARG A 1 80  ? -3.308  -0.783  -16.554 1.00 27.20 ? 80  ARG A NH1   1 
ATOM   551  N  NH2   . ARG A 1 80  ? -1.130  -0.063  -16.394 1.00 32.30 ? 80  ARG A NH2   1 
ATOM   552  N  N     . ARG A 1 81  ? -0.438  -1.769  -12.649 1.00 15.44 ? 81  ARG A N     1 
ATOM   553  C  CA    . ARG A 1 81  ? 0.969   -1.457  -12.869 1.00 14.74 ? 81  ARG A CA    1 
ATOM   554  C  C     . ARG A 1 81  ? 1.845   -1.823  -11.674 1.00 15.46 ? 81  ARG A C     1 
ATOM   555  O  O     . ARG A 1 81  ? 2.884   -2.472  -11.833 1.00 16.35 ? 81  ARG A O     1 
ATOM   556  C  CB    . ARG A 1 81  ? 1.135   0.028   -13.184 1.00 13.41 ? 81  ARG A CB    1 
ATOM   557  C  CG    . ARG A 1 81  ? 2.583   0.471   -13.324 1.00 12.58 ? 81  ARG A CG    1 
ATOM   558  C  CD    . ARG A 1 81  ? 2.654   1.920   -13.773 1.00 12.52 ? 81  ARG A CD    1 
ATOM   559  N  NE    . ARG A 1 81  ? 1.882   2.788   -12.893 1.00 14.12 ? 81  ARG A NE    1 
ATOM   560  C  CZ    . ARG A 1 81  ? 2.251   3.126   -11.662 1.00 16.61 ? 81  ARG A CZ    1 
ATOM   561  N  NH1   . ARG A 1 81  ? 3.396   2.676   -11.156 1.00 14.42 ? 81  ARG A NH1   1 
ATOM   562  N  NH2   . ARG A 1 81  ? 1.466   3.899   -10.926 1.00 13.93 ? 81  ARG A NH2   1 
ATOM   563  N  N     . GLU A 1 82  ? 1.428   -1.406  -10.481 1.00 14.37 ? 82  GLU A N     1 
ATOM   564  C  CA    . GLU A 1 82  ? 2.195   -1.687  -9.273  1.00 14.94 ? 82  GLU A CA    1 
ATOM   565  C  C     . GLU A 1 82  ? 2.387   -3.175  -9.032  1.00 13.27 ? 82  GLU A C     1 
ATOM   566  O  O     . GLU A 1 82  ? 3.467   -3.617  -8.640  1.00 10.60 ? 82  GLU A O     1 
ATOM   567  C  CB    . GLU A 1 82  ? 1.527   -1.041  -8.054  1.00 15.68 ? 82  GLU A CB    1 
ATOM   568  C  CG    . GLU A 1 82  ? 1.648   0.476   -8.036  1.00 18.27 ? 82  GLU A CG    1 
ATOM   569  C  CD    . GLU A 1 82  ? 3.095   0.948   -8.014  1.00 20.90 ? 82  GLU A CD    1 
ATOM   570  O  OE1   . GLU A 1 82  ? 3.331   2.170   -8.153  1.00 23.93 ? 82  GLU A OE1   1 
ATOM   571  O  OE2   . GLU A 1 82  ? 3.998   0.097   -7.857  1.00 20.25 ? 82  GLU A OE2   1 
ATOM   572  N  N     . LEU A 1 83  ? 1.335   -3.947  -9.273  1.00 14.64 ? 83  LEU A N     1 
ATOM   573  C  CA    . LEU A 1 83  ? 1.412   -5.383  -9.087  1.00 14.00 ? 83  LEU A CA    1 
ATOM   574  C  C     . LEU A 1 83  ? 2.449   -5.946  -10.047 1.00 14.96 ? 83  LEU A C     1 
ATOM   575  O  O     . LEU A 1 83  ? 3.268   -6.786  -9.674  1.00 14.32 ? 83  LEU A O     1 
ATOM   576  C  CB    . LEU A 1 83  ? 0.055   -6.028  -9.353  1.00 13.60 ? 83  LEU A CB    1 
ATOM   577  C  CG    . LEU A 1 83  ? -0.007  -7.538  -9.103  1.00 15.34 ? 83  LEU A CG    1 
ATOM   578  C  CD1   . LEU A 1 83  ? 0.339   -7.838  -7.645  1.00 12.42 ? 83  LEU A CD1   1 
ATOM   579  C  CD2   . LEU A 1 83  ? -1.394  -8.052  -9.449  1.00 13.59 ? 83  LEU A CD2   1 
ATOM   580  N  N     . ALA A 1 84  ? 2.420   -5.469  -11.287 1.00 13.93 ? 84  ALA A N     1 
ATOM   581  C  CA    . ALA A 1 84  ? 3.357   -5.949  -12.294 1.00 15.55 ? 84  ALA A CA    1 
ATOM   582  C  C     . ALA A 1 84  ? 4.798   -5.509  -12.022 1.00 15.21 ? 84  ALA A C     1 
ATOM   583  O  O     . ALA A 1 84  ? 5.709   -6.336  -12.000 1.00 14.89 ? 84  ALA A O     1 
ATOM   584  C  CB    . ALA A 1 84  ? 2.912   -5.487  -13.689 1.00 13.16 ? 84  ALA A CB    1 
ATOM   585  N  N     . GLU A 1 85  ? 5.001   -4.214  -11.802 1.00 14.33 ? 85  GLU A N     1 
ATOM   586  C  CA    . GLU A 1 85  ? 6.344   -3.697  -11.559 1.00 16.52 ? 85  GLU A CA    1 
ATOM   587  C  C     . GLU A 1 85  ? 7.005   -4.230  -10.292 1.00 16.84 ? 85  GLU A C     1 
ATOM   588  O  O     . GLU A 1 85  ? 8.187   -4.567  -10.306 1.00 16.74 ? 85  GLU A O     1 
ATOM   589  C  CB    . GLU A 1 85  ? 6.335   -2.160  -11.518 1.00 17.86 ? 85  GLU A CB    1 
ATOM   590  C  CG    . GLU A 1 85  ? 5.802   -1.501  -12.792 1.00 18.81 ? 85  GLU A CG    1 
ATOM   591  C  CD    . GLU A 1 85  ? 5.953   0.013   -12.790 1.00 22.00 ? 85  GLU A CD    1 
ATOM   592  O  OE1   . GLU A 1 85  ? 5.801   0.636   -11.713 1.00 21.32 ? 85  GLU A OE1   1 
ATOM   593  O  OE2   . GLU A 1 85  ? 6.206   0.586   -13.874 1.00 21.95 ? 85  GLU A OE2   1 
ATOM   594  N  N     . GLU A 1 86  ? 6.253   -4.323  -9.201  1.00 15.60 ? 86  GLU A N     1 
ATOM   595  C  CA    . GLU A 1 86  ? 6.840   -4.790  -7.948  1.00 15.97 ? 86  GLU A CA    1 
ATOM   596  C  C     . GLU A 1 86  ? 6.909   -6.303  -7.749  1.00 15.16 ? 86  GLU A C     1 
ATOM   597  O  O     . GLU A 1 86  ? 7.783   -6.786  -7.032  1.00 14.51 ? 86  GLU A O     1 
ATOM   598  C  CB    . GLU A 1 86  ? 6.122   -4.151  -6.750  1.00 15.84 ? 86  GLU A CB    1 
ATOM   599  C  CG    . GLU A 1 86  ? 6.069   -2.621  -6.795  1.00 16.60 ? 86  GLU A CG    1 
ATOM   600  C  CD    . GLU A 1 86  ? 5.704   -1.990  -5.453  1.00 18.76 ? 86  GLU A CD    1 
ATOM   601  O  OE1   . GLU A 1 86  ? 4.935   -2.606  -4.681  1.00 14.79 ? 86  GLU A OE1   1 
ATOM   602  O  OE2   . GLU A 1 86  ? 6.182   -0.866  -5.175  1.00 17.05 ? 86  GLU A OE2   1 
ATOM   603  N  N     . THR A 1 87  ? 6.017   -7.056  -8.384  1.00 13.96 ? 87  THR A N     1 
ATOM   604  C  CA    . THR A 1 87  ? 6.026   -8.503  -8.198  1.00 13.85 ? 87  THR A CA    1 
ATOM   605  C  C     . THR A 1 87  ? 6.051   -9.309  -9.492  1.00 14.63 ? 87  THR A C     1 
ATOM   606  O  O     . THR A 1 87  ? 6.166   -10.534 -9.459  1.00 15.85 ? 87  THR A O     1 
ATOM   607  C  CB    . THR A 1 87  ? 4.807   -8.961  -7.351  1.00 13.76 ? 87  THR A CB    1 
ATOM   608  O  OG1   . THR A 1 87  ? 3.608   -8.851  -8.126  1.00 13.12 ? 87  THR A OG1   1 
ATOM   609  C  CG2   . THR A 1 87  ? 4.672   -8.098  -6.107  1.00 10.35 ? 87  THR A CG2   1 
ATOM   610  N  N     . GLY A 1 88  ? 5.942   -8.626  -10.626 1.00 14.33 ? 88  GLY A N     1 
ATOM   611  C  CA    . GLY A 1 88  ? 5.964   -9.310  -11.908 1.00 13.70 ? 88  GLY A CA    1 
ATOM   612  C  C     . GLY A 1 88  ? 4.721   -10.135 -12.175 1.00 14.49 ? 88  GLY A C     1 
ATOM   613  O  O     . GLY A 1 88  ? 4.737   -11.034 -13.013 1.00 15.97 ? 88  GLY A O     1 
ATOM   614  N  N     . LEU A 1 89  ? 3.637   -9.822  -11.473 1.00 15.40 ? 89  LEU A N     1 
ATOM   615  C  CA    . LEU A 1 89  ? 2.384   -10.556 -11.625 1.00 14.77 ? 89  LEU A CA    1 
ATOM   616  C  C     . LEU A 1 89  ? 1.230   -9.689  -12.124 1.00 16.02 ? 89  LEU A C     1 
ATOM   617  O  O     . LEU A 1 89  ? 1.317   -8.461  -12.162 1.00 15.02 ? 89  LEU A O     1 
ATOM   618  C  CB    . LEU A 1 89  ? 1.976   -11.162 -10.281 1.00 13.11 ? 89  LEU A CB    1 
ATOM   619  C  CG    . LEU A 1 89  ? 3.021   -11.928 -9.468  1.00 14.86 ? 89  LEU A CG    1 
ATOM   620  C  CD1   . LEU A 1 89  ? 2.421   -12.306 -8.111  1.00 10.42 ? 89  LEU A CD1   1 
ATOM   621  C  CD2   . LEU A 1 89  ? 3.469   -13.170 -10.227 1.00 14.40 ? 89  LEU A CD2   1 
ATOM   622  N  N     . SER A 1 90  ? 0.142   -10.353 -12.500 1.00 16.92 ? 90  SER A N     1 
ATOM   623  C  CA    . SER A 1 90  ? -1.069  -9.679  -12.949 1.00 18.85 ? 90  SER A CA    1 
ATOM   624  C  C     . SER A 1 90  ? -2.201  -10.607 -12.549 1.00 18.11 ? 90  SER A C     1 
ATOM   625  O  O     . SER A 1 90  ? -1.974  -11.792 -12.323 1.00 18.22 ? 90  SER A O     1 
ATOM   626  C  CB    . SER A 1 90  ? -1.073  -9.489  -14.469 1.00 19.99 ? 90  SER A CB    1 
ATOM   627  O  OG    . SER A 1 90  ? -1.356  -10.706 -15.126 1.00 25.02 ? 90  SER A OG    1 
ATOM   628  N  N     . GLY A 1 91  ? -3.412  -10.073 -12.443 1.00 18.23 ? 91  GLY A N     1 
ATOM   629  C  CA    . GLY A 1 91  ? -4.550  -10.897 -12.075 1.00 18.31 ? 91  GLY A CA    1 
ATOM   630  C  C     . GLY A 1 91  ? -5.860  -10.156 -12.266 1.00 18.11 ? 91  GLY A C     1 
ATOM   631  O  O     . GLY A 1 91  ? -5.905  -9.118  -12.922 1.00 18.35 ? 91  GLY A O     1 
ATOM   632  N  N     . ASP A 1 92  ? -6.933  -10.695 -11.700 1.00 18.70 ? 92  ASP A N     1 
ATOM   633  C  CA    . ASP A 1 92  ? -8.237  -10.058 -11.801 1.00 20.79 ? 92  ASP A CA    1 
ATOM   634  C  C     . ASP A 1 92  ? -8.382  -9.149  -10.582 1.00 20.18 ? 92  ASP A C     1 
ATOM   635  O  O     . ASP A 1 92  ? -8.354  -9.610  -9.441  1.00 20.28 ? 92  ASP A O     1 
ATOM   636  C  CB    . ASP A 1 92  ? -9.343  -11.118 -11.835 1.00 21.14 ? 92  ASP A CB    1 
ATOM   637  C  CG    . ASP A 1 92  ? -9.176  -12.097 -12.995 1.00 23.08 ? 92  ASP A CG    1 
ATOM   638  O  OD1   . ASP A 1 92  ? -8.991  -11.631 -14.139 1.00 23.26 ? 92  ASP A OD1   1 
ATOM   639  O  OD2   . ASP A 1 92  ? -9.230  -13.325 -12.767 1.00 22.85 ? 92  ASP A OD2   1 
ATOM   640  N  N     . LEU A 1 93  ? -8.524  -7.853  -10.836 1.00 18.90 ? 93  LEU A N     1 
ATOM   641  C  CA    . LEU A 1 93  ? -8.631  -6.860  -9.773  1.00 18.09 ? 93  LEU A CA    1 
ATOM   642  C  C     . LEU A 1 93  ? -10.034 -6.351  -9.484  1.00 16.94 ? 93  LEU A C     1 
ATOM   643  O  O     . LEU A 1 93  ? -10.782 -6.013  -10.396 1.00 15.91 ? 93  LEU A O     1 
ATOM   644  C  CB    . LEU A 1 93  ? -7.732  -5.665  -10.096 1.00 18.18 ? 93  LEU A CB    1 
ATOM   645  C  CG    . LEU A 1 93  ? -6.217  -5.818  -9.934  1.00 20.37 ? 93  LEU A CG    1 
ATOM   646  C  CD1   . LEU A 1 93  ? -5.727  -7.097  -10.586 1.00 21.50 ? 93  LEU A CD1   1 
ATOM   647  C  CD2   . LEU A 1 93  ? -5.540  -4.604  -10.556 1.00 21.48 ? 93  LEU A CD2   1 
ATOM   648  N  N     . THR A 1 94  ? -10.366 -6.279  -8.198  1.00 15.91 ? 94  THR A N     1 
ATOM   649  C  CA    . THR A 1 94  ? -11.664 -5.790  -7.753  1.00 15.64 ? 94  THR A CA    1 
ATOM   650  C  C     . THR A 1 94  ? -11.457 -4.682  -6.715  1.00 15.02 ? 94  THR A C     1 
ATOM   651  O  O     . THR A 1 94  ? -10.703 -4.854  -5.753  1.00 14.78 ? 94  THR A O     1 
ATOM   652  C  CB    . THR A 1 94  ? -12.490 -6.924  -7.113  1.00 17.32 ? 94  THR A CB    1 
ATOM   653  O  OG1   . THR A 1 94  ? -12.564 -8.033  -8.017  1.00 20.26 ? 94  THR A OG1   1 
ATOM   654  C  CG2   . THR A 1 94  ? -13.903 -6.442  -6.799  1.00 18.50 ? 94  THR A CG2   1 
ATOM   655  N  N     . TYR A 1 95  ? -12.118 -3.546  -6.911  1.00 13.17 ? 95  TYR A N     1 
ATOM   656  C  CA    . TYR A 1 95  ? -11.994 -2.437  -5.967  1.00 15.31 ? 95  TYR A CA    1 
ATOM   657  C  C     . TYR A 1 95  ? -12.635 -2.811  -4.637  1.00 14.18 ? 95  TYR A C     1 
ATOM   658  O  O     . TYR A 1 95  ? -13.743 -3.336  -4.602  1.00 14.59 ? 95  TYR A O     1 
ATOM   659  C  CB    . TYR A 1 95  ? -12.665 -1.177  -6.514  1.00 16.67 ? 95  TYR A CB    1 
ATOM   660  C  CG    . TYR A 1 95  ? -12.674 -0.031  -5.526  1.00 19.05 ? 95  TYR A CG    1 
ATOM   661  C  CD1   . TYR A 1 95  ? -11.488 0.593   -5.138  1.00 18.62 ? 95  TYR A CD1   1 
ATOM   662  C  CD2   . TYR A 1 95  ? -13.872 0.421   -4.968  1.00 20.22 ? 95  TYR A CD2   1 
ATOM   663  C  CE1   . TYR A 1 95  ? -11.491 1.641   -4.215  1.00 18.75 ? 95  TYR A CE1   1 
ATOM   664  C  CE2   . TYR A 1 95  ? -13.888 1.468   -4.043  1.00 21.23 ? 95  TYR A CE2   1 
ATOM   665  C  CZ    . TYR A 1 95  ? -12.693 2.069   -3.671  1.00 20.53 ? 95  TYR A CZ    1 
ATOM   666  O  OH    . TYR A 1 95  ? -12.701 3.080   -2.741  1.00 22.98 ? 95  TYR A OH    1 
ATOM   667  N  N     . LEU A 1 96  ? -11.941 -2.535  -3.542  1.00 13.56 ? 96  LEU A N     1 
ATOM   668  C  CA    . LEU A 1 96  ? -12.463 -2.872  -2.223  1.00 12.98 ? 96  LEU A CA    1 
ATOM   669  C  C     . LEU A 1 96  ? -12.954 -1.667  -1.436  1.00 12.15 ? 96  LEU A C     1 
ATOM   670  O  O     . LEU A 1 96  ? -14.128 -1.583  -1.073  1.00 13.55 ? 96  LEU A O     1 
ATOM   671  C  CB    . LEU A 1 96  ? -11.392 -3.605  -1.411  1.00 14.61 ? 96  LEU A CB    1 
ATOM   672  C  CG    . LEU A 1 96  ? -10.978 -4.983  -1.933  1.00 15.94 ? 96  LEU A CG    1 
ATOM   673  C  CD1   . LEU A 1 96  ? -9.846  -5.533  -1.089  1.00 15.88 ? 96  LEU A CD1   1 
ATOM   674  C  CD2   . LEU A 1 96  ? -12.183 -5.921  -1.903  1.00 16.98 ? 96  LEU A CD2   1 
ATOM   675  N  N     . PHE A 1 97  ? -12.046 -0.733  -1.181  1.00 10.94 ? 97  PHE A N     1 
ATOM   676  C  CA    . PHE A 1 97  ? -12.353 0.460   -0.416  1.00 9.18  ? 97  PHE A CA    1 
ATOM   677  C  C     . PHE A 1 97  ? -11.149 1.388   -0.434  1.00 8.99  ? 97  PHE A C     1 
ATOM   678  O  O     . PHE A 1 97  ? -10.113 1.057   -1.005  1.00 7.43  ? 97  PHE A O     1 
ATOM   679  C  CB    . PHE A 1 97  ? -12.702 0.071   1.027   1.00 11.43 ? 97  PHE A CB    1 
ATOM   680  C  CG    . PHE A 1 97  ? -11.903 -1.096  1.553   1.00 9.94  ? 97  PHE A CG    1 
ATOM   681  C  CD1   . PHE A 1 97  ? -12.548 -2.240  2.019   1.00 10.38 ? 97  PHE A CD1   1 
ATOM   682  C  CD2   . PHE A 1 97  ? -10.511 -1.062  1.569   1.00 10.77 ? 97  PHE A CD2   1 
ATOM   683  C  CE1   . PHE A 1 97  ? -11.817 -3.335  2.490   1.00 8.23  ? 97  PHE A CE1   1 
ATOM   684  C  CE2   . PHE A 1 97  ? -9.773  -2.151  2.038   1.00 8.70  ? 97  PHE A CE2   1 
ATOM   685  C  CZ    . PHE A 1 97  ? -10.426 -3.285  2.497   1.00 7.51  ? 97  PHE A CZ    1 
ATOM   686  N  N     . SER A 1 98  ? -11.287 2.549   0.198   1.00 8.08  ? 98  SER A N     1 
ATOM   687  C  CA    . SER A 1 98  ? -10.205 3.521   0.246   1.00 8.05  ? 98  SER A CA    1 
ATOM   688  C  C     . SER A 1 98  ? -10.169 4.194   1.606   1.00 6.55  ? 98  SER A C     1 
ATOM   689  O  O     . SER A 1 98  ? -11.116 4.100   2.379   1.00 6.42  ? 98  SER A O     1 
ATOM   690  C  CB    . SER A 1 98  ? -10.401 4.582   -0.836  1.00 9.83  ? 98  SER A CB    1 
ATOM   691  O  OG    . SER A 1 98  ? -11.559 5.349   -0.564  1.00 15.68 ? 98  SER A OG    1 
ATOM   692  N  N     . TYR A 1 99  ? -9.066  4.873   1.897   1.00 6.43  ? 99  TYR A N     1 
ATOM   693  C  CA    . TYR A 1 99  ? -8.922  5.562   3.164   1.00 7.30  ? 99  TYR A CA    1 
ATOM   694  C  C     . TYR A 1 99  ? -7.862  6.649   3.075   1.00 7.92  ? 99  TYR A C     1 
ATOM   695  O  O     . TYR A 1 99  ? -6.945  6.558   2.263   1.00 6.93  ? 99  TYR A O     1 
ATOM   696  C  CB    . TYR A 1 99  ? -8.517  4.575   4.262   1.00 7.62  ? 99  TYR A CB    1 
ATOM   697  C  CG    . TYR A 1 99  ? -7.146  3.969   4.055   1.00 9.17  ? 99  TYR A CG    1 
ATOM   698  C  CD1   . TYR A 1 99  ? -6.973  2.830   3.259   1.00 9.06  ? 99  TYR A CD1   1 
ATOM   699  C  CD2   . TYR A 1 99  ? -6.012  4.549   4.632   1.00 8.62  ? 99  TYR A CD2   1 
ATOM   700  C  CE1   . TYR A 1 99  ? -5.709  2.284   3.045   1.00 7.12  ? 99  TYR A CE1   1 
ATOM   701  C  CE2   . TYR A 1 99  ? -4.742  4.014   4.424   1.00 9.20  ? 99  TYR A CE2   1 
ATOM   702  C  CZ    . TYR A 1 99  ? -4.597  2.880   3.627   1.00 10.74 ? 99  TYR A CZ    1 
ATOM   703  O  OH    . TYR A 1 99  ? -3.344  2.351   3.417   1.00 7.90  ? 99  TYR A OH    1 
ATOM   704  N  N     . PHE A 1 100 ? -8.002  7.680   3.902   1.00 7.22  ? 100 PHE A N     1 
ATOM   705  C  CA    . PHE A 1 100 ? -7.006  8.741   3.959   1.00 8.37  ? 100 PHE A CA    1 
ATOM   706  C  C     . PHE A 1 100 ? -6.013  8.256   5.015   1.00 8.23  ? 100 PHE A C     1 
ATOM   707  O  O     . PHE A 1 100 ? -6.405  7.939   6.143   1.00 5.76  ? 100 PHE A O     1 
ATOM   708  C  CB    . PHE A 1 100 ? -7.645  10.073  4.374   1.00 9.23  ? 100 PHE A CB    1 
ATOM   709  C  CG    . PHE A 1 100 ? -8.503  10.698  3.302   1.00 10.89 ? 100 PHE A CG    1 
ATOM   710  C  CD1   . PHE A 1 100 ? -9.889  10.607  3.358   1.00 13.27 ? 100 PHE A CD1   1 
ATOM   711  C  CD2   . PHE A 1 100 ? -7.920  11.372  2.230   1.00 11.23 ? 100 PHE A CD2   1 
ATOM   712  C  CE1   . PHE A 1 100 ? -10.691 11.180  2.357   1.00 12.84 ? 100 PHE A CE1   1 
ATOM   713  C  CE2   . PHE A 1 100 ? -8.704  11.949  1.226   1.00 11.28 ? 100 PHE A CE2   1 
ATOM   714  C  CZ    . PHE A 1 100 ? -10.095 11.852  1.289   1.00 12.33 ? 100 PHE A CZ    1 
ATOM   715  N  N     . VAL A 1 101 ? -4.736  8.180   4.646   1.00 7.85  ? 101 VAL A N     1 
ATOM   716  C  CA    . VAL A 1 101 ? -3.704  7.683   5.558   1.00 8.68  ? 101 VAL A CA    1 
ATOM   717  C  C     . VAL A 1 101 ? -3.561  8.409   6.893   1.00 10.04 ? 101 VAL A C     1 
ATOM   718  O  O     . VAL A 1 101 ? -3.247  7.792   7.911   1.00 10.92 ? 101 VAL A O     1 
ATOM   719  C  CB    . VAL A 1 101 ? -2.327  7.672   4.878   1.00 8.43  ? 101 VAL A CB    1 
ATOM   720  C  CG1   . VAL A 1 101 ? -2.420  6.952   3.539   1.00 7.29  ? 101 VAL A CG1   1 
ATOM   721  C  CG2   . VAL A 1 101 ? -1.819  9.101   4.709   1.00 6.66  ? 101 VAL A CG2   1 
ATOM   722  N  N     . SER A 1 102 ? -3.766  9.717   6.892   1.00 9.57  ? 102 SER A N     1 
ATOM   723  C  CA    . SER A 1 102 ? -3.654  10.497  8.120   1.00 11.03 ? 102 SER A CA    1 
ATOM   724  C  C     . SER A 1 102 ? -4.266  11.844  7.779   1.00 11.59 ? 102 SER A C     1 
ATOM   725  O  O     . SER A 1 102 ? -3.556  12.810  7.509   1.00 12.37 ? 102 SER A O     1 
ATOM   726  C  CB    . SER A 1 102 ? -2.183  10.657  8.526   1.00 9.38  ? 102 SER A CB    1 
ATOM   727  O  OG    . SER A 1 102 ? -2.072  11.204  9.835   1.00 11.66 ? 102 SER A OG    1 
ATOM   728  N  N     . PRO A 1 103 ? -5.608  11.914  7.785   1.00 12.51 ? 103 PRO A N     1 
ATOM   729  C  CA    . PRO A 1 103 ? -6.371  13.124  7.467   1.00 13.00 ? 103 PRO A CA    1 
ATOM   730  C  C     . PRO A 1 103 ? -6.062  14.339  8.328   1.00 13.00 ? 103 PRO A C     1 
ATOM   731  O  O     . PRO A 1 103 ? -6.443  15.458  7.989   1.00 15.27 ? 103 PRO A O     1 
ATOM   732  C  CB    . PRO A 1 103 ? -7.821  12.655  7.588   1.00 12.89 ? 103 PRO A CB    1 
ATOM   733  C  CG    . PRO A 1 103 ? -7.739  11.606  8.656   1.00 12.76 ? 103 PRO A CG    1 
ATOM   734  C  CD    . PRO A 1 103 ? -6.499  10.845  8.273   1.00 10.38 ? 103 PRO A CD    1 
ATOM   735  N  N     . GLY A 1 104 ? -5.363  14.125  9.433   1.00 12.75 ? 104 GLY A N     1 
ATOM   736  C  CA    . GLY A 1 104 ? -5.023  15.237  10.303  1.00 12.22 ? 104 GLY A CA    1 
ATOM   737  C  C     . GLY A 1 104 ? -3.955  16.161  9.735   1.00 12.30 ? 104 GLY A C     1 
ATOM   738  O  O     . GLY A 1 104 ? -3.844  17.312  10.163  1.00 11.26 ? 104 GLY A O     1 
ATOM   739  N  N     . PHE A 1 105 ? -3.162  15.685  8.779   1.00 11.67 ? 105 PHE A N     1 
ATOM   740  C  CA    . PHE A 1 105 ? -2.122  16.548  8.222   1.00 11.90 ? 105 PHE A CA    1 
ATOM   741  C  C     . PHE A 1 105 ? -1.874  16.373  6.730   1.00 13.10 ? 105 PHE A C     1 
ATOM   742  O  O     . PHE A 1 105 ? -1.323  17.268  6.086   1.00 13.57 ? 105 PHE A O     1 
ATOM   743  C  CB    . PHE A 1 105 ? -0.806  16.358  8.996   1.00 11.37 ? 105 PHE A CB    1 
ATOM   744  C  CG    . PHE A 1 105 ? 0.025   15.185  8.536   1.00 11.85 ? 105 PHE A CG    1 
ATOM   745  C  CD1   . PHE A 1 105 ? 0.972   15.338  7.524   1.00 13.33 ? 105 PHE A CD1   1 
ATOM   746  C  CD2   . PHE A 1 105 ? -0.122  13.934  9.124   1.00 13.12 ? 105 PHE A CD2   1 
ATOM   747  C  CE1   . PHE A 1 105 ? 1.762   14.262  7.110   1.00 11.79 ? 105 PHE A CE1   1 
ATOM   748  C  CE2   . PHE A 1 105 ? 0.663   12.848  8.717   1.00 11.89 ? 105 PHE A CE2   1 
ATOM   749  C  CZ    . PHE A 1 105 ? 1.604   13.016  7.709   1.00 13.26 ? 105 PHE A CZ    1 
ATOM   750  N  N     . THR A 1 106 ? -2.275  15.233  6.176   1.00 11.49 ? 106 THR A N     1 
ATOM   751  C  CA    . THR A 1 106 ? -2.062  14.989  4.759   1.00 11.06 ? 106 THR A CA    1 
ATOM   752  C  C     . THR A 1 106 ? -3.334  14.553  4.040   1.00 11.77 ? 106 THR A C     1 
ATOM   753  O  O     . THR A 1 106 ? -4.260  14.038  4.656   1.00 12.66 ? 106 THR A O     1 
ATOM   754  C  CB    . THR A 1 106 ? -0.952  13.933  4.538   1.00 11.23 ? 106 THR A CB    1 
ATOM   755  O  OG1   . THR A 1 106 ? -0.701  13.793  3.138   1.00 10.13 ? 106 THR A OG1   1 
ATOM   756  C  CG2   . THR A 1 106 ? -1.357  12.581  5.120   1.00 8.63  ? 106 THR A CG2   1 
ATOM   757  N  N     . ASP A 1 107 ? -3.377  14.777  2.733   1.00 12.29 ? 107 ASP A N     1 
ATOM   758  C  CA    . ASP A 1 107 ? -4.540  14.406  1.941   1.00 11.66 ? 107 ASP A CA    1 
ATOM   759  C  C     . ASP A 1 107 ? -4.317  13.118  1.156   1.00 10.10 ? 107 ASP A C     1 
ATOM   760  O  O     . ASP A 1 107 ? -5.120  12.773  0.298   1.00 9.34  ? 107 ASP A O     1 
ATOM   761  C  CB    . ASP A 1 107 ? -4.914  15.535  0.971   1.00 13.33 ? 107 ASP A CB    1 
ATOM   762  C  CG    . ASP A 1 107 ? -3.831  15.811  -0.059  1.00 15.60 ? 107 ASP A CG    1 
ATOM   763  O  OD1   . ASP A 1 107 ? -4.054  16.672  -0.931  1.00 18.51 ? 107 ASP A OD1   1 
ATOM   764  O  OD2   . ASP A 1 107 ? -2.756  15.176  -0.004  1.00 18.31 ? 107 ASP A OD2   1 
ATOM   765  N  N     . GLU A 1 108 ? -3.226  12.410  1.436   1.00 9.08  ? 108 GLU A N     1 
ATOM   766  C  CA    . GLU A 1 108 ? -2.977  11.164  0.722   1.00 9.45  ? 108 GLU A CA    1 
ATOM   767  C  C     . GLU A 1 108 ? -4.153  10.217  0.926   1.00 10.20 ? 108 GLU A C     1 
ATOM   768  O  O     . GLU A 1 108 ? -4.560  9.945   2.056   1.00 13.26 ? 108 GLU A O     1 
ATOM   769  C  CB    . GLU A 1 108 ? -1.685  10.483  1.196   1.00 8.14  ? 108 GLU A CB    1 
ATOM   770  C  CG    . GLU A 1 108 ? -1.496  9.091   0.566   1.00 9.98  ? 108 GLU A CG    1 
ATOM   771  C  CD    . GLU A 1 108 ? -0.175  8.420   0.916   1.00 9.68  ? 108 GLU A CD    1 
ATOM   772  O  OE1   . GLU A 1 108 ? 0.524   8.880   1.842   1.00 13.26 ? 108 GLU A OE1   1 
ATOM   773  O  OE2   . GLU A 1 108 ? 0.158   7.412   0.265   1.00 10.43 ? 108 GLU A OE2   1 
ATOM   774  N  N     . LYS A 1 109 ? -4.706  9.741   -0.183  1.00 9.55  ? 109 LYS A N     1 
ATOM   775  C  CA    . LYS A 1 109 ? -5.829  8.816   -0.166  1.00 9.96  ? 109 LYS A CA    1 
ATOM   776  C  C     . LYS A 1 109 ? -5.355  7.541   -0.854  1.00 10.75 ? 109 LYS A C     1 
ATOM   777  O  O     . LYS A 1 109 ? -4.748  7.598   -1.929  1.00 10.62 ? 109 LYS A O     1 
ATOM   778  C  CB    . LYS A 1 109 ? -7.021  9.416   -0.920  1.00 9.07  ? 109 LYS A CB    1 
ATOM   779  C  CG    . LYS A 1 109 ? -8.295  8.578   -0.849  1.00 11.27 ? 109 LYS A CG    1 
ATOM   780  C  CD    . LYS A 1 109 ? -9.498  9.315   -1.427  1.00 11.80 ? 109 LYS A CD    1 
ATOM   781  C  CE    . LYS A 1 109 ? -10.784 8.509   -1.233  1.00 14.61 ? 109 LYS A CE    1 
ATOM   782  N  NZ    . LYS A 1 109 ? -11.972 9.162   -1.849  1.00 14.77 ? 109 LYS A NZ    1 
ATOM   783  N  N     . THR A 1 110 ? -5.622  6.398   -0.228  1.00 10.94 ? 110 THR A N     1 
ATOM   784  C  CA    . THR A 1 110 ? -5.201  5.102   -0.761  1.00 11.03 ? 110 THR A CA    1 
ATOM   785  C  C     . THR A 1 110 ? -6.386  4.242   -1.192  1.00 11.38 ? 110 THR A C     1 
ATOM   786  O  O     . THR A 1 110 ? -7.297  3.987   -0.399  1.00 11.10 ? 110 THR A O     1 
ATOM   787  C  CB    . THR A 1 110 ? -4.394  4.310   0.295   1.00 11.62 ? 110 THR A CB    1 
ATOM   788  O  OG1   . THR A 1 110 ? -3.283  5.096   0.735   1.00 13.51 ? 110 THR A OG1   1 
ATOM   789  C  CG2   . THR A 1 110 ? -3.872  3.008   -0.286  1.00 11.46 ? 110 THR A CG2   1 
ATOM   790  N  N     . HIS A 1 111 ? -6.372  3.805   -2.450  1.00 10.60 ? 111 HIS A N     1 
ATOM   791  C  CA    . HIS A 1 111 ? -7.431  2.948   -2.980  1.00 10.09 ? 111 HIS A CA    1 
ATOM   792  C  C     . HIS A 1 111 ? -6.935  1.501   -2.939  1.00 9.98  ? 111 HIS A C     1 
ATOM   793  O  O     . HIS A 1 111 ? -5.907  1.173   -3.537  1.00 7.77  ? 111 HIS A O     1 
ATOM   794  C  CB    . HIS A 1 111 ? -7.781  3.347   -4.417  1.00 9.23  ? 111 HIS A CB    1 
ATOM   795  C  CG    . HIS A 1 111 ? -8.261  4.758   -4.552  1.00 10.91 ? 111 HIS A CG    1 
ATOM   796  N  ND1   . HIS A 1 111 ? -7.405  5.838   -4.561  1.00 13.35 ? 111 HIS A ND1   1 
ATOM   797  C  CD2   . HIS A 1 111 ? -9.512  5.268   -4.637  1.00 9.19  ? 111 HIS A CD2   1 
ATOM   798  C  CE1   . HIS A 1 111 ? -8.109  6.955   -4.646  1.00 9.56  ? 111 HIS A CE1   1 
ATOM   799  N  NE2   . HIS A 1 111 ? -9.389  6.636   -4.692  1.00 10.07 ? 111 HIS A NE2   1 
ATOM   800  N  N     . VAL A 1 112 ? -7.673  0.645   -2.235  1.00 8.04  ? 112 VAL A N     1 
ATOM   801  C  CA    . VAL A 1 112 ? -7.296  -0.755  -2.076  1.00 9.62  ? 112 VAL A CA    1 
ATOM   802  C  C     . VAL A 1 112 ? -8.024  -1.713  -3.024  1.00 11.18 ? 112 VAL A C     1 
ATOM   803  O  O     . VAL A 1 112 ? -9.238  -1.622  -3.200  1.00 13.18 ? 112 VAL A O     1 
ATOM   804  C  CB    . VAL A 1 112 ? -7.538  -1.207  -0.622  1.00 10.44 ? 112 VAL A CB    1 
ATOM   805  C  CG1   . VAL A 1 112 ? -6.933  -2.589  -0.387  1.00 9.71  ? 112 VAL A CG1   1 
ATOM   806  C  CG2   . VAL A 1 112 ? -6.942  -0.188  0.339   1.00 9.76  ? 112 VAL A CG2   1 
ATOM   807  N  N     . PHE A 1 113 ? -7.272  -2.636  -3.622  1.00 9.76  ? 113 PHE A N     1 
ATOM   808  C  CA    . PHE A 1 113 ? -7.837  -3.608  -4.555  1.00 10.88 ? 113 PHE A CA    1 
ATOM   809  C  C     . PHE A 1 113 ? -7.530  -5.040  -4.144  1.00 11.99 ? 113 PHE A C     1 
ATOM   810  O  O     . PHE A 1 113 ? -6.585  -5.292  -3.406  1.00 14.10 ? 113 PHE A O     1 
ATOM   811  C  CB    . PHE A 1 113 ? -7.274  -3.393  -5.974  1.00 9.19  ? 113 PHE A CB    1 
ATOM   812  C  CG    . PHE A 1 113 ? -7.702  -2.098  -6.616  1.00 10.17 ? 113 PHE A CG    1 
ATOM   813  C  CD1   . PHE A 1 113 ? -7.150  -0.887  -6.212  1.00 8.19  ? 113 PHE A CD1   1 
ATOM   814  C  CD2   . PHE A 1 113 ? -8.677  -2.092  -7.612  1.00 6.71  ? 113 PHE A CD2   1 
ATOM   815  C  CE1   . PHE A 1 113 ? -7.568  0.317   -6.791  1.00 11.41 ? 113 PHE A CE1   1 
ATOM   816  C  CE2   . PHE A 1 113 ? -9.101  -0.901  -8.193  1.00 9.88  ? 113 PHE A CE2   1 
ATOM   817  C  CZ    . PHE A 1 113 ? -8.546  0.309   -7.783  1.00 9.28  ? 113 PHE A CZ    1 
ATOM   818  N  N     . LEU A 1 114 ? -8.342  -5.974  -4.630  1.00 12.49 ? 114 LEU A N     1 
ATOM   819  C  CA    . LEU A 1 114 ? -8.133  -7.390  -4.378  1.00 11.25 ? 114 LEU A CA    1 
ATOM   820  C  C     . LEU A 1 114 ? -7.687  -7.976  -5.713  1.00 12.12 ? 114 LEU A C     1 
ATOM   821  O  O     . LEU A 1 114 ? -8.275  -7.678  -6.754  1.00 11.47 ? 114 LEU A O     1 
ATOM   822  C  CB    . LEU A 1 114 ? -9.427  -8.080  -3.946  1.00 12.22 ? 114 LEU A CB    1 
ATOM   823  C  CG    . LEU A 1 114 ? -9.307  -9.604  -3.768  1.00 14.00 ? 114 LEU A CG    1 
ATOM   824  C  CD1   . LEU A 1 114 ? -8.556  -9.910  -2.479  1.00 13.29 ? 114 LEU A CD1   1 
ATOM   825  C  CD2   . LEU A 1 114 ? -10.688 -10.249 -3.735  1.00 13.83 ? 114 LEU A CD2   1 
ATOM   826  N  N     . ALA A 1 115 ? -6.637  -8.786  -5.693  1.00 9.35  ? 115 ALA A N     1 
ATOM   827  C  CA    . ALA A 1 115 ? -6.159  -9.411  -6.916  1.00 10.97 ? 115 ALA A CA    1 
ATOM   828  C  C     . ALA A 1 115 ? -6.371  -10.922 -6.799  1.00 12.66 ? 115 ALA A C     1 
ATOM   829  O  O     . ALA A 1 115 ? -6.095  -11.519 -5.757  1.00 11.00 ? 115 ALA A O     1 
ATOM   830  C  CB    . ALA A 1 115 ? -4.686  -9.097  -7.135  1.00 11.26 ? 115 ALA A CB    1 
ATOM   831  N  N     . GLU A 1 116 ? -6.879  -11.534 -7.859  1.00 13.46 ? 116 GLU A N     1 
ATOM   832  C  CA    . GLU A 1 116 ? -7.121  -12.973 -7.855  1.00 17.56 ? 116 GLU A CA    1 
ATOM   833  C  C     . GLU A 1 116 ? -6.613  -13.593 -9.152  1.00 19.02 ? 116 GLU A C     1 
ATOM   834  O  O     . GLU A 1 116 ? -6.310  -12.877 -10.111 1.00 20.71 ? 116 GLU A O     1 
ATOM   835  C  CB    . GLU A 1 116 ? -8.617  -13.250 -7.705  1.00 18.64 ? 116 GLU A CB    1 
ATOM   836  C  CG    . GLU A 1 116 ? -9.280  -12.499 -6.565  1.00 20.24 ? 116 GLU A CG    1 
ATOM   837  C  CD    . GLU A 1 116 ? -10.774 -12.759 -6.487  1.00 23.31 ? 116 GLU A CD    1 
ATOM   838  O  OE1   . GLU A 1 116 ? -11.174 -13.837 -5.998  1.00 24.08 ? 116 GLU A OE1   1 
ATOM   839  O  OE2   . GLU A 1 116 ? -11.553 -11.887 -6.926  1.00 24.92 ? 116 GLU A OE2   1 
ATOM   840  N  N     . ASN A 1 117 ? -6.517  -14.920 -9.178  1.00 19.53 ? 117 ASN A N     1 
ATOM   841  C  CA    . ASN A 1 117 ? -6.056  -15.629 -10.369 1.00 20.87 ? 117 ASN A CA    1 
ATOM   842  C  C     . ASN A 1 117 ? -4.749  -15.034 -10.883 1.00 21.49 ? 117 ASN A C     1 
ATOM   843  O  O     . ASN A 1 117 ? -4.635  -14.687 -12.058 1.00 21.82 ? 117 ASN A O     1 
ATOM   844  C  CB    . ASN A 1 117 ? -7.116  -15.536 -11.467 1.00 22.19 ? 117 ASN A CB    1 
ATOM   845  C  CG    . ASN A 1 117 ? -8.468  -16.049 -11.015 1.00 25.29 ? 117 ASN A CG    1 
ATOM   846  O  OD1   . ASN A 1 117 ? -9.502  -15.679 -11.572 1.00 28.43 ? 117 ASN A OD1   1 
ATOM   847  N  ND2   . ASN A 1 117 ? -8.470  -16.911 -10.007 1.00 26.56 ? 117 ASN A ND2   1 
ATOM   848  N  N     . LEU A 1 118 ? -3.765  -14.926 -9.998  1.00 21.76 ? 118 LEU A N     1 
ATOM   849  C  CA    . LEU A 1 118 ? -2.471  -14.362 -10.350 1.00 23.51 ? 118 LEU A CA    1 
ATOM   850  C  C     . LEU A 1 118 ? -1.699  -15.158 -11.403 1.00 24.67 ? 118 LEU A C     1 
ATOM   851  O  O     . LEU A 1 118 ? -1.574  -16.379 -11.313 1.00 25.29 ? 118 LEU A O     1 
ATOM   852  C  CB    . LEU A 1 118 ? -1.600  -14.235 -9.099  1.00 23.32 ? 118 LEU A CB    1 
ATOM   853  C  CG    . LEU A 1 118 ? -2.140  -13.412 -7.927  1.00 24.17 ? 118 LEU A CG    1 
ATOM   854  C  CD1   . LEU A 1 118 ? -1.239  -13.602 -6.708  1.00 23.60 ? 118 LEU A CD1   1 
ATOM   855  C  CD2   . LEU A 1 118 ? -2.212  -11.947 -8.322  1.00 21.84 ? 118 LEU A CD2   1 
ATOM   856  N  N     . LYS A 1 119 ? -1.191  -14.448 -12.402 1.00 26.08 ? 119 LYS A N     1 
ATOM   857  C  CA    . LYS A 1 119 ? -0.386  -15.040 -13.462 1.00 28.99 ? 119 LYS A CA    1 
ATOM   858  C  C     . LYS A 1 119 ? 0.916   -14.254 -13.477 1.00 29.52 ? 119 LYS A C     1 
ATOM   859  O  O     . LYS A 1 119 ? 0.921   -13.049 -13.231 1.00 28.71 ? 119 LYS A O     1 
ATOM   860  C  CB    . LYS A 1 119 ? -1.059  -14.908 -14.835 1.00 31.27 ? 119 LYS A CB    1 
ATOM   861  C  CG    . LYS A 1 119 ? -1.884  -16.115 -15.265 1.00 36.63 ? 119 LYS A CG    1 
ATOM   862  C  CD    . LYS A 1 119 ? -3.309  -16.037 -14.751 1.00 39.76 ? 119 LYS A CD    1 
ATOM   863  C  CE    . LYS A 1 119 ? -4.060  -14.889 -15.413 1.00 40.54 ? 119 LYS A CE    1 
ATOM   864  N  NZ    . LYS A 1 119 ? -5.384  -14.652 -14.781 1.00 41.79 ? 119 LYS A NZ    1 
ATOM   865  N  N     . GLU A 1 120 ? 2.018   -14.933 -13.761 1.00 29.93 ? 120 GLU A N     1 
ATOM   866  C  CA    . GLU A 1 120 ? 3.301   -14.260 -13.800 1.00 31.67 ? 120 GLU A CA    1 
ATOM   867  C  C     . GLU A 1 120 ? 3.514   -13.742 -15.217 1.00 32.68 ? 120 GLU A C     1 
ATOM   868  O  O     . GLU A 1 120 ? 3.388   -14.493 -16.177 1.00 32.92 ? 120 GLU A O     1 
ATOM   869  C  CB    . GLU A 1 120 ? 4.410   -15.235 -13.410 1.00 32.79 ? 120 GLU A CB    1 
ATOM   870  C  CG    . GLU A 1 120 ? 5.644   -14.564 -12.835 1.00 34.34 ? 120 GLU A CG    1 
ATOM   871  C  CD    . GLU A 1 120 ? 6.630   -15.563 -12.267 1.00 35.77 ? 120 GLU A CD    1 
ATOM   872  O  OE1   . GLU A 1 120 ? 7.547   -15.143 -11.535 1.00 33.04 ? 120 GLU A OE1   1 
ATOM   873  O  OE2   . GLU A 1 120 ? 6.485   -16.771 -12.556 1.00 39.00 ? 120 GLU A OE2   1 
ATOM   874  N  N     . VAL A 1 121 ? 3.822   -12.454 -15.348 1.00 33.50 ? 121 VAL A N     1 
ATOM   875  C  CA    . VAL A 1 121 ? 4.038   -11.863 -16.666 1.00 34.02 ? 121 VAL A CA    1 
ATOM   876  C  C     . VAL A 1 121 ? 5.480   -11.420 -16.887 1.00 35.70 ? 121 VAL A C     1 
ATOM   877  O  O     . VAL A 1 121 ? 5.895   -11.199 -18.024 1.00 35.98 ? 121 VAL A O     1 
ATOM   878  C  CB    . VAL A 1 121 ? 3.108   -10.650 -16.895 1.00 33.52 ? 121 VAL A CB    1 
ATOM   879  C  CG1   . VAL A 1 121 ? 1.659   -11.104 -16.916 1.00 33.87 ? 121 VAL A CG1   1 
ATOM   880  C  CG2   . VAL A 1 121 ? 3.320   -9.615  -15.802 1.00 33.14 ? 121 VAL A CG2   1 
ATOM   881  N  N     . GLU A 1 122 ? 6.240   -11.292 -15.802 1.00 37.22 ? 122 GLU A N     1 
ATOM   882  C  CA    . GLU A 1 122 ? 7.635   -10.874 -15.887 1.00 39.22 ? 122 GLU A CA    1 
ATOM   883  C  C     . GLU A 1 122 ? 8.494   -11.721 -14.953 1.00 39.37 ? 122 GLU A C     1 
ATOM   884  O  O     . GLU A 1 122 ? 9.055   -12.738 -15.360 1.00 39.95 ? 122 GLU A O     1 
ATOM   885  C  CB    . GLU A 1 122 ? 7.770   -9.399  -15.499 1.00 40.67 ? 122 GLU A CB    1 
ATOM   886  C  CG    . GLU A 1 122 ? 6.722   -8.493  -16.127 1.00 43.08 ? 122 GLU A CG    1 
ATOM   887  C  CD    . GLU A 1 122 ? 6.856   -7.043  -15.690 1.00 44.64 ? 122 GLU A CD    1 
ATOM   888  O  OE1   . GLU A 1 122 ? 6.007   -6.218  -16.095 1.00 45.00 ? 122 GLU A OE1   1 
ATOM   889  O  OE2   . GLU A 1 122 ? 7.810   -6.729  -14.945 1.00 44.37 ? 122 GLU A OE2   1 
ATOM   890  N  N     . ALA A 1 130 ? 15.866  -3.912  -4.691  1.00 26.73 ? 130 ALA A N     1 
ATOM   891  C  CA    . ALA A 1 130 ? 14.887  -2.828  -4.660  1.00 25.66 ? 130 ALA A CA    1 
ATOM   892  C  C     . ALA A 1 130 ? 13.682  -3.211  -3.798  1.00 24.42 ? 130 ALA A C     1 
ATOM   893  O  O     . ALA A 1 130 ? 13.551  -2.761  -2.659  1.00 23.74 ? 130 ALA A O     1 
ATOM   894  C  CB    . ALA A 1 130 ? 14.442  -2.502  -6.073  1.00 25.83 ? 130 ALA A CB    1 
ATOM   895  N  N     . ILE A 1 131 ? 12.792  -4.032  -4.345  1.00 23.23 ? 131 ILE A N     1 
ATOM   896  C  CA    . ILE A 1 131 ? 11.630  -4.468  -3.586  1.00 22.62 ? 131 ILE A CA    1 
ATOM   897  C  C     . ILE A 1 131 ? 11.722  -5.967  -3.335  1.00 21.37 ? 131 ILE A C     1 
ATOM   898  O  O     . ILE A 1 131 ? 11.968  -6.754  -4.248  1.00 21.11 ? 131 ILE A O     1 
ATOM   899  C  CB    . ILE A 1 131 ? 10.304  -4.151  -4.317  1.00 22.91 ? 131 ILE A CB    1 
ATOM   900  C  CG1   . ILE A 1 131 ? 9.129   -4.402  -3.372  1.00 24.62 ? 131 ILE A CG1   1 
ATOM   901  C  CG2   . ILE A 1 131 ? 10.151  -5.027  -5.548  1.00 25.53 ? 131 ILE A CG2   1 
ATOM   902  C  CD1   . ILE A 1 131 ? 7.827   -3.780  -3.816  1.00 23.27 ? 131 ILE A CD1   1 
ATOM   903  N  N     . GLU A 1 132 ? 11.538  -6.353  -2.080  1.00 18.86 ? 132 GLU A N     1 
ATOM   904  C  CA    . GLU A 1 132 ? 11.597  -7.750  -1.690  1.00 17.47 ? 132 GLU A CA    1 
ATOM   905  C  C     . GLU A 1 132 ? 10.184  -8.331  -1.669  1.00 16.68 ? 132 GLU A C     1 
ATOM   906  O  O     . GLU A 1 132 ? 9.302   -7.802  -0.991  1.00 16.73 ? 132 GLU A O     1 
ATOM   907  C  CB    . GLU A 1 132 ? 12.228  -7.868  -0.299  1.00 16.28 ? 132 GLU A CB    1 
ATOM   908  C  CG    . GLU A 1 132 ? 12.544  -9.292  0.144   1.00 15.67 ? 132 GLU A CG    1 
ATOM   909  C  CD    . GLU A 1 132 ? 12.715  -9.406  1.652   1.00 15.52 ? 132 GLU A CD    1 
ATOM   910  O  OE1   . GLU A 1 132 ? 12.959  -8.378  2.314   1.00 18.48 ? 132 GLU A OE1   1 
ATOM   911  O  OE2   . GLU A 1 132 ? 12.612  -10.525 2.181   1.00 18.09 ? 132 GLU A OE2   1 
ATOM   912  N  N     . VAL A 1 133 ? 9.966   -9.403  -2.425  1.00 15.18 ? 133 VAL A N     1 
ATOM   913  C  CA    . VAL A 1 133 ? 8.662   -10.059 -2.458  1.00 11.83 ? 133 VAL A CA    1 
ATOM   914  C  C     . VAL A 1 133 ? 8.650   -11.037 -1.290  1.00 12.02 ? 133 VAL A C     1 
ATOM   915  O  O     . VAL A 1 133 ? 9.511   -11.912 -1.192  1.00 11.08 ? 133 VAL A O     1 
ATOM   916  C  CB    . VAL A 1 133 ? 8.439   -10.816 -3.786  1.00 11.99 ? 133 VAL A CB    1 
ATOM   917  C  CG1   . VAL A 1 133 ? 7.106   -11.553 -3.761  1.00 9.42  ? 133 VAL A CG1   1 
ATOM   918  C  CG2   . VAL A 1 133 ? 8.458   -9.837  -4.937  1.00 11.02 ? 133 VAL A CG2   1 
ATOM   919  N  N     . VAL A 1 134 ? 7.672   -10.871 -0.406  1.00 12.10 ? 134 VAL A N     1 
ATOM   920  C  CA    . VAL A 1 134 ? 7.548   -11.690 0.794   1.00 11.80 ? 134 VAL A CA    1 
ATOM   921  C  C     . VAL A 1 134 ? 6.202   -12.416 0.890   1.00 13.47 ? 134 VAL A C     1 
ATOM   922  O  O     . VAL A 1 134 ? 5.240   -11.876 1.446   1.00 12.85 ? 134 VAL A O     1 
ATOM   923  C  CB    . VAL A 1 134 ? 7.709   -10.805 2.065   1.00 12.24 ? 134 VAL A CB    1 
ATOM   924  C  CG1   . VAL A 1 134 ? 7.639   -11.658 3.324   1.00 11.11 ? 134 VAL A CG1   1 
ATOM   925  C  CG2   . VAL A 1 134 ? 9.023   -10.021 2.000   1.00 12.53 ? 134 VAL A CG2   1 
ATOM   926  N  N     . TRP A 1 135 ? 6.126   -13.622 0.339   1.00 11.91 ? 135 TRP A N     1 
ATOM   927  C  CA    . TRP A 1 135 ? 4.893   -14.397 0.429   1.00 13.40 ? 135 TRP A CA    1 
ATOM   928  C  C     . TRP A 1 135 ? 4.819   -14.877 1.874   1.00 13.76 ? 135 TRP A C     1 
ATOM   929  O  O     . TRP A 1 135 ? 5.771   -15.472 2.374   1.00 14.26 ? 135 TRP A O     1 
ATOM   930  C  CB    . TRP A 1 135 ? 4.931   -15.614 -0.500  1.00 10.56 ? 135 TRP A CB    1 
ATOM   931  C  CG    . TRP A 1 135 ? 4.598   -15.325 -1.928  1.00 10.90 ? 135 TRP A CG    1 
ATOM   932  C  CD1   . TRP A 1 135 ? 5.463   -15.290 -2.978  1.00 10.56 ? 135 TRP A CD1   1 
ATOM   933  C  CD2   . TRP A 1 135 ? 3.294   -15.067 -2.470  1.00 9.54  ? 135 TRP A CD2   1 
ATOM   934  N  NE1   . TRP A 1 135 ? 4.781   -15.029 -4.143  1.00 11.74 ? 135 TRP A NE1   1 
ATOM   935  C  CE2   . TRP A 1 135 ? 3.450   -14.882 -3.857  1.00 9.59  ? 135 TRP A CE2   1 
ATOM   936  C  CE3   . TRP A 1 135 ? 2.011   -14.961 -1.912  1.00 8.68  ? 135 TRP A CE3   1 
ATOM   937  C  CZ2   . TRP A 1 135 ? 2.370   -14.615 -4.705  1.00 10.17 ? 135 TRP A CZ2   1 
ATOM   938  C  CZ3   . TRP A 1 135 ? 0.938   -14.693 -2.751  1.00 10.00 ? 135 TRP A CZ3   1 
ATOM   939  C  CH2   . TRP A 1 135 ? 1.126   -14.519 -4.133  1.00 9.99  ? 135 TRP A CH2   1 
ATOM   940  N  N     . MET A 1 136 ? 3.702   -14.627 2.545   1.00 14.21 ? 136 MET A N     1 
ATOM   941  C  CA    . MET A 1 136 ? 3.575   -15.048 3.935   1.00 14.04 ? 136 MET A CA    1 
ATOM   942  C  C     . MET A 1 136 ? 2.125   -15.186 4.372   1.00 14.38 ? 136 MET A C     1 
ATOM   943  O  O     . MET A 1 136 ? 1.274   -14.392 3.983   1.00 16.18 ? 136 MET A O     1 
ATOM   944  C  CB    . MET A 1 136 ? 4.285   -14.041 4.844   1.00 11.97 ? 136 MET A CB    1 
ATOM   945  C  CG    . MET A 1 136 ? 4.452   -14.495 6.288   1.00 12.90 ? 136 MET A CG    1 
ATOM   946  S  SD    . MET A 1 136 ? 5.164   -13.190 7.322   1.00 14.86 ? 136 MET A SD    1 
ATOM   947  C  CE    . MET A 1 136 ? 6.883   -13.240 6.778   1.00 15.56 ? 136 MET A CE    1 
ATOM   948  N  N     . ARG A 1 137 ? 1.848   -16.208 5.176   1.00 15.59 ? 137 ARG A N     1 
ATOM   949  C  CA    . ARG A 1 137 ? 0.502   -16.424 5.697   1.00 16.95 ? 137 ARG A CA    1 
ATOM   950  C  C     . ARG A 1 137 ? 0.167   -15.225 6.575   1.00 14.52 ? 137 ARG A C     1 
ATOM   951  O  O     . ARG A 1 137 ? 0.974   -14.824 7.407   1.00 14.25 ? 137 ARG A O     1 
ATOM   952  C  CB    . ARG A 1 137 ? 0.448   -17.698 6.549   1.00 19.50 ? 137 ARG A CB    1 
ATOM   953  C  CG    . ARG A 1 137 ? 0.699   -18.989 5.789   1.00 23.37 ? 137 ARG A CG    1 
ATOM   954  C  CD    . ARG A 1 137 ? 0.557   -20.192 6.714   1.00 27.60 ? 137 ARG A CD    1 
ATOM   955  N  NE    . ARG A 1 137 ? -0.732  -20.180 7.405   1.00 32.64 ? 137 ARG A NE    1 
ATOM   956  C  CZ    . ARG A 1 137 ? -0.877  -20.205 8.727   1.00 34.69 ? 137 ARG A CZ    1 
ATOM   957  N  NH1   . ARG A 1 137 ? 0.191   -20.247 9.517   1.00 34.60 ? 137 ARG A NH1   1 
ATOM   958  N  NH2   . ARG A 1 137 ? -2.092  -20.173 9.261   1.00 36.45 ? 137 ARG A NH2   1 
ATOM   959  N  N     . PRO A 1 138 ? -1.027  -14.638 6.400   1.00 14.78 ? 138 PRO A N     1 
ATOM   960  C  CA    . PRO A 1 138 ? -1.432  -13.479 7.201   1.00 15.05 ? 138 PRO A CA    1 
ATOM   961  C  C     . PRO A 1 138 ? -1.369  -13.767 8.696   1.00 15.66 ? 138 PRO A C     1 
ATOM   962  O  O     . PRO A 1 138 ? -1.072  -12.876 9.497   1.00 14.91 ? 138 PRO A O     1 
ATOM   963  C  CB    . PRO A 1 138 ? -2.860  -13.212 6.730   1.00 13.59 ? 138 PRO A CB    1 
ATOM   964  C  CG    . PRO A 1 138 ? -2.858  -13.724 5.321   1.00 16.02 ? 138 PRO A CG    1 
ATOM   965  C  CD    . PRO A 1 138 ? -2.084  -15.008 5.444   1.00 14.84 ? 138 PRO A CD    1 
ATOM   966  N  N     . GLU A 1 139 ? -1.657  -15.006 9.080   1.00 15.91 ? 139 GLU A N     1 
ATOM   967  C  CA    . GLU A 1 139 ? -1.610  -15.361 10.493  1.00 16.23 ? 139 GLU A CA    1 
ATOM   968  C  C     . GLU A 1 139 ? -0.179  -15.229 10.982  1.00 16.79 ? 139 GLU A C     1 
ATOM   969  O  O     . GLU A 1 139 ? 0.069   -14.843 12.124  1.00 15.33 ? 139 GLU A O     1 
ATOM   970  C  CB    . GLU A 1 139 ? -2.091  -16.800 10.725  1.00 16.28 ? 139 GLU A CB    1 
ATOM   971  C  CG    . GLU A 1 139 ? -3.551  -17.056 10.366  1.00 14.93 ? 139 GLU A CG    1 
ATOM   972  C  CD    . GLU A 1 139 ? -3.740  -17.416 8.904   1.00 15.69 ? 139 GLU A CD    1 
ATOM   973  O  OE1   . GLU A 1 139 ? -2.798  -17.217 8.109   1.00 15.43 ? 139 GLU A OE1   1 
ATOM   974  O  OE2   . GLU A 1 139 ? -4.837  -17.892 8.546   1.00 13.88 ? 139 GLU A OE2   1 
ATOM   975  N  N     . GLU A 1 140 ? 0.765   -15.543 10.105  1.00 16.49 ? 140 GLU A N     1 
ATOM   976  C  CA    . GLU A 1 140 ? 2.164   -15.476 10.465  1.00 19.11 ? 140 GLU A CA    1 
ATOM   977  C  C     . GLU A 1 140 ? 2.684   -14.044 10.545  1.00 17.27 ? 140 GLU A C     1 
ATOM   978  O  O     . GLU A 1 140 ? 3.534   -13.739 11.375  1.00 16.17 ? 140 GLU A O     1 
ATOM   979  C  CB    . GLU A 1 140 ? 3.005   -16.272 9.467   1.00 24.38 ? 140 GLU A CB    1 
ATOM   980  C  CG    . GLU A 1 140 ? 4.328   -16.712 10.034  1.00 32.48 ? 140 GLU A CG    1 
ATOM   981  C  CD    . GLU A 1 140 ? 4.152   -17.334 11.401  1.00 37.94 ? 140 GLU A CD    1 
ATOM   982  O  OE1   . GLU A 1 140 ? 3.292   -18.230 11.513  1.00 41.28 ? 140 GLU A OE1   1 
ATOM   983  O  OE2   . GLU A 1 140 ? 4.858   -16.923 12.354  1.00 40.44 ? 140 GLU A OE2   1 
ATOM   984  N  N     . ALA A 1 141 ? 2.192   -13.171 9.673   1.00 15.54 ? 141 ALA A N     1 
ATOM   985  C  CA    . ALA A 1 141 ? 2.625   -11.781 9.684   1.00 13.65 ? 141 ALA A CA    1 
ATOM   986  C  C     . ALA A 1 141 ? 2.134   -11.177 10.988  1.00 13.30 ? 141 ALA A C     1 
ATOM   987  O  O     . ALA A 1 141 ? 2.860   -10.465 11.681  1.00 10.97 ? 141 ALA A O     1 
ATOM   988  C  CB    . ALA A 1 141 ? 2.029   -11.017 8.496   1.00 12.44 ? 141 ALA A CB    1 
ATOM   989  N  N     . LEU A 1 142 ? 0.889   -11.485 11.327  1.00 13.71 ? 142 LEU A N     1 
ATOM   990  C  CA    . LEU A 1 142 ? 0.282   -10.974 12.548  1.00 16.85 ? 142 LEU A CA    1 
ATOM   991  C  C     . LEU A 1 142 ? 1.051   -11.415 13.798  1.00 17.62 ? 142 LEU A C     1 
ATOM   992  O  O     . LEU A 1 142 ? 1.396   -10.594 14.645  1.00 16.57 ? 142 LEU A O     1 
ATOM   993  C  CB    . LEU A 1 142 ? -1.176  -11.427 12.652  1.00 15.92 ? 142 LEU A CB    1 
ATOM   994  C  CG    . LEU A 1 142 ? -1.937  -10.957 13.889  1.00 17.48 ? 142 LEU A CG    1 
ATOM   995  C  CD1   . LEU A 1 142 ? -1.978  -9.438  13.930  1.00 17.20 ? 142 LEU A CD1   1 
ATOM   996  C  CD2   . LEU A 1 142 ? -3.335  -11.538 13.850  1.00 18.04 ? 142 LEU A CD2   1 
ATOM   997  N  N     . GLU A 1 143 ? 1.322   -12.711 13.903  1.00 19.16 ? 143 GLU A N     1 
ATOM   998  C  CA    . GLU A 1 143 ? 2.057   -13.246 15.045  1.00 21.57 ? 143 GLU A CA    1 
ATOM   999  C  C     . GLU A 1 143 ? 3.452   -12.630 15.141  1.00 20.21 ? 143 GLU A C     1 
ATOM   1000 O  O     . GLU A 1 143 ? 3.891   -12.248 16.223  1.00 20.63 ? 143 GLU A O     1 
ATOM   1001 C  CB    . GLU A 1 143 ? 2.166   -14.774 14.950  1.00 24.07 ? 143 GLU A CB    1 
ATOM   1002 C  CG    . GLU A 1 143 ? 2.966   -15.405 16.080  1.00 31.10 ? 143 GLU A CG    1 
ATOM   1003 C  CD    . GLU A 1 143 ? 2.949   -16.921 16.031  1.00 34.53 ? 143 GLU A CD    1 
ATOM   1004 O  OE1   . GLU A 1 143 ? 1.845   -17.510 16.123  1.00 36.91 ? 143 GLU A OE1   1 
ATOM   1005 O  OE2   . GLU A 1 143 ? 4.037   -17.519 15.899  1.00 34.72 ? 143 GLU A OE2   1 
ATOM   1006 N  N     . ARG A 1 144 ? 4.146   -12.527 14.013  1.00 20.51 ? 144 ARG A N     1 
ATOM   1007 C  CA    . ARG A 1 144 ? 5.485   -11.943 14.017  1.00 20.61 ? 144 ARG A CA    1 
ATOM   1008 C  C     . ARG A 1 144 ? 5.454   -10.494 14.483  1.00 20.93 ? 144 ARG A C     1 
ATOM   1009 O  O     . ARG A 1 144 ? 6.379   -10.027 15.151  1.00 21.52 ? 144 ARG A O     1 
ATOM   1010 C  CB    . ARG A 1 144 ? 6.107   -11.973 12.627  1.00 22.30 ? 144 ARG A CB    1 
ATOM   1011 C  CG    . ARG A 1 144 ? 6.509   -13.331 12.096  1.00 23.58 ? 144 ARG A CG    1 
ATOM   1012 C  CD    . ARG A 1 144 ? 7.534   -13.098 11.006  1.00 24.22 ? 144 ARG A CD    1 
ATOM   1013 N  NE    . ARG A 1 144 ? 7.793   -14.255 10.162  1.00 26.77 ? 144 ARG A NE    1 
ATOM   1014 C  CZ    . ARG A 1 144 ? 8.843   -14.347 9.355   1.00 27.47 ? 144 ARG A CZ    1 
ATOM   1015 N  NH1   . ARG A 1 144 ? 9.721   -13.353 9.301   1.00 26.43 ? 144 ARG A NH1   1 
ATOM   1016 N  NH2   . ARG A 1 144 ? 9.005   -15.417 8.591   1.00 29.97 ? 144 ARG A NH2   1 
ATOM   1017 N  N     . HIS A 1 145 ? 4.400   -9.776  14.105  1.00 19.45 ? 145 HIS A N     1 
ATOM   1018 C  CA    . HIS A 1 145 ? 4.270   -8.384  14.497  1.00 18.04 ? 145 HIS A CA    1 
ATOM   1019 C  C     . HIS A 1 145 ? 4.007   -8.265  15.990  1.00 18.70 ? 145 HIS A C     1 
ATOM   1020 O  O     . HIS A 1 145 ? 4.594   -7.415  16.664  1.00 17.61 ? 145 HIS A O     1 
ATOM   1021 C  CB    . HIS A 1 145 ? 3.133   -7.711  13.732  1.00 15.04 ? 145 HIS A CB    1 
ATOM   1022 C  CG    . HIS A 1 145 ? 2.902   -6.292  14.144  1.00 14.68 ? 145 HIS A CG    1 
ATOM   1023 N  ND1   . HIS A 1 145 ? 1.848   -5.912  14.944  1.00 14.06 ? 145 HIS A ND1   1 
ATOM   1024 C  CD2   . HIS A 1 145 ? 3.623   -5.170  13.909  1.00 11.15 ? 145 HIS A CD2   1 
ATOM   1025 C  CE1   . HIS A 1 145 ? 1.927   -4.614  15.185  1.00 12.38 ? 145 HIS A CE1   1 
ATOM   1026 N  NE2   . HIS A 1 145 ? 2.997   -4.143  14.569  1.00 14.93 ? 145 HIS A NE2   1 
ATOM   1027 N  N     . GLN A 1 146 ? 3.120   -9.115  16.498  1.00 18.77 ? 146 GLN A N     1 
ATOM   1028 C  CA    . GLN A 1 146 ? 2.774   -9.111  17.913  1.00 20.28 ? 146 GLN A CA    1 
ATOM   1029 C  C     . GLN A 1 146 ? 4.008   -9.402  18.764  1.00 21.43 ? 146 GLN A C     1 
ATOM   1030 O  O     . GLN A 1 146 ? 4.070   -9.021  19.933  1.00 19.90 ? 146 GLN A O     1 
ATOM   1031 C  CB    . GLN A 1 146 ? 1.687   -10.155 18.195  1.00 21.18 ? 146 GLN A CB    1 
ATOM   1032 C  CG    . GLN A 1 146 ? 0.290   -9.733  17.764  1.00 21.37 ? 146 GLN A CG    1 
ATOM   1033 C  CD    . GLN A 1 146 ? -0.687  -10.898 17.700  1.00 24.38 ? 146 GLN A CD    1 
ATOM   1034 O  OE1   . GLN A 1 146 ? -1.907  -10.708 17.697  1.00 22.43 ? 146 GLN A OE1   1 
ATOM   1035 N  NE2   . GLN A 1 146 ? -0.152  -12.113 17.635  1.00 23.17 ? 146 GLN A NE2   1 
ATOM   1036 N  N     . ARG A 1 147 ? 4.990   -10.068 18.165  1.00 22.76 ? 147 ARG A N     1 
ATOM   1037 C  CA    . ARG A 1 147 ? 6.222   -10.415 18.866  1.00 24.57 ? 147 ARG A CA    1 
ATOM   1038 C  C     . ARG A 1 147 ? 7.283   -9.331  18.747  1.00 23.78 ? 147 ARG A C     1 
ATOM   1039 O  O     . ARG A 1 147 ? 8.355   -9.440  19.336  1.00 22.78 ? 147 ARG A O     1 
ATOM   1040 C  CB    . ARG A 1 147 ? 6.778   -11.734 18.326  1.00 27.99 ? 147 ARG A CB    1 
ATOM   1041 C  CG    . ARG A 1 147 ? 5.917   -12.945 18.651  1.00 33.55 ? 147 ARG A CG    1 
ATOM   1042 C  CD    . ARG A 1 147 ? 6.473   -14.210 18.013  1.00 40.01 ? 147 ARG A CD    1 
ATOM   1043 N  NE    . ARG A 1 147 ? 7.847   -14.481 18.427  1.00 45.06 ? 147 ARG A NE    1 
ATOM   1044 C  CZ    . ARG A 1 147 ? 8.537   -15.560 18.070  1.00 47.24 ? 147 ARG A CZ    1 
ATOM   1045 N  NH1   . ARG A 1 147 ? 7.979   -16.475 17.288  1.00 50.19 ? 147 ARG A NH1   1 
ATOM   1046 N  NH2   . ARG A 1 147 ? 9.782   -15.728 18.493  1.00 48.37 ? 147 ARG A NH2   1 
ATOM   1047 N  N     . GLY A 1 148 ? 6.980   -8.285  17.984  1.00 23.83 ? 148 GLY A N     1 
ATOM   1048 C  CA    . GLY A 1 148 ? 7.925   -7.198  17.807  1.00 23.26 ? 148 GLY A CA    1 
ATOM   1049 C  C     . GLY A 1 148 ? 8.973   -7.551  16.776  1.00 24.61 ? 148 GLY A C     1 
ATOM   1050 O  O     . GLY A 1 148 ? 10.013  -6.902  16.680  1.00 25.64 ? 148 GLY A O     1 
ATOM   1051 N  N     . GLU A 1 149 ? 8.691   -8.584  15.992  1.00 25.40 ? 149 GLU A N     1 
ATOM   1052 C  CA    . GLU A 1 149 ? 9.617   -9.047  14.966  1.00 25.76 ? 149 GLU A CA    1 
ATOM   1053 C  C     . GLU A 1 149 ? 9.540   -8.186  13.705  1.00 24.71 ? 149 GLU A C     1 
ATOM   1054 O  O     . GLU A 1 149 ? 10.566  -7.872  13.107  1.00 26.01 ? 149 GLU A O     1 
ATOM   1055 C  CB    . GLU A 1 149 ? 9.315   -10.513 14.636  1.00 29.42 ? 149 GLU A CB    1 
ATOM   1056 C  CG    . GLU A 1 149 ? 10.486  -11.313 14.071  1.00 34.59 ? 149 GLU A CG    1 
ATOM   1057 C  CD    . GLU A 1 149 ? 10.644  -11.171 12.569  1.00 36.66 ? 149 GLU A CD    1 
ATOM   1058 O  OE1   . GLU A 1 149 ? 9.650   -11.397 11.850  1.00 38.50 ? 149 GLU A OE1   1 
ATOM   1059 O  OE2   . GLU A 1 149 ? 11.760  -10.848 12.105  1.00 38.62 ? 149 GLU A OE2   1 
ATOM   1060 N  N     . VAL A 1 150 ? 8.332   -7.802  13.299  1.00 22.11 ? 150 VAL A N     1 
ATOM   1061 C  CA    . VAL A 1 150 ? 8.164   -6.972  12.105  1.00 20.50 ? 150 VAL A CA    1 
ATOM   1062 C  C     . VAL A 1 150 ? 7.180   -5.820  12.325  1.00 18.25 ? 150 VAL A C     1 
ATOM   1063 O  O     . VAL A 1 150 ? 6.266   -5.918  13.138  1.00 16.71 ? 150 VAL A O     1 
ATOM   1064 C  CB    . VAL A 1 150 ? 7.647   -7.801  10.893  1.00 19.75 ? 150 VAL A CB    1 
ATOM   1065 C  CG1   . VAL A 1 150 ? 8.568   -8.973  10.621  1.00 23.85 ? 150 VAL A CG1   1 
ATOM   1066 C  CG2   . VAL A 1 150 ? 6.238   -8.292  11.159  1.00 20.62 ? 150 VAL A CG2   1 
ATOM   1067 N  N     . GLU A 1 151 ? 7.382   -4.731  11.592  1.00 16.90 ? 151 GLU A N     1 
ATOM   1068 C  CA    . GLU A 1 151 ? 6.506   -3.570  11.669  1.00 15.34 ? 151 GLU A CA    1 
ATOM   1069 C  C     . GLU A 1 151 ? 5.558   -3.612  10.473  1.00 14.06 ? 151 GLU A C     1 
ATOM   1070 O  O     . GLU A 1 151 ? 5.876   -4.210  9.447   1.00 14.67 ? 151 GLU A O     1 
ATOM   1071 C  CB    . GLU A 1 151 ? 7.324   -2.280  11.616  1.00 17.36 ? 151 GLU A CB    1 
ATOM   1072 C  CG    . GLU A 1 151 ? 8.348   -2.122  12.734  1.00 20.70 ? 151 GLU A CG    1 
ATOM   1073 C  CD    . GLU A 1 151 ? 7.736   -2.247  14.117  1.00 24.08 ? 151 GLU A CD    1 
ATOM   1074 O  OE1   . GLU A 1 151 ? 6.655   -1.666  14.358  1.00 23.28 ? 151 GLU A OE1   1 
ATOM   1075 O  OE2   . GLU A 1 151 ? 8.348   -2.925  14.970  1.00 27.46 ? 151 GLU A OE2   1 
ATOM   1076 N  N     . PHE A 1 152 ? 4.401   -2.975  10.612  1.00 10.96 ? 152 PHE A N     1 
ATOM   1077 C  CA    . PHE A 1 152 ? 3.396   -2.922  9.553   1.00 11.13 ? 152 PHE A CA    1 
ATOM   1078 C  C     . PHE A 1 152 ? 3.235   -1.514  9.003   1.00 11.13 ? 152 PHE A C     1 
ATOM   1079 O  O     . PHE A 1 152 ? 3.397   -0.534  9.724   1.00 11.73 ? 152 PHE A O     1 
ATOM   1080 C  CB    . PHE A 1 152 ? 2.013   -3.312  10.087  1.00 11.54 ? 152 PHE A CB    1 
ATOM   1081 C  CG    . PHE A 1 152 ? 1.752   -4.786  10.146  1.00 13.80 ? 152 PHE A CG    1 
ATOM   1082 C  CD1   . PHE A 1 152 ? 1.152   -5.339  11.273  1.00 12.68 ? 152 PHE A CD1   1 
ATOM   1083 C  CD2   . PHE A 1 152 ? 2.040   -5.615  9.065   1.00 14.93 ? 152 PHE A CD2   1 
ATOM   1084 C  CE1   . PHE A 1 152 ? 0.844   -6.694  11.327  1.00 12.20 ? 152 PHE A CE1   1 
ATOM   1085 C  CE2   . PHE A 1 152 ? 1.734   -6.975  9.112   1.00 15.21 ? 152 PHE A CE2   1 
ATOM   1086 C  CZ    . PHE A 1 152 ? 1.132   -7.513  10.246  1.00 13.55 ? 152 PHE A CZ    1 
ATOM   1087 N  N     . SER A 1 153 ? 2.909   -1.422  7.721   1.00 10.36 ? 153 SER A N     1 
ATOM   1088 C  CA    . SER A 1 153 ? 2.602   -0.137  7.114   1.00 9.65  ? 153 SER A CA    1 
ATOM   1089 C  C     . SER A 1 153 ? 1.079   -0.255  7.142   1.00 9.13  ? 153 SER A C     1 
ATOM   1090 O  O     . SER A 1 153 ? 0.548   -1.341  7.398   1.00 7.68  ? 153 SER A O     1 
ATOM   1091 C  CB    . SER A 1 153 ? 3.081   -0.055  5.659   1.00 11.19 ? 153 SER A CB    1 
ATOM   1092 O  OG    . SER A 1 153 ? 2.387   -0.980  4.838   1.00 13.14 ? 153 SER A OG    1 
ATOM   1093 N  N     . ALA A 1 154 ? 0.370   0.834   6.892   1.00 8.07  ? 154 ALA A N     1 
ATOM   1094 C  CA    . ALA A 1 154 ? -1.079  0.770   6.909   1.00 7.22  ? 154 ALA A CA    1 
ATOM   1095 C  C     . ALA A 1 154 ? -1.569  -0.256  5.881   1.00 7.65  ? 154 ALA A C     1 
ATOM   1096 O  O     . ALA A 1 154 ? -2.495  -1.019  6.155   1.00 7.44  ? 154 ALA A O     1 
ATOM   1097 C  CB    . ALA A 1 154 ? -1.676  2.154   6.619   1.00 4.75  ? 154 ALA A CB    1 
ATOM   1098 N  N     . THR A 1 155 ? -0.947  -0.288  4.706   1.00 6.97  ? 155 THR A N     1 
ATOM   1099 C  CA    . THR A 1 155 ? -1.374  -1.233  3.679   1.00 7.53  ? 155 THR A CA    1 
ATOM   1100 C  C     . THR A 1 155 ? -1.203  -2.685  4.137   1.00 6.71  ? 155 THR A C     1 
ATOM   1101 O  O     . THR A 1 155 ? -2.083  -3.514  3.923   1.00 7.17  ? 155 THR A O     1 
ATOM   1102 C  CB    . THR A 1 155 ? -0.618  -1.011  2.331   1.00 7.51  ? 155 THR A CB    1 
ATOM   1103 O  OG1   . THR A 1 155 ? 0.797   -1.120  2.536   1.00 8.57  ? 155 THR A OG1   1 
ATOM   1104 C  CG2   . THR A 1 155 ? -0.942  0.369   1.754   1.00 8.46  ? 155 THR A CG2   1 
ATOM   1105 N  N     . GLY A 1 156 ? -0.081  -2.988  4.781   1.00 6.52  ? 156 GLY A N     1 
ATOM   1106 C  CA    . GLY A 1 156 ? 0.147   -4.340  5.256   1.00 4.79  ? 156 GLY A CA    1 
ATOM   1107 C  C     . GLY A 1 156 ? -0.854  -4.770  6.313   1.00 6.13  ? 156 GLY A C     1 
ATOM   1108 O  O     . GLY A 1 156 ? -1.364  -5.894  6.278   1.00 5.90  ? 156 GLY A O     1 
ATOM   1109 N  N     . LEU A 1 157 ? -1.138  -3.883  7.262   1.00 6.64  ? 157 LEU A N     1 
ATOM   1110 C  CA    . LEU A 1 157 ? -2.089  -4.199  8.318   1.00 6.79  ? 157 LEU A CA    1 
ATOM   1111 C  C     . LEU A 1 157 ? -3.495  -4.346  7.730   1.00 8.38  ? 157 LEU A C     1 
ATOM   1112 O  O     . LEU A 1 157 ? -4.244  -5.245  8.104   1.00 6.59  ? 157 LEU A O     1 
ATOM   1113 C  CB    . LEU A 1 157 ? -2.081  -3.112  9.393   1.00 7.15  ? 157 LEU A CB    1 
ATOM   1114 C  CG    . LEU A 1 157 ? -3.082  -3.279  10.546  1.00 6.55  ? 157 LEU A CG    1 
ATOM   1115 C  CD1   . LEU A 1 157 ? -2.801  -4.552  11.304  1.00 4.65  ? 157 LEU A CD1   1 
ATOM   1116 C  CD2   . LEU A 1 157 ? -2.985  -2.090  11.472  1.00 3.36  ? 157 LEU A CD2   1 
ATOM   1117 N  N     . VAL A 1 158 ? -3.853  -3.458  6.807   1.00 8.08  ? 158 VAL A N     1 
ATOM   1118 C  CA    . VAL A 1 158 ? -5.165  -3.526  6.179   1.00 6.87  ? 158 VAL A CA    1 
ATOM   1119 C  C     . VAL A 1 158 ? -5.307  -4.870  5.464   1.00 8.02  ? 158 VAL A C     1 
ATOM   1120 O  O     . VAL A 1 158 ? -6.358  -5.508  5.528   1.00 6.36  ? 158 VAL A O     1 
ATOM   1121 C  CB    . VAL A 1 158 ? -5.360  -2.353  5.187   1.00 7.84  ? 158 VAL A CB    1 
ATOM   1122 C  CG1   . VAL A 1 158 ? -6.511  -2.647  4.210   1.00 3.54  ? 158 VAL A CG1   1 
ATOM   1123 C  CG2   . VAL A 1 158 ? -5.644  -1.066  5.979   1.00 3.13  ? 158 VAL A CG2   1 
ATOM   1124 N  N     . GLY A 1 159 ? -4.238  -5.307  4.803   1.00 8.74  ? 159 GLY A N     1 
ATOM   1125 C  CA    . GLY A 1 159 ? -4.278  -6.582  4.106   1.00 10.09 ? 159 GLY A CA    1 
ATOM   1126 C  C     . GLY A 1 159 ? -4.509  -7.738  5.064   1.00 10.21 ? 159 GLY A C     1 
ATOM   1127 O  O     . GLY A 1 159 ? -5.326  -8.622  4.805   1.00 10.58 ? 159 GLY A O     1 
ATOM   1128 N  N     . VAL A 1 160 ? -3.783  -7.722  6.178   1.00 9.82  ? 160 VAL A N     1 
ATOM   1129 C  CA    . VAL A 1 160 ? -3.889  -8.750  7.201   1.00 9.17  ? 160 VAL A CA    1 
ATOM   1130 C  C     . VAL A 1 160 ? -5.301  -8.797  7.785   1.00 10.10 ? 160 VAL A C     1 
ATOM   1131 O  O     . VAL A 1 160 ? -5.905  -9.868  7.877   1.00 9.64  ? 160 VAL A O     1 
ATOM   1132 C  CB    . VAL A 1 160 ? -2.864  -8.493  8.344   1.00 11.28 ? 160 VAL A CB    1 
ATOM   1133 C  CG1   . VAL A 1 160 ? -3.104  -9.453  9.507   1.00 9.26  ? 160 VAL A CG1   1 
ATOM   1134 C  CG2   . VAL A 1 160 ? -1.443  -8.665  7.810   1.00 8.62  ? 160 VAL A CG2   1 
ATOM   1135 N  N     . LEU A 1 161 ? -5.831  -7.636  8.166   1.00 7.11  ? 161 LEU A N     1 
ATOM   1136 C  CA    . LEU A 1 161 ? -7.164  -7.572  8.746   1.00 8.13  ? 161 LEU A CA    1 
ATOM   1137 C  C     . LEU A 1 161 ? -8.250  -7.960  7.739   1.00 9.51  ? 161 LEU A C     1 
ATOM   1138 O  O     . LEU A 1 161 ? -9.187  -8.681  8.084   1.00 9.89  ? 161 LEU A O     1 
ATOM   1139 C  CB    . LEU A 1 161 ? -7.434  -6.175  9.320   1.00 7.99  ? 161 LEU A CB    1 
ATOM   1140 C  CG    . LEU A 1 161 ? -6.533  -5.722  10.483  1.00 9.22  ? 161 LEU A CG    1 
ATOM   1141 C  CD1   . LEU A 1 161 ? -6.977  -4.353  10.976  1.00 7.49  ? 161 LEU A CD1   1 
ATOM   1142 C  CD2   . LEU A 1 161 ? -6.600  -6.727  11.633  1.00 10.88 ? 161 LEU A CD2   1 
ATOM   1143 N  N     . TYR A 1 162 ? -8.119  -7.494  6.499   1.00 9.96  ? 162 TYR A N     1 
ATOM   1144 C  CA    . TYR A 1 162 ? -9.087  -7.817  5.458   1.00 10.89 ? 162 TYR A CA    1 
ATOM   1145 C  C     . TYR A 1 162 ? -9.168  -9.334  5.262   1.00 12.74 ? 162 TYR A C     1 
ATOM   1146 O  O     . TYR A 1 162 ? -10.255 -9.898  5.106   1.00 11.45 ? 162 TYR A O     1 
ATOM   1147 C  CB    . TYR A 1 162 ? -8.700  -7.175  4.127   1.00 11.21 ? 162 TYR A CB    1 
ATOM   1148 C  CG    . TYR A 1 162 ? -9.701  -7.475  3.036   1.00 11.32 ? 162 TYR A CG    1 
ATOM   1149 C  CD1   . TYR A 1 162 ? -10.912 -6.789  2.968   1.00 12.36 ? 162 TYR A CD1   1 
ATOM   1150 C  CD2   . TYR A 1 162 ? -9.472  -8.497  2.116   1.00 11.63 ? 162 TYR A CD2   1 
ATOM   1151 C  CE1   . TYR A 1 162 ? -11.876 -7.116  2.011   1.00 13.30 ? 162 TYR A CE1   1 
ATOM   1152 C  CE2   . TYR A 1 162 ? -10.426 -8.832  1.160   1.00 12.78 ? 162 TYR A CE2   1 
ATOM   1153 C  CZ    . TYR A 1 162 ? -11.625 -8.138  1.113   1.00 12.85 ? 162 TYR A CZ    1 
ATOM   1154 O  OH    . TYR A 1 162 ? -12.573 -8.469  0.174   1.00 17.97 ? 162 TYR A OH    1 
ATOM   1155 N  N     . TYR A 1 163 ? -8.008  -9.981  5.253   1.00 11.78 ? 163 TYR A N     1 
ATOM   1156 C  CA    . TYR A 1 163 ? -7.942  -11.430 5.097   1.00 12.53 ? 163 TYR A CA    1 
ATOM   1157 C  C     . TYR A 1 163 ? -8.703  -12.129 6.221   1.00 12.44 ? 163 TYR A C     1 
ATOM   1158 O  O     . TYR A 1 163 ? -9.615  -12.911 5.974   1.00 12.31 ? 163 TYR A O     1 
ATOM   1159 C  CB    . TYR A 1 163 ? -6.488  -11.900 5.126   1.00 12.63 ? 163 TYR A CB    1 
ATOM   1160 C  CG    . TYR A 1 163 ? -6.332  -13.379 5.428   1.00 13.74 ? 163 TYR A CG    1 
ATOM   1161 C  CD1   . TYR A 1 163 ? -6.416  -14.334 4.418   1.00 13.85 ? 163 TYR A CD1   1 
ATOM   1162 C  CD2   . TYR A 1 163 ? -6.109  -13.818 6.730   1.00 12.41 ? 163 TYR A CD2   1 
ATOM   1163 C  CE1   . TYR A 1 163 ? -6.276  -15.690 4.700   1.00 13.19 ? 163 TYR A CE1   1 
ATOM   1164 C  CE2   . TYR A 1 163 ? -5.968  -15.166 7.022   1.00 12.75 ? 163 TYR A CE2   1 
ATOM   1165 C  CZ    . TYR A 1 163 ? -6.050  -16.097 6.007   1.00 14.04 ? 163 TYR A CZ    1 
ATOM   1166 O  OH    . TYR A 1 163 ? -5.898  -17.435 6.304   1.00 13.10 ? 163 TYR A OH    1 
ATOM   1167 N  N     . HIS A 1 164 ? -8.301  -11.850 7.456   1.00 14.05 ? 164 HIS A N     1 
ATOM   1168 C  CA    . HIS A 1 164 ? -8.920  -12.462 8.625   1.00 14.52 ? 164 HIS A CA    1 
ATOM   1169 C  C     . HIS A 1 164 ? -10.424 -12.268 8.649   1.00 15.12 ? 164 HIS A C     1 
ATOM   1170 O  O     . HIS A 1 164 ? -11.158 -13.109 9.166   1.00 15.43 ? 164 HIS A O     1 
ATOM   1171 C  CB    . HIS A 1 164 ? -8.300  -11.892 9.901   1.00 14.19 ? 164 HIS A CB    1 
ATOM   1172 C  CG    . HIS A 1 164 ? -6.953  -12.462 10.224  1.00 14.65 ? 164 HIS A CG    1 
ATOM   1173 N  ND1   . HIS A 1 164 ? -6.790  -13.667 10.876  1.00 14.48 ? 164 HIS A ND1   1 
ATOM   1174 C  CD2   . HIS A 1 164 ? -5.704  -11.997 9.978   1.00 13.35 ? 164 HIS A CD2   1 
ATOM   1175 C  CE1   . HIS A 1 164 ? -5.501  -13.917 11.020  1.00 13.68 ? 164 HIS A CE1   1 
ATOM   1176 N  NE2   . HIS A 1 164 ? -4.820  -12.919 10.483  1.00 15.44 ? 164 HIS A NE2   1 
ATOM   1177 N  N     . ALA A 1 165 ? -10.884 -11.165 8.075   1.00 15.81 ? 165 ALA A N     1 
ATOM   1178 C  CA    . ALA A 1 165 ? -12.307 -10.860 8.050   1.00 15.88 ? 165 ALA A CA    1 
ATOM   1179 C  C     . ALA A 1 165 ? -13.089 -11.499 6.906   1.00 17.24 ? 165 ALA A C     1 
ATOM   1180 O  O     . ALA A 1 165 ? -14.163 -12.060 7.129   1.00 16.64 ? 165 ALA A O     1 
ATOM   1181 C  CB    . ALA A 1 165 ? -12.507 -9.347  8.012   1.00 15.41 ? 165 ALA A CB    1 
ATOM   1182 N  N     . PHE A 1 166 ? -12.559 -11.435 5.688   1.00 16.26 ? 166 PHE A N     1 
ATOM   1183 C  CA    . PHE A 1 166 ? -13.307 -11.964 4.556   1.00 17.92 ? 166 PHE A CA    1 
ATOM   1184 C  C     . PHE A 1 166 ? -12.690 -13.031 3.662   1.00 18.02 ? 166 PHE A C     1 
ATOM   1185 O  O     . PHE A 1 166 ? -13.356 -13.481 2.733   1.00 17.97 ? 166 PHE A O     1 
ATOM   1186 C  CB    . PHE A 1 166 ? -13.740 -10.818 3.638   1.00 16.69 ? 166 PHE A CB    1 
ATOM   1187 C  CG    . PHE A 1 166 ? -14.323 -9.640  4.354   1.00 18.30 ? 166 PHE A CG    1 
ATOM   1188 C  CD1   . PHE A 1 166 ? -13.556 -8.495  4.567   1.00 17.80 ? 166 PHE A CD1   1 
ATOM   1189 C  CD2   . PHE A 1 166 ? -15.646 -9.651  4.782   1.00 18.77 ? 166 PHE A CD2   1 
ATOM   1190 C  CE1   . PHE A 1 166 ? -14.102 -7.375  5.192   1.00 18.42 ? 166 PHE A CE1   1 
ATOM   1191 C  CE2   . PHE A 1 166 ? -16.202 -8.534  5.410   1.00 19.93 ? 166 PHE A CE2   1 
ATOM   1192 C  CZ    . PHE A 1 166 ? -15.426 -7.392  5.613   1.00 18.77 ? 166 PHE A CZ    1 
ATOM   1193 N  N     . LEU A 1 167 ? -11.452 -13.448 3.906   1.00 16.04 ? 167 LEU A N     1 
ATOM   1194 C  CA    . LEU A 1 167 ? -10.851 -14.429 3.003   1.00 18.52 ? 167 LEU A CA    1 
ATOM   1195 C  C     . LEU A 1 167 ? -10.548 -15.812 3.577   1.00 20.89 ? 167 LEU A C     1 
ATOM   1196 O  O     . LEU A 1 167 ? -9.932  -16.642 2.909   1.00 20.21 ? 167 LEU A O     1 
ATOM   1197 C  CB    . LEU A 1 167 ? -9.576  -13.839 2.392   1.00 15.49 ? 167 LEU A CB    1 
ATOM   1198 C  CG    . LEU A 1 167 ? -9.721  -12.488 1.677   1.00 18.02 ? 167 LEU A CG    1 
ATOM   1199 C  CD1   . LEU A 1 167 ? -8.374  -12.075 1.090   1.00 13.06 ? 167 LEU A CD1   1 
ATOM   1200 C  CD2   . LEU A 1 167 ? -10.782 -12.588 0.571   1.00 16.50 ? 167 LEU A CD2   1 
ATOM   1201 N  N     . ARG A 1 168 ? -10.974 -16.071 4.805   1.00 25.00 ? 168 ARG A N     1 
ATOM   1202 C  CA    . ARG A 1 168 ? -10.715 -17.371 5.421   1.00 29.07 ? 168 ARG A CA    1 
ATOM   1203 C  C     . ARG A 1 168 ? -11.581 -18.473 4.820   1.00 30.73 ? 168 ARG A C     1 
ATOM   1204 O  O     . ARG A 1 168 ? -11.286 -19.659 4.971   1.00 31.10 ? 168 ARG A O     1 
ATOM   1205 C  CB    . ARG A 1 168 ? -10.945 -17.292 6.924   1.00 28.09 ? 168 ARG A CB    1 
ATOM   1206 C  CG    . ARG A 1 168 ? -9.817  -16.620 7.686   1.00 29.83 ? 168 ARG A CG    1 
ATOM   1207 C  CD    . ARG A 1 168 ? -10.355 -16.050 8.977   1.00 31.10 ? 168 ARG A CD    1 
ATOM   1208 N  NE    . ARG A 1 168 ? -9.418  -16.177 10.083  1.00 33.87 ? 168 ARG A NE    1 
ATOM   1209 C  CZ    . ARG A 1 168 ? -9.620  -15.642 11.282  1.00 35.03 ? 168 ARG A CZ    1 
ATOM   1210 N  NH1   . ARG A 1 168 ? -10.725 -14.944 11.518  1.00 33.84 ? 168 ARG A NH1   1 
ATOM   1211 N  NH2   . ARG A 1 168 ? -8.720  -15.806 12.243  1.00 37.00 ? 168 ARG A NH2   1 
ATOM   1212 N  N     . GLY A 1 169 ? -12.647 -18.071 4.135   1.00 32.97 ? 169 GLY A N     1 
ATOM   1213 C  CA    . GLY A 1 169 ? -13.537 -19.034 3.513   1.00 35.50 ? 169 GLY A CA    1 
ATOM   1214 C  C     . GLY A 1 169 ? -12.802 -20.065 2.676   1.00 37.42 ? 169 GLY A C     1 
ATOM   1215 O  O     . GLY A 1 169 ? -12.103 -19.727 1.716   1.00 38.44 ? 169 GLY A O     1 
HETATM 1216 MG MG    . MG  B 2 .   ? 5.220   4.901   -6.178  1.00 32.69 ? 301 MG  A MG    1 
HETATM 1217 P  P     . AMP C 3 .   ? 6.988   4.599   -4.273  1.00 70.33 ? 619 AMP A P     1 
HETATM 1218 O  O1P   . AMP C 3 .   ? 5.636   5.178   -3.814  1.00 69.76 ? 619 AMP A O1P   1 
HETATM 1219 O  O2P   . AMP C 3 .   ? 6.869   3.136   -4.442  1.00 70.19 ? 619 AMP A O2P   1 
HETATM 1220 O  O3P   . AMP C 3 .   ? 8.080   4.945   -3.245  1.00 69.83 ? 619 AMP A O3P   1 
HETATM 1221 O  "O5'" . AMP C 3 .   ? 7.415   5.288   -5.671  1.00 68.16 ? 619 AMP A "O5'" 1 
HETATM 1222 C  "C5'" . AMP C 3 .   ? 7.586   6.691   -5.763  1.00 64.62 ? 619 AMP A "C5'" 1 
HETATM 1223 C  "C4'" . AMP C 3 .   ? 8.859   7.090   -6.537  1.00 61.49 ? 619 AMP A "C4'" 1 
HETATM 1224 O  "O4'" . AMP C 3 .   ? 9.301   8.345   -6.018  1.00 59.39 ? 619 AMP A "O4'" 1 
HETATM 1225 C  "C3'" . AMP C 3 .   ? 10.000  6.087   -6.359  1.00 60.26 ? 619 AMP A "C3'" 1 
HETATM 1226 O  "O3'" . AMP C 3 .   ? 10.332  5.464   -7.569  1.00 60.96 ? 619 AMP A "O3'" 1 
HETATM 1227 C  "C2'" . AMP C 3 .   ? 11.156  6.873   -5.749  1.00 58.91 ? 619 AMP A "C2'" 1 
HETATM 1228 O  "O2'" . AMP C 3 .   ? 12.310  6.915   -6.582  1.00 58.69 ? 619 AMP A "O2'" 1 
HETATM 1229 C  "C1'" . AMP C 3 .   ? 10.591  8.286   -5.442  1.00 57.50 ? 619 AMP A "C1'" 1 
HETATM 1230 N  N9    . AMP C 3 .   ? 10.411  8.566   -3.964  1.00 54.74 ? 619 AMP A N9    1 
HETATM 1231 C  C8    . AMP C 3 .   ? 10.007  7.653   -3.016  1.00 53.95 ? 619 AMP A C8    1 
HETATM 1232 N  N7    . AMP C 3 .   ? 9.957   8.228   -1.790  1.00 53.24 ? 619 AMP A N7    1 
HETATM 1233 C  C5    . AMP C 3 .   ? 10.325  9.511   -1.925  1.00 51.95 ? 619 AMP A C5    1 
HETATM 1234 C  C6    . AMP C 3 .   ? 10.442  10.530  -0.965  1.00 49.73 ? 619 AMP A C6    1 
HETATM 1235 N  N6    . AMP C 3 .   ? 10.169  10.296  0.320   1.00 47.05 ? 619 AMP A N6    1 
HETATM 1236 N  N1    . AMP C 3 .   ? 10.855  11.796  -1.417  1.00 49.04 ? 619 AMP A N1    1 
HETATM 1237 C  C2    . AMP C 3 .   ? 11.141  12.048  -2.763  1.00 49.58 ? 619 AMP A C2    1 
HETATM 1238 N  N3    . AMP C 3 .   ? 11.026  11.026  -3.719  1.00 50.83 ? 619 AMP A N3    1 
HETATM 1239 C  C4    . AMP C 3 .   ? 10.618  9.767   -3.289  1.00 52.70 ? 619 AMP A C4    1 
HETATM 1240 O  O     . HOH D 4 .   ? -3.692  6.866   10.497  1.00 7.78  ? 620 HOH A O     1 
HETATM 1241 O  O     . HOH D 4 .   ? 4.590   -1.280  -0.727  1.00 8.40  ? 621 HOH A O     1 
HETATM 1242 O  O     . HOH D 4 .   ? -4.251  11.938  11.058  1.00 11.62 ? 622 HOH A O     1 
HETATM 1243 O  O     . HOH D 4 .   ? -4.701  11.310  4.625   1.00 14.31 ? 623 HOH A O     1 
HETATM 1244 O  O     . HOH D 4 .   ? -1.066  -8.485  -1.163  1.00 12.53 ? 624 HOH A O     1 
HETATM 1245 O  O     . HOH D 4 .   ? -6.649  18.131  8.412   1.00 7.55  ? 625 HOH A O     1 
HETATM 1246 O  O     . HOH D 4 .   ? 4.350   -1.254  12.919  1.00 14.41 ? 626 HOH A O     1 
HETATM 1247 O  O     . HOH D 4 .   ? -2.955  -18.824 5.789   1.00 22.19 ? 627 HOH A O     1 
HETATM 1248 O  O     . HOH D 4 .   ? 8.776   -1.893  3.170   1.00 11.82 ? 628 HOH A O     1 
HETATM 1249 O  O     . HOH D 4 .   ? -1.081  2.345   -16.088 1.00 11.55 ? 629 HOH A O     1 
HETATM 1250 O  O     . HOH D 4 .   ? 5.714   0.226   -2.652  1.00 12.47 ? 630 HOH A O     1 
HETATM 1251 O  O     . HOH D 4 .   ? 4.639   8.544   -0.071  1.00 16.24 ? 631 HOH A O     1 
HETATM 1252 O  O     . HOH D 4 .   ? -0.434  -6.608  -13.012 1.00 12.30 ? 632 HOH A O     1 
HETATM 1253 O  O     . HOH D 4 .   ? 2.438   0.698   1.746   1.00 12.94 ? 633 HOH A O     1 
HETATM 1254 O  O     . HOH D 4 .   ? -13.165 6.669   -2.246  1.00 27.90 ? 634 HOH A O     1 
HETATM 1255 O  O     . HOH D 4 .   ? -4.528  11.923  -2.245  1.00 14.11 ? 635 HOH A O     1 
HETATM 1256 O  O     . HOH D 4 .   ? -5.642  -18.987 -0.486  1.00 22.53 ? 636 HOH A O     1 
HETATM 1257 O  O     . HOH D 4 .   ? -10.187 1.766   -15.683 1.00 26.89 ? 637 HOH A O     1 
HETATM 1258 O  O     . HOH D 4 .   ? -0.632  5.072   1.067   1.00 17.53 ? 638 HOH A O     1 
HETATM 1259 O  O     . HOH D 4 .   ? 5.114   -3.956  -16.545 1.00 39.47 ? 639 HOH A O     1 
HETATM 1260 O  O     . HOH D 4 .   ? 11.848  -10.271 4.959   1.00 30.82 ? 640 HOH A O     1 
HETATM 1261 O  O     . HOH D 4 .   ? -15.369 3.327   -1.732  1.00 20.09 ? 641 HOH A O     1 
HETATM 1262 O  O     . HOH D 4 .   ? 1.143   1.809   3.945   1.00 17.26 ? 642 HOH A O     1 
HETATM 1263 O  O     . HOH D 4 .   ? 6.615   7.146   -1.628  1.00 25.62 ? 643 HOH A O     1 
HETATM 1264 O  O     . HOH D 4 .   ? 4.745   2.675   -2.372  1.00 20.39 ? 644 HOH A O     1 
HETATM 1265 O  O     . HOH D 4 .   ? -10.352 2.989   -11.080 1.00 23.48 ? 645 HOH A O     1 
HETATM 1266 O  O     . HOH D 4 .   ? 0.704   -4.387  -15.828 1.00 49.26 ? 646 HOH A O     1 
HETATM 1267 O  O     . HOH D 4 .   ? -4.013  -16.172 -7.357  1.00 30.39 ? 647 HOH A O     1 
HETATM 1268 O  O     . HOH D 4 .   ? -6.673  -12.957 -3.565  1.00 18.76 ? 648 HOH A O     1 
HETATM 1269 O  O     . HOH D 4 .   ? -13.471 -14.994 6.565   1.00 39.49 ? 649 HOH A O     1 
HETATM 1270 O  O     . HOH D 4 .   ? -8.927  4.502   -18.350 1.00 24.85 ? 650 HOH A O     1 
HETATM 1271 O  O     . HOH D 4 .   ? 5.806   1.575   -6.258  1.00 36.59 ? 651 HOH A O     1 
HETATM 1272 O  O     . HOH D 4 .   ? 6.863   -0.914  -16.171 1.00 25.75 ? 652 HOH A O     1 
HETATM 1273 O  O     . HOH D 4 .   ? -3.217  -7.148  -12.844 1.00 16.58 ? 653 HOH A O     1 
HETATM 1274 O  O     . HOH D 4 .   ? -10.648 -9.771  -7.817  1.00 18.37 ? 654 HOH A O     1 
HETATM 1275 O  O     . HOH D 4 .   ? -7.589  29.016  0.854   1.00 36.50 ? 655 HOH A O     1 
HETATM 1276 O  O     . HOH D 4 .   ? -6.624  -18.533 10.257  1.00 30.47 ? 656 HOH A O     1 
HETATM 1277 O  O     . HOH D 4 .   ? 9.436   -6.732  -12.907 1.00 29.49 ? 657 HOH A O     1 
HETATM 1278 O  O     . HOH D 4 .   ? -8.244  -6.646  -13.697 1.00 28.05 ? 658 HOH A O     1 
HETATM 1279 O  O     . HOH D 4 .   ? 10.461  5.430   0.349   1.00 25.92 ? 659 HOH A O     1 
HETATM 1280 O  O     . HOH D 4 .   ? -7.373  -16.071 -7.068  1.00 26.39 ? 660 HOH A O     1 
HETATM 1281 O  O     . HOH D 4 .   ? -5.260  -19.971 -4.239  1.00 33.32 ? 661 HOH A O     1 
HETATM 1282 O  O     . HOH D 4 .   ? -7.291  25.290  15.682  1.00 49.75 ? 662 HOH A O     1 
HETATM 1283 O  O     . HOH D 4 .   ? -7.162  6.636   -17.114 1.00 30.92 ? 663 HOH A O     1 
HETATM 1284 O  O     . HOH D 4 .   ? 9.619   -4.404  9.976   1.00 18.24 ? 664 HOH A O     1 
HETATM 1285 O  O     . HOH D 4 .   ? -12.593 8.419   -4.541  1.00 37.90 ? 665 HOH A O     1 
HETATM 1286 O  O     . HOH D 4 .   ? -11.180 -15.156 14.174  1.00 30.32 ? 666 HOH A O     1 
HETATM 1287 O  O     . HOH D 4 .   ? 12.008  -14.471 7.522   1.00 32.90 ? 667 HOH A O     1 
HETATM 1288 O  O     . HOH D 4 .   ? -8.718  0.949   -17.584 1.00 27.96 ? 668 HOH A O     1 
HETATM 1289 O  O     . HOH D 4 .   ? 14.041  -3.398  8.438   1.00 32.46 ? 669 HOH A O     1 
HETATM 1290 O  O     . HOH D 4 .   ? 3.173   -24.590 -0.673  1.00 36.44 ? 670 HOH A O     1 
HETATM 1291 O  O     . HOH D 4 .   ? -1.773  -15.078 14.201  1.00 25.64 ? 671 HOH A O     1 
HETATM 1292 O  O     . HOH D 4 .   ? 14.341  -5.602  2.736   1.00 39.36 ? 672 HOH A O     1 
HETATM 1293 O  O     . HOH D 4 .   ? -15.837 0.571   -1.588  1.00 29.36 ? 673 HOH A O     1 
HETATM 1294 O  O     . HOH D 4 .   ? 10.320  -5.084  14.684  1.00 34.62 ? 674 HOH A O     1 
# 
